data_5LGW
#
_entry.id   5LGW
#
_cell.length_a   115.110
_cell.length_b   115.110
_cell.length_c   311.360
_cell.angle_alpha   90.000
_cell.angle_beta   90.000
_cell.angle_gamma   90.000
#
_symmetry.space_group_name_H-M   'P 41 21 2'
#
loop_
_entity.id
_entity.type
_entity.pdbx_description
1 polymer 'Alpha-1,4-glucan:maltose-1-phosphate maltosyltransferase 1'
2 branched alpha-D-glucopyranose-(1-4)-alpha-D-glucopyranose-(1-4)-alpha-D-glucopyranose-(1-4)-alpha-D-glucopyranose-(1-4)-alpha-D-glucopyranose
3 branched alpha-D-glucopyranose-(1-4)-alpha-D-glucopyranose-(1-4)-alpha-D-glucopyranose-(1-4)-alpha-D-glucopyranose-(1-4)-alpha-D-glucopyranose-(1-6)-[alpha-D-glucopyranose-(1-4)-alpha-D-glucopyranose-(1-4)]alpha-D-glucopyranose-(1-4)-alpha-D-glucopyranose
4 branched alpha-D-glucopyranose-(1-4)-alpha-D-glucopyranose-(1-4)-alpha-D-glucopyranose-(1-4)-alpha-D-glucopyranose-(1-4)-alpha-D-glucopyranose-(1-6)-alpha-D-glucopyranose
5 branched alpha-D-glucopyranose-(1-4)-beta-D-glucopyranose
6 non-polymer 1,2-ETHANEDIOL
7 non-polymer 'CITRIC ACID'
8 water water
#
_entity_poly.entity_id   1
_entity_poly.type   'polypeptide(L)'
_entity_poly.pdbx_seq_one_letter_code
;MGSSHHHHHHSSGLVPRGSHMPATHHSSATSAERPTVVGRIPVLDVRPVVQRGRRPAKAVTGESFEVSATVFREGHDAVG
ANVVLRDPRGRPGPWTPMRELAPGTDRWGATVTAGETGTWSYTVEAWGDPVTTWRHHARIKIPAGLDTDLVLEEGARLYE
RAAADVPGREDRRELLAAVDALRDESRPAASRLAAALTPQVDAVLARHPLRDLVTSSDPLPLLVERERALYGAWYEFFPR
SEGTPHTPHGTFRTAARRLPAIAAMGFDVVYLPPIHPIGTTHRKGRNNTLSATGDDVGVPWAIGSPEGGHDSIHPALGTL
DDFDHFVTEAGKLGLEIALDFALQCSPDHPWVHKHPEWFHHRPDGTIAHAENPPKKYQDIYPIAFDADPDGLATETVRIL
RHWMDHGVRIFRVANPHTKPVAFWERVIADINGTDPDVIFLAEAFTRPAMMATLAQIGFQQSYTYFTWRNTKQELTEYLT
ELSGEAASYMRPNFFANTPDILHAYLQHGGRPAFEVRAVLAATLSPTWGIYSGYELCENTPLREGSEEYLDSEKYQLKPR
DWTRAAREGTTIAPLVTRLNTIRRENPALRQLRDLHFHPTDKEEVIAYSKRQGSNTVLVVVNLDPRHTQEATVSLDMPQL
GLDWHESVPVRDELTGETYHWGRANYVRLEPGRTPAHVCTVLRPSHPQIGGSHTT
;
_entity_poly.pdbx_strand_id   A,B
#
loop_
_chem_comp.id
_chem_comp.type
_chem_comp.name
_chem_comp.formula
BGC D-saccharide, beta linking beta-D-glucopyranose 'C6 H12 O6'
CIT non-polymer 'CITRIC ACID' 'C6 H8 O7'
EDO non-polymer 1,2-ETHANEDIOL 'C2 H6 O2'
GLC D-saccharide, alpha linking alpha-D-glucopyranose 'C6 H12 O6'
#
# COMPACT_ATOMS: atom_id res chain seq x y z
N PRO A 35 20.41 8.32 -16.55
CA PRO A 35 19.39 7.28 -16.80
C PRO A 35 18.04 7.61 -16.15
N THR A 36 16.97 7.04 -16.68
CA THR A 36 15.62 7.30 -16.20
C THR A 36 15.16 6.18 -15.28
N VAL A 37 14.30 6.51 -14.33
CA VAL A 37 13.70 5.52 -13.42
C VAL A 37 12.75 4.60 -14.20
N VAL A 38 11.98 5.17 -15.13
CA VAL A 38 11.02 4.39 -15.89
C VAL A 38 11.71 3.94 -17.19
N GLY A 39 11.48 2.69 -17.57
CA GLY A 39 12.06 2.12 -18.76
C GLY A 39 11.18 2.42 -19.98
N ARG A 40 11.53 1.81 -21.10
CA ARG A 40 10.85 2.12 -22.36
C ARG A 40 9.38 1.76 -22.32
N ILE A 41 9.08 0.57 -21.79
CA ILE A 41 7.73 0.16 -21.52
C ILE A 41 7.58 0.13 -20.00
N PRO A 42 6.75 1.03 -19.42
CA PRO A 42 6.57 1.06 -17.97
C PRO A 42 6.17 -0.27 -17.34
N VAL A 43 6.94 -0.68 -16.33
CA VAL A 43 6.62 -1.84 -15.52
C VAL A 43 6.86 -1.44 -14.06
N LEU A 44 5.79 -1.32 -13.29
CA LEU A 44 5.83 -0.65 -11.99
C LEU A 44 5.18 -1.50 -10.90
N ASP A 45 5.61 -1.27 -9.67
CA ASP A 45 4.96 -1.81 -8.47
C ASP A 45 4.79 -3.33 -8.57
N VAL A 46 5.91 -4.02 -8.80
CA VAL A 46 5.88 -5.47 -8.86
C VAL A 46 5.56 -6.02 -7.45
N ARG A 47 4.65 -6.97 -7.38
CA ARG A 47 4.29 -7.62 -6.13
C ARG A 47 4.34 -9.13 -6.33
N PRO A 48 4.59 -9.91 -5.26
CA PRO A 48 4.72 -9.43 -3.88
C PRO A 48 6.04 -8.71 -3.63
N VAL A 49 6.05 -7.85 -2.64
CA VAL A 49 7.25 -7.16 -2.19
C VAL A 49 7.19 -7.06 -0.68
N VAL A 50 8.35 -7.22 -0.04
CA VAL A 50 8.47 -7.15 1.41
C VAL A 50 9.55 -6.13 1.77
N GLN A 51 9.18 -5.14 2.61
CA GLN A 51 10.07 -4.05 3.03
C GLN A 51 10.82 -3.43 1.80
N ARG A 52 10.06 -3.17 0.75
CA ARG A 52 10.54 -2.52 -0.47
C ARG A 52 11.68 -3.32 -1.16
N GLY A 53 11.67 -4.64 -1.05
CA GLY A 53 12.69 -5.52 -1.66
C GLY A 53 13.88 -5.84 -0.78
N ARG A 54 13.91 -5.34 0.44
CA ARG A 54 15.03 -5.55 1.34
C ARG A 54 14.98 -6.90 2.08
N ARG A 55 13.80 -7.52 2.09
CA ARG A 55 13.64 -8.87 2.61
C ARG A 55 12.88 -9.71 1.55
N PRO A 56 13.07 -11.04 1.57
CA PRO A 56 12.40 -11.85 0.57
C PRO A 56 10.93 -12.11 0.84
N ALA A 57 10.15 -12.18 -0.23
CA ALA A 57 8.87 -12.86 -0.20
C ALA A 57 9.14 -14.36 -0.01
N LYS A 58 8.13 -15.06 0.45
CA LYS A 58 8.29 -16.47 0.85
C LYS A 58 7.39 -17.41 0.07
N ALA A 59 7.89 -18.63 -0.08
CA ALA A 59 7.09 -19.75 -0.55
C ALA A 59 7.70 -21.04 -0.04
N VAL A 60 7.03 -22.15 -0.29
CA VAL A 60 7.63 -23.45 -0.10
C VAL A 60 7.55 -24.23 -1.39
N THR A 61 8.36 -25.28 -1.48
CA THR A 61 8.39 -26.15 -2.65
C THR A 61 6.98 -26.60 -3.03
N GLY A 62 6.62 -26.42 -4.29
CA GLY A 62 5.32 -26.84 -4.81
C GLY A 62 4.21 -25.81 -4.61
N GLU A 63 4.49 -24.68 -3.98
CA GLU A 63 3.45 -23.70 -3.65
C GLU A 63 3.31 -22.71 -4.79
N SER A 64 2.08 -22.44 -5.22
CA SER A 64 1.78 -21.42 -6.23
C SER A 64 1.42 -20.11 -5.58
N PHE A 65 1.76 -19.01 -6.25
CA PHE A 65 1.28 -17.69 -5.88
C PHE A 65 1.34 -16.78 -7.10
N GLU A 66 0.76 -15.61 -6.98
CA GLU A 66 0.65 -14.68 -8.09
C GLU A 66 1.77 -13.63 -8.05
N VAL A 67 2.47 -13.45 -9.16
CA VAL A 67 3.31 -12.25 -9.37
C VAL A 67 2.53 -11.27 -10.22
N SER A 68 2.50 -10.00 -9.81
CA SER A 68 1.76 -8.99 -10.53
C SER A 68 2.54 -7.70 -10.72
N ALA A 69 2.05 -6.88 -11.62
CA ALA A 69 2.66 -5.59 -11.89
C ALA A 69 1.70 -4.70 -12.63
N THR A 70 2.04 -3.40 -12.63
CA THR A 70 1.31 -2.42 -13.41
C THR A 70 2.13 -2.21 -14.69
N VAL A 71 1.52 -2.52 -15.84
CA VAL A 71 2.21 -2.50 -17.12
C VAL A 71 1.32 -1.80 -18.13
N PHE A 72 1.90 -0.85 -18.86
CA PHE A 72 1.15 -0.07 -19.88
C PHE A 72 2.17 0.62 -20.75
N ARG A 73 1.73 1.23 -21.85
CA ARG A 73 2.64 2.04 -22.66
C ARG A 73 1.96 3.31 -23.12
N GLU A 74 2.74 4.15 -23.78
CA GLU A 74 2.25 5.37 -24.38
C GLU A 74 1.42 5.00 -25.61
N GLY A 75 0.47 5.87 -25.94
CA GLY A 75 -0.33 5.69 -27.15
C GLY A 75 -1.41 4.64 -26.92
N HIS A 76 -1.86 4.03 -27.99
CA HIS A 76 -3.03 3.14 -27.93
C HIS A 76 -2.67 1.69 -28.28
N ASP A 77 -1.42 1.39 -28.54
CA ASP A 77 -1.02 0.06 -28.95
C ASP A 77 -0.92 -0.90 -27.77
N ALA A 78 -0.95 -2.20 -28.06
CA ALA A 78 -1.09 -3.20 -27.00
C ALA A 78 0.25 -3.51 -26.35
N VAL A 79 0.19 -3.96 -25.10
CA VAL A 79 1.35 -4.44 -24.36
C VAL A 79 1.15 -5.91 -24.02
N GLY A 80 2.27 -6.57 -23.74
CA GLY A 80 2.32 -7.88 -23.14
C GLY A 80 3.28 -7.89 -21.97
N ALA A 81 3.21 -8.95 -21.18
CA ALA A 81 4.15 -9.12 -20.09
C ALA A 81 4.33 -10.60 -19.73
N ASN A 82 5.45 -10.90 -19.08
CA ASN A 82 5.75 -12.25 -18.61
C ASN A 82 6.65 -12.21 -17.37
N VAL A 83 6.61 -13.27 -16.59
CA VAL A 83 7.41 -13.35 -15.35
C VAL A 83 8.57 -14.28 -15.58
N VAL A 84 9.78 -13.83 -15.24
CA VAL A 84 10.96 -14.67 -15.29
C VAL A 84 11.40 -14.99 -13.86
N LEU A 85 11.29 -16.26 -13.51
CA LEU A 85 11.67 -16.77 -12.21
C LEU A 85 13.06 -17.39 -12.40
N ARG A 86 14.04 -16.96 -11.59
CA ARG A 86 15.38 -17.53 -11.65
C ARG A 86 15.68 -18.31 -10.39
N ASP A 87 16.23 -19.51 -10.59
CA ASP A 87 16.47 -20.43 -9.49
C ASP A 87 17.77 -20.05 -8.78
N PRO A 88 18.17 -20.80 -7.72
CA PRO A 88 19.37 -20.38 -6.97
C PRO A 88 20.66 -20.37 -7.77
N ARG A 89 20.74 -21.15 -8.86
CA ARG A 89 21.91 -21.09 -9.76
C ARG A 89 21.75 -20.06 -10.91
N GLY A 90 20.73 -19.22 -10.86
CA GLY A 90 20.48 -18.20 -11.88
C GLY A 90 19.75 -18.65 -13.14
N ARG A 91 19.30 -19.91 -13.19
CA ARG A 91 18.65 -20.45 -14.38
C ARG A 91 17.18 -20.03 -14.47
N PRO A 92 16.77 -19.52 -15.64
CA PRO A 92 15.39 -19.06 -15.79
C PRO A 92 14.37 -20.20 -15.84
N GLY A 93 13.16 -19.92 -15.40
CA GLY A 93 12.07 -20.86 -15.46
C GLY A 93 11.42 -20.82 -16.82
N PRO A 94 10.27 -21.47 -16.94
CA PRO A 94 9.59 -21.54 -18.21
C PRO A 94 8.90 -20.23 -18.59
N TRP A 95 8.55 -20.13 -19.87
CA TRP A 95 7.73 -19.07 -20.40
C TRP A 95 6.45 -18.92 -19.56
N THR A 96 6.22 -17.73 -19.01
CA THR A 96 5.13 -17.55 -18.05
C THR A 96 4.43 -16.25 -18.37
N PRO A 97 3.55 -16.29 -19.39
CA PRO A 97 2.95 -15.02 -19.81
C PRO A 97 1.94 -14.54 -18.77
N MET A 98 1.82 -13.23 -18.64
CA MET A 98 0.85 -12.62 -17.75
C MET A 98 -0.36 -12.18 -18.54
N ARG A 99 -1.45 -11.91 -17.83
CA ARG A 99 -2.68 -11.38 -18.42
C ARG A 99 -3.14 -10.18 -17.59
N GLU A 100 -3.91 -9.30 -18.22
CA GLU A 100 -4.48 -8.18 -17.50
C GLU A 100 -5.58 -8.72 -16.58
N LEU A 101 -5.53 -8.38 -15.30
CA LEU A 101 -6.35 -9.03 -14.29
C LEU A 101 -7.79 -8.55 -14.29
N ALA A 102 -8.01 -7.31 -14.71
CA ALA A 102 -9.35 -6.78 -14.91
C ALA A 102 -9.25 -5.71 -15.99
N PRO A 103 -10.26 -5.60 -16.87
CA PRO A 103 -10.08 -4.69 -18.01
C PRO A 103 -9.95 -3.21 -17.58
N GLY A 104 -9.12 -2.47 -18.32
CA GLY A 104 -8.85 -1.05 -18.04
C GLY A 104 -8.12 -0.72 -16.74
N THR A 105 -7.53 -1.71 -16.06
CA THR A 105 -6.81 -1.44 -14.80
C THR A 105 -5.30 -1.32 -15.00
N ASP A 106 -4.79 -1.90 -16.08
CA ASP A 106 -3.35 -2.01 -16.32
C ASP A 106 -2.59 -2.81 -15.24
N ARG A 107 -3.29 -3.66 -14.47
CA ARG A 107 -2.67 -4.57 -13.52
C ARG A 107 -2.61 -5.96 -14.15
N TRP A 108 -1.41 -6.49 -14.27
CA TRP A 108 -1.16 -7.74 -14.96
C TRP A 108 -0.66 -8.77 -13.95
N GLY A 109 -0.97 -10.04 -14.19
CA GLY A 109 -0.52 -11.10 -13.31
C GLY A 109 -0.34 -12.47 -13.95
N ALA A 110 0.46 -13.30 -13.28
CA ALA A 110 0.61 -14.71 -13.61
C ALA A 110 0.90 -15.50 -12.36
N THR A 111 0.47 -16.76 -12.39
CA THR A 111 0.74 -17.70 -11.33
C THR A 111 2.10 -18.32 -11.56
N VAL A 112 2.94 -18.35 -10.52
CA VAL A 112 4.20 -19.08 -10.54
C VAL A 112 4.19 -20.14 -9.46
N THR A 113 5.01 -21.17 -9.64
CA THR A 113 5.12 -22.28 -8.71
C THR A 113 6.57 -22.45 -8.31
N ALA A 114 6.79 -22.44 -7.01
CA ALA A 114 8.11 -22.59 -6.42
C ALA A 114 8.60 -24.02 -6.58
N GLY A 115 9.85 -24.17 -6.97
CA GLY A 115 10.53 -25.47 -7.05
C GLY A 115 11.42 -25.75 -5.83
N GLU A 116 12.66 -26.16 -6.10
CA GLU A 116 13.61 -26.55 -5.05
C GLU A 116 13.88 -25.39 -4.08
N THR A 117 14.26 -25.74 -2.88
CA THR A 117 14.49 -24.76 -1.85
C THR A 117 15.74 -23.93 -2.16
N GLY A 118 15.75 -22.70 -1.66
CA GLY A 118 16.87 -21.79 -1.83
C GLY A 118 16.37 -20.39 -2.08
N THR A 119 17.30 -19.50 -2.44
CA THR A 119 16.98 -18.10 -2.74
C THR A 119 16.85 -17.92 -4.24
N TRP A 120 15.65 -17.60 -4.66
CA TRP A 120 15.30 -17.37 -6.07
C TRP A 120 15.13 -15.87 -6.29
N SER A 121 14.89 -15.48 -7.55
CA SER A 121 14.49 -14.10 -7.86
C SER A 121 13.39 -14.12 -8.93
N TYR A 122 12.61 -13.05 -8.98
CA TYR A 122 11.64 -12.87 -10.03
C TYR A 122 11.67 -11.46 -10.61
N THR A 123 11.46 -11.41 -11.91
CA THR A 123 11.49 -10.19 -12.70
C THR A 123 10.22 -10.20 -13.56
N VAL A 124 9.63 -9.03 -13.79
CA VAL A 124 8.56 -8.90 -14.79
C VAL A 124 9.18 -8.23 -16.02
N GLU A 125 8.95 -8.85 -17.18
CA GLU A 125 9.36 -8.29 -18.47
C GLU A 125 8.10 -7.79 -19.12
N ALA A 126 8.13 -6.53 -19.56
CA ALA A 126 7.02 -5.87 -20.27
C ALA A 126 7.48 -5.50 -21.68
N TRP A 127 6.52 -5.44 -22.61
CA TRP A 127 6.86 -5.29 -24.02
C TRP A 127 5.68 -4.82 -24.85
N GLY A 128 5.98 -4.11 -25.92
CA GLY A 128 4.98 -3.81 -26.93
C GLY A 128 4.61 -5.12 -27.62
N ASP A 129 3.33 -5.29 -27.87
CA ASP A 129 2.79 -6.45 -28.55
C ASP A 129 2.28 -5.98 -29.93
N PRO A 130 3.19 -5.83 -30.91
CA PRO A 130 2.74 -5.26 -32.20
C PRO A 130 1.77 -6.14 -32.98
N VAL A 131 1.86 -7.46 -32.84
CA VAL A 131 0.93 -8.35 -33.57
C VAL A 131 -0.52 -8.13 -33.13
N THR A 132 -0.74 -8.05 -31.81
CA THR A 132 -2.08 -7.83 -31.27
C THR A 132 -2.62 -6.49 -31.79
N THR A 133 -1.78 -5.47 -31.79
CA THR A 133 -2.17 -4.17 -32.31
C THR A 133 -2.53 -4.21 -33.79
N TRP A 134 -1.66 -4.83 -34.57
CA TRP A 134 -1.90 -4.89 -36.01
C TRP A 134 -3.19 -5.65 -36.31
N ARG A 135 -3.41 -6.77 -35.61
CA ARG A 135 -4.64 -7.55 -35.80
C ARG A 135 -5.90 -6.74 -35.51
N HIS A 136 -5.85 -5.92 -34.46
CA HIS A 136 -6.98 -5.07 -34.08
C HIS A 136 -7.30 -4.12 -35.22
N HIS A 137 -6.29 -3.42 -35.74
CA HIS A 137 -6.52 -2.50 -36.87
C HIS A 137 -6.93 -3.23 -38.17
N ALA A 138 -6.29 -4.36 -38.47
CA ALA A 138 -6.60 -5.11 -39.70
C ALA A 138 -8.04 -5.66 -39.73
N ARG A 139 -8.53 -6.13 -38.60
N ARG A 139 -8.53 -6.13 -38.59
CA ARG A 139 -9.92 -6.62 -38.50
CA ARG A 139 -9.91 -6.63 -38.49
C ARG A 139 -10.95 -5.55 -38.80
C ARG A 139 -10.95 -5.55 -38.80
N ILE A 140 -10.61 -4.29 -38.53
CA ILE A 140 -11.44 -3.13 -38.91
C ILE A 140 -11.18 -2.67 -40.35
N LYS A 141 -9.92 -2.42 -40.71
CA LYS A 141 -9.58 -1.79 -42.00
C LYS A 141 -9.83 -2.67 -43.23
N ILE A 142 -9.67 -3.99 -43.08
CA ILE A 142 -9.85 -4.91 -44.22
C ILE A 142 -11.32 -4.99 -44.70
N PRO A 143 -12.31 -5.24 -43.81
CA PRO A 143 -13.72 -5.13 -44.25
C PRO A 143 -14.11 -3.75 -44.80
N ALA A 144 -13.54 -2.68 -44.26
CA ALA A 144 -13.81 -1.31 -44.73
C ALA A 144 -13.19 -0.97 -46.08
N GLY A 145 -12.24 -1.76 -46.56
CA GLY A 145 -11.52 -1.46 -47.80
C GLY A 145 -10.55 -0.29 -47.65
N LEU A 146 -10.08 -0.03 -46.43
CA LEU A 146 -9.22 1.12 -46.13
C LEU A 146 -7.73 0.74 -46.20
N ASP A 147 -7.06 1.11 -47.30
CA ASP A 147 -5.61 0.86 -47.49
C ASP A 147 -5.25 -0.62 -47.37
N THR A 148 -5.99 -1.49 -48.05
CA THR A 148 -5.89 -2.91 -47.72
C THR A 148 -4.52 -3.50 -48.08
N ASP A 149 -3.95 -3.06 -49.19
CA ASP A 149 -2.62 -3.52 -49.60
C ASP A 149 -1.50 -3.12 -48.62
N LEU A 150 -1.50 -1.88 -48.12
CA LEU A 150 -0.55 -1.46 -47.09
C LEU A 150 -0.72 -2.24 -45.81
N VAL A 151 -1.97 -2.42 -45.37
CA VAL A 151 -2.26 -3.12 -44.12
C VAL A 151 -1.75 -4.56 -44.18
N LEU A 152 -2.01 -5.24 -45.29
CA LEU A 152 -1.60 -6.64 -45.42
C LEU A 152 -0.08 -6.78 -45.53
N GLU A 153 0.58 -5.86 -46.24
CA GLU A 153 2.04 -5.88 -46.32
C GLU A 153 2.67 -5.62 -44.94
N GLU A 154 2.07 -4.70 -44.18
CA GLU A 154 2.52 -4.41 -42.82
C GLU A 154 2.42 -5.67 -41.95
N GLY A 155 1.31 -6.41 -42.07
CA GLY A 155 1.14 -7.68 -41.37
C GLY A 155 2.23 -8.68 -41.77
N ALA A 156 2.44 -8.80 -43.08
CA ALA A 156 3.46 -9.72 -43.60
C ALA A 156 4.84 -9.47 -42.97
N ARG A 157 5.22 -8.20 -42.85
CA ARG A 157 6.50 -7.84 -42.26
C ARG A 157 6.60 -8.11 -40.78
N LEU A 158 5.50 -7.94 -40.03
CA LEU A 158 5.48 -8.35 -38.63
C LEU A 158 5.65 -9.83 -38.46
N TYR A 159 4.91 -10.61 -39.25
CA TYR A 159 4.96 -12.08 -39.09
C TYR A 159 6.35 -12.61 -39.48
N GLU A 160 7.01 -11.99 -40.47
CA GLU A 160 8.40 -12.32 -40.80
C GLU A 160 9.36 -12.07 -39.64
N ARG A 161 9.19 -10.91 -39.00
CA ARG A 161 9.98 -10.61 -37.81
C ARG A 161 9.67 -11.61 -36.68
N ALA A 162 8.41 -11.99 -36.53
CA ALA A 162 8.04 -12.99 -35.52
C ALA A 162 8.74 -14.33 -35.78
N ALA A 163 8.73 -14.76 -37.04
CA ALA A 163 9.37 -16.01 -37.45
C ALA A 163 10.87 -16.03 -37.19
N ALA A 164 11.53 -14.88 -37.33
CA ALA A 164 13.00 -14.81 -37.16
C ALA A 164 13.47 -15.12 -35.71
N ASP A 165 12.64 -14.80 -34.73
CA ASP A 165 12.93 -15.08 -33.29
C ASP A 165 12.47 -16.46 -32.77
N VAL A 166 11.85 -17.27 -33.62
CA VAL A 166 11.21 -18.52 -33.21
C VAL A 166 12.26 -19.62 -33.35
N PRO A 167 12.52 -20.41 -32.29
CA PRO A 167 13.57 -21.44 -32.36
C PRO A 167 13.19 -22.71 -33.14
N GLY A 168 11.92 -23.10 -33.12
CA GLY A 168 11.50 -24.33 -33.81
C GLY A 168 11.26 -24.14 -35.30
N ARG A 169 11.83 -25.02 -36.12
CA ARG A 169 11.63 -24.95 -37.58
C ARG A 169 10.15 -25.05 -38.01
N GLU A 170 9.39 -25.96 -37.39
CA GLU A 170 7.98 -26.14 -37.73
C GLU A 170 7.12 -24.89 -37.39
N ASP A 171 7.39 -24.26 -36.25
CA ASP A 171 6.75 -23.00 -35.89
C ASP A 171 7.08 -21.86 -36.89
N ARG A 172 8.35 -21.76 -37.29
CA ARG A 172 8.79 -20.78 -38.28
C ARG A 172 8.05 -20.97 -39.60
N ARG A 173 7.96 -22.20 -40.06
CA ARG A 173 7.24 -22.51 -41.31
C ARG A 173 5.74 -22.17 -41.25
N GLU A 174 5.11 -22.40 -40.10
CA GLU A 174 3.74 -21.97 -39.87
C GLU A 174 3.58 -20.43 -40.05
N LEU A 175 4.45 -19.66 -39.42
CA LEU A 175 4.42 -18.20 -39.56
C LEU A 175 4.73 -17.75 -41.01
N LEU A 176 5.72 -18.37 -41.64
CA LEU A 176 6.11 -17.99 -43.00
C LEU A 176 5.05 -18.35 -44.02
N ALA A 177 4.28 -19.40 -43.76
CA ALA A 177 3.14 -19.71 -44.65
C ALA A 177 2.05 -18.62 -44.50
N ALA A 178 1.87 -18.11 -43.29
CA ALA A 178 0.98 -16.96 -43.07
C ALA A 178 1.49 -15.73 -43.81
N VAL A 179 2.79 -15.48 -43.76
CA VAL A 179 3.39 -14.36 -44.50
C VAL A 179 3.06 -14.47 -45.98
N ASP A 180 3.28 -15.65 -46.56
CA ASP A 180 3.02 -15.84 -48.01
C ASP A 180 1.53 -15.64 -48.36
N ALA A 181 0.64 -16.14 -47.50
CA ALA A 181 -0.80 -15.88 -47.68
C ALA A 181 -1.15 -14.38 -47.59
N LEU A 182 -0.55 -13.68 -46.63
CA LEU A 182 -0.77 -12.23 -46.48
C LEU A 182 -0.37 -11.48 -47.77
N ARG A 183 0.72 -11.94 -48.41
CA ARG A 183 1.23 -11.32 -49.64
C ARG A 183 0.61 -11.83 -50.95
N ASP A 184 -0.31 -12.79 -50.87
CA ASP A 184 -0.87 -13.44 -52.05
C ASP A 184 -2.02 -12.63 -52.65
N GLU A 185 -1.68 -11.78 -53.60
CA GLU A 185 -2.65 -10.87 -54.24
C GLU A 185 -3.73 -11.56 -55.08
N SER A 186 -3.61 -12.88 -55.33
CA SER A 186 -4.67 -13.64 -56.00
C SER A 186 -5.76 -14.14 -55.07
N ARG A 187 -5.55 -14.03 -53.75
CA ARG A 187 -6.58 -14.35 -52.74
C ARG A 187 -7.35 -13.09 -52.40
N PRO A 188 -8.66 -13.20 -52.10
CA PRO A 188 -9.39 -12.05 -51.56
C PRO A 188 -8.78 -11.52 -50.25
N ALA A 189 -8.88 -10.21 -50.06
CA ALA A 189 -8.39 -9.52 -48.87
C ALA A 189 -8.75 -10.22 -47.55
N ALA A 190 -10.02 -10.59 -47.39
CA ALA A 190 -10.48 -11.25 -46.17
C ALA A 190 -9.80 -12.61 -45.91
N SER A 191 -9.50 -13.36 -46.99
CA SER A 191 -8.81 -14.64 -46.90
C SER A 191 -7.33 -14.47 -46.57
N ARG A 192 -6.71 -13.45 -47.15
CA ARG A 192 -5.33 -13.10 -46.82
C ARG A 192 -5.19 -12.81 -45.33
N LEU A 193 -6.11 -12.00 -44.81
CA LEU A 193 -6.14 -11.71 -43.38
C LEU A 193 -6.40 -12.98 -42.53
N ALA A 194 -7.41 -13.77 -42.89
CA ALA A 194 -7.77 -14.96 -42.10
C ALA A 194 -6.62 -15.96 -41.95
N ALA A 195 -5.77 -16.07 -42.95
CA ALA A 195 -4.59 -16.95 -42.87
C ALA A 195 -3.63 -16.55 -41.75
N ALA A 196 -3.61 -15.27 -41.39
CA ALA A 196 -2.80 -14.77 -40.29
C ALA A 196 -3.44 -14.94 -38.90
N LEU A 197 -4.69 -15.37 -38.83
CA LEU A 197 -5.45 -15.47 -37.56
C LEU A 197 -5.87 -16.89 -37.19
N THR A 198 -5.25 -17.89 -37.79
CA THR A 198 -5.64 -19.29 -37.57
C THR A 198 -5.28 -19.73 -36.15
N PRO A 199 -5.96 -20.78 -35.62
CA PRO A 199 -5.53 -21.29 -34.31
C PRO A 199 -4.07 -21.79 -34.25
N GLN A 200 -3.57 -22.35 -35.35
CA GLN A 200 -2.19 -22.87 -35.36
C GLN A 200 -1.16 -21.72 -35.33
N VAL A 201 -1.45 -20.62 -36.05
CA VAL A 201 -0.63 -19.41 -35.93
C VAL A 201 -0.72 -18.82 -34.49
N ASP A 202 -1.94 -18.72 -33.96
CA ASP A 202 -2.16 -18.29 -32.57
C ASP A 202 -1.33 -19.08 -31.57
N ALA A 203 -1.26 -20.40 -31.73
CA ALA A 203 -0.52 -21.25 -30.79
C ALA A 203 0.96 -20.97 -30.84
N VAL A 204 1.50 -20.70 -32.04
CA VAL A 204 2.91 -20.33 -32.15
C VAL A 204 3.19 -19.02 -31.44
N LEU A 205 2.35 -18.02 -31.70
CA LEU A 205 2.56 -16.69 -31.11
C LEU A 205 2.27 -16.61 -29.58
N ALA A 206 1.42 -17.49 -29.06
CA ALA A 206 1.22 -17.60 -27.60
C ALA A 206 2.51 -18.09 -26.89
N ARG A 207 3.21 -19.04 -27.52
CA ARG A 207 4.48 -19.57 -27.01
C ARG A 207 5.67 -18.65 -27.30
N HIS A 208 5.70 -18.02 -28.49
CA HIS A 208 6.83 -17.18 -28.91
C HIS A 208 6.34 -15.87 -29.51
N PRO A 209 5.78 -14.98 -28.69
CA PRO A 209 5.27 -13.74 -29.26
C PRO A 209 6.38 -12.85 -29.77
N LEU A 210 6.06 -11.99 -30.72
CA LEU A 210 7.00 -10.96 -31.14
C LEU A 210 6.94 -9.85 -30.08
N ARG A 211 8.06 -9.59 -29.41
CA ARG A 211 8.07 -8.69 -28.25
C ARG A 211 8.90 -7.46 -28.62
N ASP A 212 8.29 -6.28 -28.62
CA ASP A 212 9.01 -5.03 -28.90
C ASP A 212 9.46 -4.40 -27.59
N LEU A 213 10.66 -3.84 -27.57
CA LEU A 213 11.08 -2.88 -26.57
C LEU A 213 11.02 -3.49 -25.15
N VAL A 214 11.53 -4.71 -25.02
CA VAL A 214 11.43 -5.48 -23.80
C VAL A 214 12.08 -4.71 -22.67
N THR A 215 11.32 -4.50 -21.59
CA THR A 215 11.79 -3.75 -20.46
C THR A 215 11.57 -4.62 -19.21
N SER A 216 12.57 -4.68 -18.34
CA SER A 216 12.51 -5.50 -17.10
C SER A 216 12.42 -4.67 -15.84
N SER A 217 11.65 -5.17 -14.88
CA SER A 217 11.74 -4.68 -13.52
C SER A 217 13.10 -5.08 -12.91
N ASP A 218 13.47 -4.43 -11.82
CA ASP A 218 14.60 -4.90 -11.03
C ASP A 218 14.22 -6.21 -10.32
N PRO A 219 15.14 -7.18 -10.25
CA PRO A 219 14.76 -8.46 -9.63
C PRO A 219 14.35 -8.34 -8.15
N LEU A 220 13.35 -9.11 -7.76
CA LEU A 220 12.93 -9.21 -6.36
C LEU A 220 13.24 -10.60 -5.81
N PRO A 221 13.63 -10.67 -4.52
CA PRO A 221 14.06 -11.94 -3.95
C PRO A 221 12.88 -12.82 -3.46
N LEU A 222 13.02 -14.13 -3.64
CA LEU A 222 12.01 -15.11 -3.18
C LEU A 222 12.74 -16.19 -2.38
N LEU A 223 12.31 -16.42 -1.15
CA LEU A 223 12.93 -17.44 -0.31
C LEU A 223 12.00 -18.68 -0.34
N VAL A 224 12.49 -19.77 -0.92
CA VAL A 224 11.73 -21.02 -1.01
C VAL A 224 12.25 -21.99 0.04
N GLU A 225 11.36 -22.44 0.91
CA GLU A 225 11.71 -23.29 2.05
C GLU A 225 10.97 -24.64 1.93
N ARG A 226 11.30 -25.57 2.82
CA ARG A 226 10.75 -26.92 2.71
C ARG A 226 9.27 -26.95 3.07
N GLU A 227 8.61 -28.00 2.62
CA GLU A 227 7.16 -28.19 2.81
C GLU A 227 6.68 -27.94 4.25
N ARG A 228 7.42 -28.48 5.21
CA ARG A 228 7.01 -28.39 6.61
C ARG A 228 6.90 -26.96 7.14
N ALA A 229 7.60 -26.00 6.54
CA ALA A 229 7.47 -24.60 6.95
C ALA A 229 6.04 -24.08 6.80
N LEU A 230 5.31 -24.58 5.78
CA LEU A 230 3.93 -24.19 5.57
C LEU A 230 2.91 -25.23 6.08
N TYR A 231 3.23 -26.50 5.93
CA TYR A 231 2.26 -27.58 6.12
C TYR A 231 2.73 -28.58 7.17
N GLY A 232 1.90 -28.83 8.17
CA GLY A 232 2.19 -29.84 9.20
C GLY A 232 1.19 -29.77 10.33
N ALA A 233 0.98 -30.90 11.00
CA ALA A 233 0.13 -30.95 12.19
C ALA A 233 1.02 -31.11 13.41
N TRP A 234 0.80 -30.26 14.42
CA TRP A 234 1.66 -30.17 15.59
C TRP A 234 0.95 -30.64 16.87
N TYR A 235 1.70 -31.31 17.75
CA TYR A 235 1.17 -31.78 19.05
C TYR A 235 2.16 -31.39 20.13
N GLU A 236 1.68 -30.63 21.12
CA GLU A 236 2.50 -30.23 22.25
C GLU A 236 2.21 -31.13 23.47
N PHE A 237 3.25 -31.63 24.10
CA PHE A 237 3.11 -32.28 25.42
C PHE A 237 4.35 -32.19 26.29
N PHE A 238 4.15 -32.41 27.58
CA PHE A 238 5.23 -32.34 28.58
C PHE A 238 5.73 -33.75 28.90
N PRO A 239 6.96 -34.10 28.49
CA PRO A 239 7.48 -35.42 28.79
C PRO A 239 7.39 -35.79 30.27
N ARG A 240 7.63 -34.83 31.17
CA ARG A 240 7.58 -35.15 32.59
C ARG A 240 6.21 -35.67 33.08
N SER A 241 5.13 -35.33 32.38
CA SER A 241 3.82 -35.85 32.77
C SER A 241 3.55 -37.31 32.38
N GLU A 242 4.36 -37.88 31.49
CA GLU A 242 4.17 -39.26 31.01
C GLU A 242 5.11 -40.22 31.75
N GLY A 243 4.88 -40.33 33.05
CA GLY A 243 5.63 -41.20 33.91
C GLY A 243 4.91 -42.50 34.22
N THR A 244 5.32 -43.11 35.33
CA THR A 244 4.84 -44.42 35.77
C THR A 244 4.57 -44.39 37.27
N PRO A 245 3.86 -45.41 37.80
CA PRO A 245 3.65 -45.48 39.25
C PRO A 245 4.96 -45.52 40.07
N HIS A 246 5.98 -46.22 39.55
CA HIS A 246 7.30 -46.31 40.19
C HIS A 246 8.09 -44.99 40.13
N THR A 247 7.98 -44.28 39.00
CA THR A 247 8.65 -42.98 38.79
C THR A 247 7.67 -41.99 38.15
N PRO A 248 6.93 -41.23 38.99
CA PRO A 248 5.91 -40.29 38.47
C PRO A 248 6.43 -39.24 37.51
N HIS A 249 7.65 -38.72 37.75
CA HIS A 249 8.27 -37.79 36.83
C HIS A 249 8.73 -38.58 35.61
N GLY A 250 8.09 -38.33 34.48
CA GLY A 250 8.42 -39.00 33.24
C GLY A 250 9.83 -38.69 32.80
N THR A 251 10.39 -39.62 32.03
CA THR A 251 11.69 -39.49 31.42
C THR A 251 11.52 -39.51 29.91
N PHE A 252 12.60 -39.27 29.17
CA PHE A 252 12.56 -39.47 27.73
C PHE A 252 12.20 -40.91 27.33
N ARG A 253 12.59 -41.89 28.12
CA ARG A 253 12.28 -43.26 27.80
CA ARG A 253 12.29 -43.27 27.80
C ARG A 253 10.81 -43.59 28.03
N THR A 254 10.21 -43.05 29.10
CA THR A 254 8.78 -43.27 29.35
C THR A 254 7.92 -42.42 28.39
N ALA A 255 8.31 -41.17 28.16
CA ALA A 255 7.61 -40.28 27.25
C ALA A 255 7.62 -40.77 25.80
N ALA A 256 8.67 -41.50 25.42
CA ALA A 256 8.72 -42.10 24.09
C ALA A 256 7.53 -43.03 23.80
N ARG A 257 6.97 -43.67 24.82
CA ARG A 257 5.82 -44.57 24.67
C ARG A 257 4.50 -43.84 24.44
N ARG A 258 4.51 -42.52 24.58
CA ARG A 258 3.43 -41.68 24.14
C ARG A 258 3.43 -41.39 22.62
N LEU A 259 4.60 -41.49 21.99
CA LEU A 259 4.76 -41.13 20.59
C LEU A 259 3.88 -41.96 19.63
N PRO A 260 3.72 -43.29 19.87
CA PRO A 260 2.86 -44.04 18.95
C PRO A 260 1.43 -43.49 18.86
N ALA A 261 0.83 -43.09 19.98
CA ALA A 261 -0.52 -42.49 19.95
C ALA A 261 -0.57 -41.15 19.19
N ILE A 262 0.49 -40.34 19.32
CA ILE A 262 0.62 -39.07 18.65
C ILE A 262 0.71 -39.26 17.13
N ALA A 263 1.58 -40.18 16.69
CA ALA A 263 1.66 -40.53 15.27
C ALA A 263 0.36 -41.13 14.75
N ALA A 264 -0.33 -41.91 15.57
CA ALA A 264 -1.61 -42.51 15.11
C ALA A 264 -2.74 -41.47 14.99
N MET A 265 -2.64 -40.34 15.70
CA MET A 265 -3.56 -39.22 15.46
C MET A 265 -3.20 -38.42 14.18
N GLY A 266 -2.11 -38.78 13.49
CA GLY A 266 -1.70 -38.13 12.26
C GLY A 266 -0.90 -36.85 12.45
N PHE A 267 -0.23 -36.68 13.58
CA PHE A 267 0.64 -35.53 13.76
C PHE A 267 1.98 -35.74 13.07
N ASP A 268 2.62 -34.62 12.72
CA ASP A 268 3.94 -34.60 12.09
C ASP A 268 5.06 -34.04 12.97
N VAL A 269 4.70 -33.19 13.93
CA VAL A 269 5.68 -32.46 14.75
C VAL A 269 5.25 -32.56 16.19
N VAL A 270 6.20 -32.90 17.07
CA VAL A 270 5.99 -32.89 18.50
C VAL A 270 6.75 -31.70 19.08
N TYR A 271 6.03 -30.80 19.73
CA TYR A 271 6.62 -29.59 20.33
C TYR A 271 6.77 -29.88 21.82
N LEU A 272 8.02 -29.84 22.30
CA LEU A 272 8.32 -30.03 23.72
C LEU A 272 8.59 -28.70 24.40
N PRO A 273 7.95 -28.46 25.57
CA PRO A 273 8.39 -27.38 26.43
C PRO A 273 9.85 -27.58 26.85
N PRO A 274 10.48 -26.54 27.42
CA PRO A 274 11.91 -26.65 27.72
C PRO A 274 12.29 -27.92 28.48
N ILE A 275 13.36 -28.56 28.02
CA ILE A 275 13.81 -29.86 28.51
C ILE A 275 15.07 -29.78 29.43
N HIS A 276 15.37 -28.58 29.92
CA HIS A 276 16.62 -28.28 30.63
C HIS A 276 16.38 -28.34 32.12
N PRO A 277 17.46 -28.30 32.94
CA PRO A 277 17.25 -28.18 34.38
C PRO A 277 16.44 -26.94 34.73
N ILE A 278 15.75 -27.01 35.87
CA ILE A 278 14.80 -25.96 36.29
C ILE A 278 15.33 -25.36 37.59
N GLY A 279 15.34 -24.04 37.70
CA GLY A 279 15.86 -23.36 38.88
C GLY A 279 15.11 -23.70 40.15
N THR A 280 15.79 -23.53 41.29
CA THR A 280 15.18 -23.64 42.61
C THR A 280 14.84 -22.28 43.23
N THR A 281 15.67 -21.26 42.99
CA THR A 281 15.44 -19.93 43.56
C THR A 281 14.20 -19.30 42.95
N HIS A 282 13.24 -18.95 43.80
CA HIS A 282 11.94 -18.42 43.40
C HIS A 282 11.12 -19.34 42.49
N ARG A 283 11.33 -20.65 42.62
CA ARG A 283 10.53 -21.62 41.88
C ARG A 283 9.05 -21.43 42.23
N LYS A 284 8.20 -21.52 41.21
CA LYS A 284 6.77 -21.39 41.43
C LYS A 284 6.17 -22.70 41.85
N GLY A 285 5.16 -22.60 42.71
CA GLY A 285 4.31 -23.73 43.10
C GLY A 285 3.14 -23.94 42.16
N ARG A 286 2.26 -24.85 42.57
CA ARG A 286 1.10 -25.24 41.76
CA ARG A 286 1.10 -25.22 41.76
C ARG A 286 0.17 -24.02 41.53
N ASN A 287 -0.51 -24.00 40.38
CA ASN A 287 -1.46 -22.91 40.04
C ASN A 287 -0.85 -21.53 40.14
N ASN A 288 0.41 -21.44 39.71
CA ASN A 288 1.10 -20.18 39.59
C ASN A 288 1.24 -19.48 40.95
N THR A 289 1.44 -20.26 42.01
CA THR A 289 1.72 -19.69 43.34
C THR A 289 3.22 -19.40 43.42
N LEU A 290 3.59 -18.49 44.30
CA LEU A 290 4.95 -17.94 44.32
C LEU A 290 6.00 -18.80 45.03
N SER A 291 5.57 -19.66 45.95
CA SER A 291 6.48 -20.49 46.75
C SER A 291 6.23 -21.94 46.44
N ALA A 292 7.23 -22.60 45.86
CA ALA A 292 7.21 -24.04 45.69
C ALA A 292 7.32 -24.76 47.05
N THR A 293 6.55 -25.83 47.25
CA THR A 293 6.79 -26.78 48.34
C THR A 293 8.02 -27.65 47.98
N GLY A 294 8.33 -28.63 48.82
CA GLY A 294 9.47 -29.52 48.59
C GLY A 294 9.38 -30.48 47.43
N ASP A 295 8.17 -30.98 47.10
CA ASP A 295 7.96 -31.88 45.95
C ASP A 295 7.69 -31.15 44.62
N ASP A 296 7.38 -29.87 44.65
CA ASP A 296 6.96 -29.14 43.44
C ASP A 296 8.03 -29.14 42.35
N VAL A 297 7.61 -29.37 41.12
CA VAL A 297 8.52 -29.54 39.97
C VAL A 297 8.96 -28.24 39.31
N GLY A 298 8.23 -27.16 39.57
CA GLY A 298 8.51 -25.87 38.98
C GLY A 298 8.13 -25.81 37.49
N VAL A 299 8.46 -24.69 36.87
CA VAL A 299 8.05 -24.39 35.51
C VAL A 299 9.20 -24.61 34.56
N PRO A 300 8.99 -25.36 33.46
CA PRO A 300 10.13 -25.64 32.57
C PRO A 300 10.81 -24.41 31.99
N TRP A 301 10.08 -23.31 31.84
CA TRP A 301 10.64 -22.05 31.32
C TRP A 301 11.59 -21.34 32.29
N ALA A 302 11.68 -21.79 33.55
CA ALA A 302 12.63 -21.25 34.52
C ALA A 302 13.94 -22.02 34.39
N ILE A 303 14.62 -21.75 33.27
CA ILE A 303 15.73 -22.56 32.81
C ILE A 303 17.00 -22.29 33.55
N GLY A 304 17.62 -23.37 34.03
CA GLY A 304 19.00 -23.32 34.46
C GLY A 304 19.21 -23.57 35.94
N SER A 305 20.26 -24.33 36.24
CA SER A 305 20.69 -24.58 37.62
C SER A 305 22.18 -24.93 37.56
N PRO A 306 22.81 -25.22 38.70
CA PRO A 306 24.18 -25.72 38.62
C PRO A 306 24.31 -27.06 37.83
N GLU A 307 23.19 -27.77 37.63
CA GLU A 307 23.16 -28.98 36.78
C GLU A 307 23.30 -28.66 35.27
N GLY A 308 23.10 -27.41 34.88
CA GLY A 308 23.34 -26.96 33.52
C GLY A 308 22.28 -25.97 33.03
N GLY A 309 22.52 -25.42 31.84
CA GLY A 309 21.69 -24.42 31.21
C GLY A 309 20.99 -24.96 29.97
N HIS A 310 20.91 -24.11 28.94
CA HIS A 310 20.13 -24.40 27.73
C HIS A 310 20.73 -25.50 26.84
N ASP A 311 21.96 -25.91 27.12
CA ASP A 311 22.59 -27.00 26.37
C ASP A 311 22.56 -28.34 27.15
N SER A 312 21.71 -28.44 28.18
CA SER A 312 21.69 -29.59 29.10
C SER A 312 20.30 -30.13 29.22
N ILE A 313 20.20 -31.34 29.72
CA ILE A 313 18.95 -32.05 29.93
C ILE A 313 18.64 -32.05 31.43
N HIS A 314 17.40 -31.74 31.78
CA HIS A 314 16.90 -31.92 33.15
C HIS A 314 17.26 -33.34 33.63
N PRO A 315 17.96 -33.48 34.77
CA PRO A 315 18.35 -34.82 35.23
C PRO A 315 17.20 -35.83 35.39
N ALA A 316 16.04 -35.36 35.84
CA ALA A 316 14.84 -36.21 35.94
C ALA A 316 14.29 -36.68 34.57
N LEU A 317 14.64 -36.01 33.47
CA LEU A 317 14.30 -36.51 32.12
C LEU A 317 15.27 -37.56 31.58
N GLY A 318 16.47 -37.61 32.16
CA GLY A 318 17.49 -38.60 31.80
C GLY A 318 18.70 -37.88 31.22
N THR A 319 19.38 -38.54 30.27
CA THR A 319 20.58 -38.02 29.68
C THR A 319 20.35 -37.64 28.23
N LEU A 320 21.39 -37.05 27.64
CA LEU A 320 21.43 -36.77 26.22
C LEU A 320 21.28 -38.05 25.36
N ASP A 321 21.84 -39.16 25.81
CA ASP A 321 21.62 -40.45 25.15
C ASP A 321 20.12 -40.83 25.15
N ASP A 322 19.43 -40.55 26.25
CA ASP A 322 17.99 -40.80 26.31
C ASP A 322 17.21 -39.85 25.39
N PHE A 323 17.64 -38.59 25.33
CA PHE A 323 17.06 -37.65 24.36
C PHE A 323 17.22 -38.19 22.94
N ASP A 324 18.42 -38.65 22.58
CA ASP A 324 18.67 -39.23 21.26
C ASP A 324 17.75 -40.41 20.96
N HIS A 325 17.54 -41.28 21.94
CA HIS A 325 16.58 -42.39 21.81
C HIS A 325 15.17 -41.88 21.47
N PHE A 326 14.74 -40.84 22.16
CA PHE A 326 13.40 -40.24 21.96
C PHE A 326 13.30 -39.66 20.52
N VAL A 327 14.34 -38.95 20.09
CA VAL A 327 14.39 -38.37 18.74
C VAL A 327 14.34 -39.47 17.67
N THR A 328 15.09 -40.55 17.89
CA THR A 328 15.14 -41.67 16.97
C THR A 328 13.76 -42.39 16.87
N GLU A 329 13.11 -42.62 18.00
CA GLU A 329 11.79 -43.26 17.99
C GLU A 329 10.73 -42.34 17.33
N ALA A 330 10.84 -41.05 17.58
CA ALA A 330 9.98 -40.06 16.91
C ALA A 330 10.15 -40.14 15.40
N GLY A 331 11.40 -40.14 14.95
CA GLY A 331 11.72 -40.21 13.52
C GLY A 331 11.15 -41.46 12.85
N LYS A 332 11.25 -42.62 13.50
CA LYS A 332 10.67 -43.85 12.97
C LYS A 332 9.15 -43.76 12.74
N LEU A 333 8.47 -43.00 13.59
CA LEU A 333 7.02 -42.82 13.49
C LEU A 333 6.60 -41.62 12.60
N GLY A 334 7.54 -41.01 11.87
CA GLY A 334 7.27 -39.81 11.07
C GLY A 334 7.07 -38.53 11.86
N LEU A 335 7.69 -38.42 13.05
CA LEU A 335 7.55 -37.26 13.90
C LEU A 335 8.88 -36.52 14.02
N GLU A 336 8.86 -35.23 13.72
CA GLU A 336 9.98 -34.32 13.94
C GLU A 336 9.81 -33.65 15.30
N ILE A 337 10.89 -33.37 15.98
CA ILE A 337 10.84 -32.70 17.27
C ILE A 337 11.05 -31.20 17.08
N ALA A 338 10.22 -30.41 17.74
CA ALA A 338 10.42 -28.99 17.88
C ALA A 338 10.73 -28.69 19.35
N LEU A 339 11.87 -28.07 19.63
CA LEU A 339 12.20 -27.66 21.00
C LEU A 339 11.86 -26.22 21.24
N ASP A 340 11.44 -25.94 22.45
CA ASP A 340 11.24 -24.60 22.91
C ASP A 340 12.63 -23.97 23.03
N PHE A 341 12.78 -22.74 22.56
CA PHE A 341 13.98 -21.96 22.83
C PHE A 341 13.54 -20.65 23.48
N ALA A 342 13.84 -20.52 24.76
CA ALA A 342 13.42 -19.38 25.55
C ALA A 342 14.68 -18.69 26.06
N LEU A 343 14.97 -17.52 25.51
CA LEU A 343 16.19 -16.79 25.87
C LEU A 343 15.94 -15.95 27.12
N GLN A 344 16.13 -16.61 28.24
CA GLN A 344 15.83 -16.09 29.57
C GLN A 344 16.41 -17.13 30.53
N CYS A 345 16.50 -16.81 31.81
CA CYS A 345 16.89 -17.84 32.74
C CYS A 345 16.47 -17.66 34.18
N SER A 346 16.56 -18.76 34.91
CA SER A 346 16.31 -18.74 36.32
C SER A 346 17.47 -18.03 37.00
N PRO A 347 17.29 -17.63 38.27
CA PRO A 347 18.42 -17.04 38.99
C PRO A 347 19.58 -18.00 39.27
N ASP A 348 19.40 -19.31 39.07
CA ASP A 348 20.45 -20.29 39.33
C ASP A 348 21.19 -20.71 38.06
N HIS A 349 20.82 -20.13 36.93
CA HIS A 349 21.47 -20.46 35.65
C HIS A 349 22.94 -20.00 35.72
N PRO A 350 23.89 -20.81 35.19
CA PRO A 350 25.32 -20.40 35.16
C PRO A 350 25.64 -19.03 34.49
N TRP A 351 24.88 -18.64 33.48
CA TRP A 351 25.00 -17.27 32.93
C TRP A 351 24.98 -16.11 33.94
N VAL A 352 24.21 -16.25 35.03
CA VAL A 352 23.97 -15.12 35.94
C VAL A 352 25.30 -14.58 36.52
N HIS A 353 26.16 -15.49 36.99
N HIS A 353 26.15 -15.50 36.99
CA HIS A 353 27.46 -15.08 37.53
CA HIS A 353 27.45 -15.13 37.55
C HIS A 353 28.59 -15.09 36.50
C HIS A 353 28.58 -15.10 36.49
N LYS A 354 28.48 -15.90 35.45
CA LYS A 354 29.47 -15.89 34.37
C LYS A 354 29.37 -14.64 33.45
N HIS A 355 28.16 -14.14 33.18
CA HIS A 355 27.95 -13.04 32.23
C HIS A 355 27.00 -12.00 32.84
N PRO A 356 27.48 -11.26 33.85
CA PRO A 356 26.57 -10.29 34.48
C PRO A 356 26.03 -9.24 33.51
N GLU A 357 26.81 -8.89 32.51
CA GLU A 357 26.41 -7.92 31.51
C GLU A 357 25.28 -8.38 30.57
N TRP A 358 24.86 -9.63 30.67
CA TRP A 358 23.70 -10.13 29.94
C TRP A 358 22.38 -9.85 30.68
N PHE A 359 22.46 -9.08 31.80
CA PHE A 359 21.29 -8.74 32.61
C PHE A 359 21.29 -7.26 32.96
N HIS A 360 20.10 -6.69 33.18
CA HIS A 360 19.96 -5.31 33.63
C HIS A 360 19.98 -5.34 35.16
N HIS A 361 20.94 -4.63 35.73
CA HIS A 361 21.08 -4.54 37.17
C HIS A 361 20.56 -3.21 37.63
N ARG A 362 19.82 -3.21 38.73
CA ARG A 362 19.32 -2.00 39.37
CA ARG A 362 19.32 -2.00 39.37
C ARG A 362 20.45 -1.42 40.22
N PRO A 363 20.26 -0.20 40.78
CA PRO A 363 21.40 0.43 41.47
C PRO A 363 22.00 -0.30 42.68
N ASP A 364 21.24 -1.19 43.31
CA ASP A 364 21.78 -2.03 44.40
C ASP A 364 22.43 -3.34 43.88
N GLY A 365 22.51 -3.53 42.57
CA GLY A 365 23.11 -4.71 41.98
C GLY A 365 22.17 -5.86 41.70
N THR A 366 20.93 -5.80 42.18
CA THR A 366 19.98 -6.89 41.94
C THR A 366 19.37 -6.81 40.54
N ILE A 367 18.80 -7.93 40.11
CA ILE A 367 18.16 -8.07 38.82
C ILE A 367 16.67 -8.28 39.04
N ALA A 368 15.85 -7.46 38.39
CA ALA A 368 14.38 -7.58 38.51
C ALA A 368 13.90 -8.80 37.73
N HIS A 369 12.86 -9.44 38.25
CA HIS A 369 12.28 -10.56 37.54
C HIS A 369 11.60 -10.08 36.23
N ALA A 370 11.49 -10.99 35.27
CA ALA A 370 10.84 -10.71 34.01
C ALA A 370 9.32 -10.50 34.19
N GLU A 371 8.75 -9.67 33.32
CA GLU A 371 7.30 -9.39 33.27
C GLU A 371 6.80 -9.28 31.84
N ASN A 372 5.51 -9.55 31.66
CA ASN A 372 4.79 -9.34 30.38
C ASN A 372 3.38 -8.86 30.79
N PRO A 373 3.25 -7.60 31.26
CA PRO A 373 2.06 -7.16 32.05
C PRO A 373 0.68 -7.50 31.41
N PRO A 374 -0.33 -7.88 32.22
CA PRO A 374 -0.25 -7.98 33.69
C PRO A 374 0.40 -9.31 34.21
N LYS A 375 0.97 -10.15 33.35
CA LYS A 375 1.66 -11.36 33.81
C LYS A 375 3.03 -11.03 34.44
N LYS A 376 3.35 -11.72 35.54
CA LYS A 376 4.63 -11.61 36.21
C LYS A 376 5.35 -12.97 36.19
N TYR A 377 6.66 -12.94 35.95
CA TYR A 377 7.45 -14.16 35.85
C TYR A 377 8.52 -14.11 36.95
N GLN A 378 8.07 -14.27 38.19
CA GLN A 378 8.94 -14.11 39.36
C GLN A 378 10.08 -15.11 39.43
N ASP A 379 9.96 -16.20 38.70
CA ASP A 379 10.94 -17.27 38.66
C ASP A 379 12.08 -17.11 37.64
N ILE A 380 12.09 -16.04 36.85
CA ILE A 380 13.11 -15.83 35.83
C ILE A 380 13.59 -14.39 35.74
N TYR A 381 14.80 -14.26 35.18
CA TYR A 381 15.36 -12.99 34.78
C TYR A 381 15.27 -12.89 33.28
N PRO A 382 14.93 -11.69 32.76
CA PRO A 382 15.05 -11.46 31.33
C PRO A 382 16.50 -11.10 30.97
N ILE A 383 16.84 -11.31 29.71
CA ILE A 383 18.15 -10.96 29.18
C ILE A 383 18.20 -9.50 28.69
N ALA A 384 19.31 -8.83 28.93
CA ALA A 384 19.64 -7.51 28.40
C ALA A 384 20.62 -7.68 27.24
N PHE A 385 20.41 -6.92 26.16
CA PHE A 385 21.09 -7.15 24.89
C PHE A 385 22.13 -6.11 24.48
N ASP A 386 22.19 -4.98 25.15
CA ASP A 386 22.98 -3.89 24.60
C ASP A 386 24.39 -3.76 25.15
N ALA A 387 24.74 -4.53 26.18
CA ALA A 387 26.13 -4.56 26.68
C ALA A 387 27.00 -5.50 25.83
N ASP A 388 26.47 -6.69 25.50
CA ASP A 388 27.24 -7.73 24.77
C ASP A 388 26.39 -8.45 23.70
N PRO A 389 25.91 -7.69 22.68
CA PRO A 389 25.12 -8.33 21.62
C PRO A 389 25.87 -9.47 20.91
N ASP A 390 27.17 -9.30 20.67
CA ASP A 390 27.96 -10.34 19.98
C ASP A 390 28.07 -11.62 20.80
N GLY A 391 28.36 -11.49 22.08
CA GLY A 391 28.41 -12.64 22.97
C GLY A 391 27.11 -13.39 23.01
N LEU A 392 25.99 -12.67 23.13
CA LEU A 392 24.69 -13.31 23.16
C LEU A 392 24.33 -14.04 21.87
N ALA A 393 24.63 -13.45 20.73
CA ALA A 393 24.35 -14.10 19.45
C ALA A 393 25.20 -15.36 19.29
N THR A 394 26.48 -15.26 19.62
CA THR A 394 27.41 -16.38 19.53
C THR A 394 26.94 -17.55 20.40
N GLU A 395 26.56 -17.26 21.64
CA GLU A 395 26.02 -18.25 22.53
C GLU A 395 24.68 -18.84 22.08
N THR A 396 23.79 -17.99 21.56
CA THR A 396 22.51 -18.45 21.08
C THR A 396 22.69 -19.44 19.92
N VAL A 397 23.52 -19.11 18.93
CA VAL A 397 23.70 -20.03 17.81
C VAL A 397 24.48 -21.30 18.21
N ARG A 398 25.38 -21.21 19.19
CA ARG A 398 26.02 -22.41 19.77
C ARG A 398 24.98 -23.38 20.32
N ILE A 399 24.06 -22.84 21.13
CA ILE A 399 23.00 -23.64 21.70
C ILE A 399 22.12 -24.29 20.63
N LEU A 400 21.68 -23.50 19.67
CA LEU A 400 20.81 -24.03 18.62
C LEU A 400 21.52 -25.11 17.83
N ARG A 401 22.78 -24.89 17.47
CA ARG A 401 23.57 -25.88 16.73
C ARG A 401 23.79 -27.15 17.53
N HIS A 402 23.90 -27.05 18.85
CA HIS A 402 23.94 -28.25 19.70
C HIS A 402 22.70 -29.13 19.51
N TRP A 403 21.53 -28.53 19.64
CA TRP A 403 20.29 -29.30 19.46
C TRP A 403 20.10 -29.77 18.02
N MET A 404 20.53 -28.96 17.05
CA MET A 404 20.54 -29.36 15.66
C MET A 404 21.41 -30.60 15.39
N ASP A 405 22.56 -30.71 16.05
CA ASP A 405 23.40 -31.89 15.96
C ASP A 405 22.73 -33.12 16.56
N HIS A 406 21.76 -32.93 17.46
CA HIS A 406 20.96 -34.03 17.97
C HIS A 406 19.59 -34.19 17.28
N GLY A 407 19.47 -33.71 16.04
CA GLY A 407 18.30 -34.01 15.20
C GLY A 407 17.11 -33.07 15.34
N VAL A 408 17.26 -31.96 16.07
CA VAL A 408 16.20 -30.98 16.23
C VAL A 408 16.38 -29.92 15.13
N ARG A 409 15.43 -29.91 14.17
CA ARG A 409 15.47 -28.98 13.05
C ARG A 409 14.31 -27.97 13.07
N ILE A 410 13.62 -27.87 14.21
CA ILE A 410 12.51 -26.93 14.40
C ILE A 410 12.61 -26.35 15.80
N PHE A 411 12.49 -25.03 15.94
CA PHE A 411 12.51 -24.39 17.24
C PHE A 411 11.29 -23.49 17.42
N ARG A 412 10.61 -23.67 18.54
CA ARG A 412 9.49 -22.82 18.92
C ARG A 412 10.12 -21.76 19.83
N VAL A 413 10.18 -20.54 19.36
CA VAL A 413 10.91 -19.49 20.05
C VAL A 413 9.94 -18.75 20.93
N ALA A 414 10.23 -18.75 22.23
CA ALA A 414 9.35 -18.18 23.22
C ALA A 414 9.44 -16.66 23.26
N ASN A 415 8.29 -15.98 23.21
CA ASN A 415 8.23 -14.53 23.36
C ASN A 415 9.32 -13.74 22.61
N PRO A 416 9.48 -13.97 21.30
CA PRO A 416 10.57 -13.30 20.59
C PRO A 416 10.47 -11.78 20.59
N HIS A 417 9.24 -11.28 20.69
CA HIS A 417 8.96 -9.83 20.75
C HIS A 417 9.46 -9.10 22.00
N THR A 418 10.00 -9.81 23.00
CA THR A 418 10.64 -9.17 24.15
C THR A 418 12.16 -9.17 23.99
N LYS A 419 12.68 -9.65 22.85
CA LYS A 419 14.10 -9.52 22.52
C LYS A 419 14.19 -8.71 21.23
N PRO A 420 15.35 -8.07 20.97
CA PRO A 420 15.41 -7.19 19.81
C PRO A 420 15.13 -7.87 18.47
N VAL A 421 14.43 -7.15 17.61
CA VAL A 421 14.07 -7.66 16.31
C VAL A 421 15.30 -7.99 15.50
N ALA A 422 16.28 -7.10 15.51
CA ALA A 422 17.50 -7.31 14.74
C ALA A 422 18.35 -8.48 15.28
N PHE A 423 18.17 -8.84 16.55
CA PHE A 423 18.84 -9.99 17.15
C PHE A 423 18.37 -11.27 16.48
N TRP A 424 17.05 -11.42 16.35
CA TRP A 424 16.49 -12.58 15.66
C TRP A 424 16.88 -12.60 14.20
N GLU A 425 16.85 -11.44 13.55
CA GLU A 425 17.25 -11.37 12.16
C GLU A 425 18.67 -11.94 11.98
N ARG A 426 19.59 -11.51 12.83
CA ARG A 426 20.96 -12.01 12.78
C ARG A 426 21.07 -13.52 13.11
N VAL A 427 20.42 -13.94 14.18
CA VAL A 427 20.47 -15.36 14.61
C VAL A 427 19.93 -16.31 13.53
N ILE A 428 18.77 -15.96 12.98
CA ILE A 428 18.12 -16.79 11.99
C ILE A 428 18.96 -16.83 10.70
N ALA A 429 19.51 -15.69 10.27
CA ALA A 429 20.36 -15.66 9.08
C ALA A 429 21.64 -16.52 9.30
N ASP A 430 22.20 -16.48 10.50
CA ASP A 430 23.37 -17.30 10.82
C ASP A 430 23.01 -18.80 10.73
N ILE A 431 21.94 -19.20 11.38
CA ILE A 431 21.54 -20.61 11.39
C ILE A 431 21.14 -21.06 10.00
N ASN A 432 20.28 -20.31 9.34
CA ASN A 432 19.83 -20.72 8.01
C ASN A 432 20.93 -20.62 6.94
N GLY A 433 21.96 -19.83 7.18
CA GLY A 433 23.13 -19.75 6.29
C GLY A 433 23.85 -21.09 6.14
N THR A 434 23.99 -21.85 7.21
CA THR A 434 24.59 -23.19 7.16
C THR A 434 23.52 -24.31 7.08
N ASP A 435 22.32 -24.07 7.63
CA ASP A 435 21.26 -25.08 7.76
C ASP A 435 19.90 -24.48 7.35
N PRO A 436 19.67 -24.31 6.03
CA PRO A 436 18.42 -23.64 5.57
C PRO A 436 17.11 -24.43 5.88
N ASP A 437 17.21 -25.71 6.22
CA ASP A 437 16.05 -26.51 6.59
C ASP A 437 15.47 -26.19 7.97
N VAL A 438 16.23 -25.49 8.83
CA VAL A 438 15.79 -25.23 10.18
C VAL A 438 14.61 -24.25 10.15
N ILE A 439 13.55 -24.60 10.88
CA ILE A 439 12.32 -23.82 10.96
C ILE A 439 12.22 -23.18 12.34
N PHE A 440 11.97 -21.86 12.35
CA PHE A 440 11.69 -21.09 13.57
C PHE A 440 10.25 -20.65 13.61
N LEU A 441 9.56 -20.95 14.71
CA LEU A 441 8.19 -20.56 14.97
C LEU A 441 8.21 -19.47 16.02
N ALA A 442 7.61 -18.33 15.70
CA ALA A 442 7.55 -17.19 16.61
C ALA A 442 6.30 -17.20 17.48
N GLU A 443 6.48 -17.38 18.78
CA GLU A 443 5.38 -17.23 19.73
C GLU A 443 5.26 -15.78 20.17
N ALA A 444 4.79 -14.94 19.25
CA ALA A 444 4.61 -13.52 19.51
C ALA A 444 3.13 -13.15 19.46
N PHE A 445 2.48 -13.21 20.62
CA PHE A 445 1.12 -12.72 20.79
C PHE A 445 1.24 -11.26 21.21
N THR A 446 1.16 -10.39 20.22
CA THR A 446 1.42 -8.98 20.46
C THR A 446 0.70 -8.19 19.36
N ARG A 447 1.12 -6.96 19.12
CA ARG A 447 0.43 -6.11 18.17
C ARG A 447 0.82 -6.46 16.74
N PRO A 448 -0.02 -6.07 15.77
CA PRO A 448 0.26 -6.52 14.38
C PRO A 448 1.63 -6.12 13.79
N ALA A 449 2.11 -4.90 14.05
CA ALA A 449 3.36 -4.44 13.44
C ALA A 449 4.54 -5.36 13.81
N MET A 450 4.66 -5.67 15.08
CA MET A 450 5.70 -6.60 15.58
C MET A 450 5.54 -8.01 15.04
N MET A 451 4.31 -8.53 15.04
CA MET A 451 4.08 -9.89 14.53
C MET A 451 4.48 -10.03 13.07
N ALA A 452 4.11 -9.05 12.26
CA ALA A 452 4.46 -9.03 10.85
C ALA A 452 5.98 -8.87 10.66
N THR A 453 6.58 -7.97 11.43
CA THR A 453 7.99 -7.70 11.26
C THR A 453 8.83 -8.95 11.59
N LEU A 454 8.48 -9.67 12.64
CA LEU A 454 9.20 -10.89 12.99
C LEU A 454 9.15 -11.93 11.87
N ALA A 455 7.96 -12.11 11.27
CA ALA A 455 7.84 -12.99 10.11
C ALA A 455 8.73 -12.46 8.96
N GLN A 456 8.70 -11.15 8.72
CA GLN A 456 9.46 -10.58 7.63
C GLN A 456 10.98 -10.68 7.78
N ILE A 457 11.49 -10.69 9.02
CA ILE A 457 12.95 -10.75 9.22
C ILE A 457 13.50 -12.17 9.27
N GLY A 458 12.63 -13.18 9.13
CA GLY A 458 13.11 -14.54 8.99
C GLY A 458 12.35 -15.67 9.66
N PHE A 459 11.42 -15.39 10.57
CA PHE A 459 10.65 -16.47 11.20
C PHE A 459 9.78 -17.18 10.15
N GLN A 460 10.01 -18.48 10.03
CA GLN A 460 9.30 -19.30 9.05
C GLN A 460 7.81 -19.42 9.34
N GLN A 461 7.45 -19.44 10.63
CA GLN A 461 6.07 -19.57 11.09
C GLN A 461 5.80 -18.64 12.22
N SER A 462 4.53 -18.32 12.40
CA SER A 462 4.07 -17.41 13.43
C SER A 462 2.85 -17.99 14.13
N TYR A 463 2.81 -17.87 15.45
CA TYR A 463 1.53 -17.97 16.15
C TYR A 463 0.66 -16.78 15.75
N THR A 464 -0.64 -16.88 16.00
CA THR A 464 -1.63 -16.00 15.43
C THR A 464 -2.68 -15.64 16.46
N TYR A 465 -3.64 -14.83 16.05
CA TYR A 465 -4.80 -14.51 16.87
C TYR A 465 -5.94 -15.57 16.84
N PHE A 466 -5.68 -16.73 16.24
CA PHE A 466 -6.72 -17.73 15.98
C PHE A 466 -7.64 -17.99 17.18
N THR A 467 -7.06 -18.20 18.36
CA THR A 467 -7.85 -18.55 19.57
C THR A 467 -8.86 -17.48 19.98
N TRP A 468 -8.59 -16.23 19.61
CA TRP A 468 -9.53 -15.13 19.85
C TRP A 468 -10.36 -14.73 18.62
N ARG A 469 -10.49 -15.64 17.64
CA ARG A 469 -11.37 -15.43 16.50
C ARG A 469 -12.36 -16.61 16.45
N ASN A 470 -13.56 -16.35 16.96
CA ASN A 470 -14.57 -17.38 17.20
C ASN A 470 -15.91 -17.19 16.52
N THR A 471 -16.32 -15.95 16.23
CA THR A 471 -17.55 -15.69 15.48
C THR A 471 -17.27 -15.78 13.97
N LYS A 472 -18.33 -15.90 13.18
CA LYS A 472 -18.19 -15.96 11.73
C LYS A 472 -17.46 -14.74 11.18
N GLN A 473 -17.87 -13.56 11.62
CA GLN A 473 -17.22 -12.33 11.20
C GLN A 473 -15.72 -12.27 11.54
N GLU A 474 -15.36 -12.67 12.76
CA GLU A 474 -13.96 -12.69 13.20
C GLU A 474 -13.10 -13.63 12.36
N LEU A 475 -13.61 -14.84 12.14
CA LEU A 475 -12.90 -15.86 11.37
C LEU A 475 -12.75 -15.44 9.92
N THR A 476 -13.83 -14.94 9.34
CA THR A 476 -13.83 -14.49 7.94
C THR A 476 -12.82 -13.36 7.72
N GLU A 477 -12.88 -12.32 8.54
CA GLU A 477 -11.97 -11.18 8.41
C GLU A 477 -10.52 -11.58 8.65
N TYR A 478 -10.26 -12.38 9.68
CA TYR A 478 -8.90 -12.73 10.01
C TYR A 478 -8.29 -13.65 8.96
N LEU A 479 -9.05 -14.64 8.48
CA LEU A 479 -8.52 -15.55 7.46
C LEU A 479 -8.35 -14.88 6.11
N THR A 480 -9.18 -13.87 5.81
CA THR A 480 -9.03 -13.07 4.60
C THR A 480 -7.69 -12.31 4.65
N GLU A 481 -7.34 -11.81 5.83
CA GLU A 481 -6.03 -11.18 6.02
C GLU A 481 -4.90 -12.20 5.87
N LEU A 482 -4.97 -13.34 6.57
CA LEU A 482 -3.85 -14.30 6.55
C LEU A 482 -3.64 -14.91 5.18
N SER A 483 -4.71 -15.18 4.45
CA SER A 483 -4.61 -15.80 3.14
C SER A 483 -4.34 -14.78 2.01
N GLY A 484 -4.37 -13.48 2.31
CA GLY A 484 -4.14 -12.41 1.32
C GLY A 484 -2.66 -12.02 1.31
N GLU A 485 -2.39 -10.73 1.36
CA GLU A 485 -1.02 -10.19 1.20
C GLU A 485 -0.06 -10.68 2.28
N ALA A 486 -0.51 -10.86 3.51
CA ALA A 486 0.34 -11.41 4.57
C ALA A 486 0.98 -12.77 4.23
N ALA A 487 0.37 -13.54 3.32
CA ALA A 487 0.92 -14.86 2.94
C ALA A 487 2.25 -14.76 2.17
N SER A 488 2.62 -13.57 1.70
CA SER A 488 3.94 -13.38 1.09
CA SER A 488 3.94 -13.36 1.09
C SER A 488 5.07 -13.43 2.14
N TYR A 489 4.74 -13.28 3.43
CA TYR A 489 5.79 -13.25 4.47
C TYR A 489 5.52 -14.05 5.78
N MET A 490 4.28 -14.47 6.00
CA MET A 490 3.89 -15.11 7.24
C MET A 490 3.23 -16.45 6.93
N ARG A 491 3.58 -17.45 7.72
CA ARG A 491 2.94 -18.76 7.67
C ARG A 491 2.31 -19.06 9.04
N PRO A 492 0.98 -19.18 9.09
CA PRO A 492 0.33 -19.25 10.40
C PRO A 492 0.37 -20.65 10.97
N ASN A 493 0.57 -20.77 12.28
CA ASN A 493 0.43 -22.06 12.96
C ASN A 493 -0.79 -21.95 13.90
N PHE A 494 -1.93 -22.54 13.51
CA PHE A 494 -3.17 -22.47 14.30
C PHE A 494 -3.22 -23.51 15.44
N PHE A 495 -2.69 -23.14 16.60
CA PHE A 495 -2.88 -23.92 17.82
C PHE A 495 -4.29 -23.62 18.35
N ALA A 496 -5.16 -24.63 18.43
CA ALA A 496 -6.51 -24.44 18.96
C ALA A 496 -6.53 -24.17 20.46
N ASN A 497 -5.50 -24.65 21.15
CA ASN A 497 -5.26 -24.30 22.55
C ASN A 497 -3.74 -24.30 22.77
N THR A 498 -3.32 -23.72 23.89
CA THR A 498 -1.94 -23.84 24.35
C THR A 498 -2.01 -23.94 25.87
N PRO A 499 -0.88 -24.26 26.53
CA PRO A 499 -0.93 -24.27 27.98
C PRO A 499 -1.29 -22.93 28.62
N ASP A 500 -1.20 -21.83 27.85
CA ASP A 500 -1.55 -20.49 28.33
C ASP A 500 -2.89 -20.00 27.81
N ILE A 501 -3.57 -20.76 26.95
CA ILE A 501 -4.78 -20.28 26.32
C ILE A 501 -5.85 -21.36 26.27
N LEU A 502 -6.76 -21.28 27.23
CA LEU A 502 -8.05 -21.98 27.22
C LEU A 502 -9.15 -20.93 27.03
N HIS A 503 -9.60 -20.77 25.80
CA HIS A 503 -10.56 -19.71 25.50
C HIS A 503 -11.96 -20.02 26.09
N ALA A 504 -12.67 -18.95 26.43
CA ALA A 504 -14.03 -19.06 26.93
C ALA A 504 -14.98 -19.91 26.04
N TYR A 505 -14.80 -19.85 24.73
CA TYR A 505 -15.55 -20.65 23.75
C TYR A 505 -15.49 -22.13 24.10
N LEU A 506 -14.28 -22.62 24.40
CA LEU A 506 -14.07 -23.98 24.83
C LEU A 506 -14.61 -24.22 26.24
N GLN A 507 -14.41 -23.26 27.14
CA GLN A 507 -14.91 -23.36 28.52
C GLN A 507 -16.43 -23.55 28.58
N HIS A 508 -17.17 -22.76 27.80
CA HIS A 508 -18.62 -22.78 27.81
C HIS A 508 -19.23 -23.82 26.87
N GLY A 509 -18.54 -24.17 25.80
CA GLY A 509 -19.09 -25.05 24.78
C GLY A 509 -18.85 -26.53 25.00
N GLY A 510 -17.84 -26.89 25.80
CA GLY A 510 -17.58 -28.30 26.06
C GLY A 510 -17.16 -29.03 24.79
N ARG A 511 -17.37 -30.34 24.79
CA ARG A 511 -16.87 -31.19 23.70
C ARG A 511 -17.30 -30.72 22.29
N PRO A 512 -18.58 -30.36 22.10
CA PRO A 512 -18.96 -29.82 20.78
C PRO A 512 -18.09 -28.61 20.32
N ALA A 513 -17.66 -27.77 21.27
CA ALA A 513 -16.78 -26.64 20.92
C ALA A 513 -15.36 -27.09 20.55
N PHE A 514 -14.83 -28.12 21.23
CA PHE A 514 -13.52 -28.67 20.88
C PHE A 514 -13.54 -29.24 19.48
N GLU A 515 -14.64 -29.85 19.12
CA GLU A 515 -14.82 -30.42 17.79
C GLU A 515 -14.84 -29.32 16.73
N VAL A 516 -15.57 -28.25 16.98
CA VAL A 516 -15.67 -27.14 16.05
C VAL A 516 -14.28 -26.50 15.83
N ARG A 517 -13.56 -26.22 16.92
CA ARG A 517 -12.28 -25.53 16.81
C ARG A 517 -11.22 -26.39 16.13
N ALA A 518 -11.30 -27.71 16.29
CA ALA A 518 -10.41 -28.63 15.60
C ALA A 518 -10.68 -28.65 14.10
N VAL A 519 -11.96 -28.70 13.71
CA VAL A 519 -12.30 -28.66 12.30
C VAL A 519 -11.80 -27.37 11.66
N LEU A 520 -12.08 -26.25 12.32
CA LEU A 520 -11.65 -24.93 11.83
C LEU A 520 -10.15 -24.80 11.70
N ALA A 521 -9.40 -25.18 12.73
CA ALA A 521 -7.95 -25.04 12.72
C ALA A 521 -7.32 -25.90 11.63
N ALA A 522 -7.81 -27.13 11.51
CA ALA A 522 -7.28 -28.12 10.58
C ALA A 522 -7.59 -27.81 9.14
N THR A 523 -8.71 -27.16 8.87
CA THR A 523 -9.10 -26.85 7.51
C THR A 523 -8.80 -25.43 7.05
N LEU A 524 -8.60 -24.49 7.97
CA LEU A 524 -8.29 -23.10 7.60
C LEU A 524 -6.81 -22.83 7.42
N SER A 525 -5.95 -23.56 8.14
CA SER A 525 -4.52 -23.36 8.00
C SER A 525 -3.83 -24.66 7.62
N PRO A 526 -2.85 -24.58 6.70
CA PRO A 526 -2.05 -25.78 6.41
C PRO A 526 -1.17 -26.24 7.59
N THR A 527 -0.97 -25.39 8.58
CA THR A 527 -0.36 -25.80 9.83
C THR A 527 -1.29 -25.55 11.01
N TRP A 528 -1.54 -26.59 11.80
CA TRP A 528 -2.36 -26.46 13.00
C TRP A 528 -1.78 -27.31 14.10
N GLY A 529 -2.28 -27.10 15.30
CA GLY A 529 -1.82 -27.89 16.44
C GLY A 529 -2.75 -27.88 17.61
N ILE A 530 -2.45 -28.80 18.53
CA ILE A 530 -3.13 -28.86 19.82
C ILE A 530 -2.11 -29.14 20.91
N TYR A 531 -2.48 -28.77 22.12
CA TYR A 531 -1.73 -29.06 23.34
C TYR A 531 -2.46 -30.22 24.04
N SER A 532 -1.72 -31.27 24.34
CA SER A 532 -2.19 -32.47 25.06
C SER A 532 -3.25 -32.19 26.12
N GLY A 533 -4.36 -32.92 26.04
CA GLY A 533 -5.51 -32.70 26.90
C GLY A 533 -6.68 -32.09 26.15
N TYR A 534 -6.37 -31.39 25.05
CA TYR A 534 -7.40 -30.92 24.10
C TYR A 534 -8.32 -32.06 23.68
N GLU A 535 -7.72 -33.21 23.35
CA GLU A 535 -8.49 -34.41 22.94
C GLU A 535 -9.50 -34.87 23.98
N LEU A 536 -9.15 -34.68 25.26
CA LEU A 536 -10.00 -35.04 26.40
C LEU A 536 -11.01 -33.95 26.75
N CYS A 537 -11.00 -32.83 26.01
CA CYS A 537 -11.89 -31.71 26.24
C CYS A 537 -11.71 -31.10 27.62
N GLU A 538 -10.47 -31.07 28.10
CA GLU A 538 -10.16 -30.40 29.36
C GLU A 538 -10.47 -28.92 29.22
N ASN A 539 -11.36 -28.42 30.06
CA ASN A 539 -11.81 -27.05 29.89
C ASN A 539 -12.18 -26.32 31.17
N THR A 540 -11.60 -26.73 32.29
CA THR A 540 -11.86 -26.07 33.57
C THR A 540 -10.84 -24.95 33.73
N PRO A 541 -11.31 -23.68 33.79
CA PRO A 541 -10.39 -22.58 33.93
C PRO A 541 -9.92 -22.40 35.36
N LEU A 542 -8.83 -21.67 35.54
CA LEU A 542 -8.34 -21.29 36.88
C LEU A 542 -9.41 -20.56 37.70
N ARG A 543 -10.11 -19.63 37.06
CA ARG A 543 -11.24 -18.90 37.64
CA ARG A 543 -11.25 -18.92 37.63
C ARG A 543 -12.06 -18.33 36.48
N GLU A 544 -13.26 -17.82 36.78
CA GLU A 544 -14.11 -17.20 35.76
C GLU A 544 -13.36 -15.99 35.19
N GLY A 545 -13.38 -15.84 33.86
CA GLY A 545 -12.67 -14.74 33.20
C GLY A 545 -11.19 -14.95 32.94
N SER A 546 -10.63 -16.13 33.24
CA SER A 546 -9.24 -16.44 32.97
C SER A 546 -9.17 -17.32 31.72
N GLU A 547 -8.04 -17.28 31.02
CA GLU A 547 -7.74 -18.21 29.97
C GLU A 547 -6.67 -19.22 30.40
N GLU A 548 -6.33 -19.24 31.69
CA GLU A 548 -5.46 -20.26 32.27
C GLU A 548 -6.28 -21.51 32.62
N TYR A 549 -5.66 -22.68 32.48
CA TYR A 549 -6.22 -23.93 32.99
C TYR A 549 -6.11 -23.99 34.52
N LEU A 550 -7.13 -24.55 35.17
CA LEU A 550 -7.02 -24.98 36.59
C LEU A 550 -5.95 -26.07 36.72
N ASP A 551 -5.13 -26.00 37.77
CA ASP A 551 -4.08 -27.00 38.01
C ASP A 551 -3.20 -27.19 36.77
N SER A 552 -2.76 -26.08 36.20
CA SER A 552 -2.01 -26.08 34.95
C SER A 552 -0.78 -26.99 35.04
N GLU A 553 -0.55 -27.71 33.94
CA GLU A 553 0.59 -28.59 33.77
C GLU A 553 1.94 -27.86 33.79
N LYS A 554 1.92 -26.55 33.56
CA LYS A 554 3.13 -25.73 33.66
C LYS A 554 3.75 -25.79 35.04
N TYR A 555 2.92 -26.02 36.07
CA TYR A 555 3.36 -25.97 37.47
C TYR A 555 3.33 -27.32 38.19
N GLN A 556 2.85 -28.38 37.53
CA GLN A 556 2.69 -29.67 38.19
C GLN A 556 2.69 -30.81 37.17
N LEU A 557 3.05 -31.99 37.66
CA LEU A 557 2.88 -33.21 36.88
C LEU A 557 1.39 -33.38 36.62
N LYS A 558 1.04 -33.82 35.42
CA LYS A 558 -0.34 -34.00 35.05
C LYS A 558 -0.56 -35.38 34.40
N PRO A 559 -0.59 -36.44 35.21
CA PRO A 559 -0.85 -37.75 34.60
C PRO A 559 -2.24 -37.80 33.97
N ARG A 560 -2.36 -38.41 32.79
CA ARG A 560 -3.67 -38.62 32.14
C ARG A 560 -3.85 -40.09 31.80
N ASP A 561 -5.04 -40.62 32.06
CA ASP A 561 -5.32 -42.00 31.73
C ASP A 561 -5.86 -42.08 30.28
N TRP A 562 -4.92 -42.13 29.35
CA TRP A 562 -5.24 -42.14 27.93
C TRP A 562 -6.06 -43.36 27.51
N THR A 563 -5.66 -44.52 28.03
CA THR A 563 -6.31 -45.78 27.70
C THR A 563 -7.76 -45.77 28.15
N ARG A 564 -8.00 -45.24 29.34
CA ARG A 564 -9.35 -45.14 29.87
C ARG A 564 -10.25 -44.21 29.02
N ALA A 565 -9.75 -43.03 28.70
CA ALA A 565 -10.51 -42.07 27.90
C ALA A 565 -10.91 -42.70 26.54
N ALA A 566 -9.97 -43.40 25.91
CA ALA A 566 -10.26 -44.09 24.65
C ALA A 566 -11.33 -45.15 24.82
N ARG A 567 -11.20 -45.96 25.88
CA ARG A 567 -12.18 -47.01 26.16
C ARG A 567 -13.60 -46.45 26.44
N GLU A 568 -13.67 -45.34 27.17
CA GLU A 568 -14.94 -44.74 27.57
C GLU A 568 -15.55 -43.81 26.49
N GLY A 569 -14.81 -43.59 25.41
CA GLY A 569 -15.27 -42.79 24.28
C GLY A 569 -15.36 -41.31 24.60
N THR A 570 -14.59 -40.85 25.58
CA THR A 570 -14.66 -39.47 26.04
C THR A 570 -13.54 -38.63 25.42
N THR A 571 -12.93 -39.08 24.34
CA THR A 571 -11.86 -38.37 23.68
C THR A 571 -12.30 -38.08 22.26
N ILE A 572 -11.86 -36.95 21.72
CA ILE A 572 -12.08 -36.64 20.32
C ILE A 572 -10.89 -37.02 19.42
N ALA A 573 -9.96 -37.81 19.95
CA ALA A 573 -8.87 -38.37 19.14
C ALA A 573 -9.31 -38.93 17.77
N PRO A 574 -10.43 -39.68 17.70
CA PRO A 574 -10.89 -40.14 16.40
C PRO A 574 -11.16 -39.00 15.39
N LEU A 575 -11.77 -37.91 15.84
CA LEU A 575 -12.00 -36.76 14.97
C LEU A 575 -10.67 -36.11 14.53
N VAL A 576 -9.76 -35.98 15.47
CA VAL A 576 -8.44 -35.40 15.19
C VAL A 576 -7.72 -36.25 14.14
N THR A 577 -7.77 -37.56 14.34
CA THR A 577 -7.16 -38.53 13.43
C THR A 577 -7.75 -38.37 12.02
N ARG A 578 -9.08 -38.34 11.93
CA ARG A 578 -9.77 -38.17 10.66
C ARG A 578 -9.39 -36.85 9.97
N LEU A 579 -9.37 -35.74 10.70
CA LEU A 579 -8.95 -34.44 10.13
C LEU A 579 -7.55 -34.48 9.54
N ASN A 580 -6.62 -35.10 10.23
CA ASN A 580 -5.26 -35.21 9.72
C ASN A 580 -5.18 -36.12 8.49
N THR A 581 -5.97 -37.18 8.45
CA THR A 581 -6.03 -38.04 7.28
C THR A 581 -6.60 -37.28 6.07
N ILE A 582 -7.67 -36.50 6.30
CA ILE A 582 -8.27 -35.71 5.24
C ILE A 582 -7.23 -34.72 4.67
N ARG A 583 -6.50 -34.06 5.56
CA ARG A 583 -5.43 -33.15 5.13
C ARG A 583 -4.36 -33.85 4.30
N ARG A 584 -3.96 -35.03 4.73
CA ARG A 584 -2.96 -35.82 3.99
C ARG A 584 -3.42 -36.35 2.63
N GLU A 585 -4.72 -36.46 2.44
CA GLU A 585 -5.28 -36.95 1.18
C GLU A 585 -5.78 -35.83 0.26
N ASN A 586 -5.80 -34.58 0.71
CA ASN A 586 -6.38 -33.50 -0.08
C ASN A 586 -5.40 -32.32 -0.18
N PRO A 587 -4.69 -32.20 -1.31
CA PRO A 587 -3.71 -31.11 -1.46
C PRO A 587 -4.27 -29.68 -1.19
N ALA A 588 -5.56 -29.46 -1.42
CA ALA A 588 -6.18 -28.17 -1.12
C ALA A 588 -5.98 -27.73 0.33
N LEU A 589 -5.95 -28.69 1.25
CA LEU A 589 -5.75 -28.38 2.66
C LEU A 589 -4.29 -28.21 3.09
N ARG A 590 -3.34 -28.40 2.17
CA ARG A 590 -1.93 -28.25 2.47
C ARG A 590 -1.35 -26.93 1.91
N GLN A 591 -2.23 -25.99 1.59
CA GLN A 591 -1.85 -24.63 1.18
C GLN A 591 -2.74 -23.62 1.91
N LEU A 592 -2.34 -22.36 1.84
CA LEU A 592 -2.94 -21.24 2.58
C LEU A 592 -3.71 -20.25 1.70
N ARG A 593 -3.14 -19.90 0.54
CA ARG A 593 -3.58 -18.70 -0.20
C ARG A 593 -4.92 -18.85 -0.91
N ASP A 594 -5.24 -20.06 -1.34
CA ASP A 594 -6.51 -20.27 -2.05
C ASP A 594 -7.60 -20.66 -1.02
N LEU A 595 -8.48 -19.69 -0.76
CA LEU A 595 -9.48 -19.79 0.29
C LEU A 595 -10.58 -18.81 -0.10
N HIS A 596 -11.83 -19.29 -0.11
CA HIS A 596 -12.96 -18.44 -0.42
C HIS A 596 -14.12 -18.71 0.51
N PHE A 597 -14.70 -17.66 1.08
CA PHE A 597 -15.86 -17.79 1.96
C PHE A 597 -17.14 -17.68 1.14
N HIS A 598 -18.06 -18.62 1.36
CA HIS A 598 -19.34 -18.67 0.65
C HIS A 598 -20.48 -18.19 1.57
N PRO A 599 -21.42 -17.37 1.06
CA PRO A 599 -22.47 -16.85 1.95
C PRO A 599 -23.47 -17.91 2.45
N THR A 600 -23.81 -17.82 3.73
CA THR A 600 -24.93 -18.58 4.29
C THR A 600 -25.92 -17.59 4.87
N ASP A 601 -27.14 -18.06 5.13
CA ASP A 601 -28.20 -17.20 5.70
C ASP A 601 -28.32 -17.33 7.24
N LYS A 602 -27.34 -17.95 7.90
CA LYS A 602 -27.30 -18.01 9.36
C LYS A 602 -25.95 -17.52 9.89
N GLU A 603 -26.04 -16.62 10.86
CA GLU A 603 -24.86 -16.04 11.51
C GLU A 603 -23.92 -17.10 12.15
N GLU A 604 -24.47 -18.21 12.63
CA GLU A 604 -23.70 -19.26 13.29
C GLU A 604 -23.13 -20.30 12.33
N VAL A 605 -23.40 -20.17 11.02
CA VAL A 605 -22.94 -21.15 10.03
C VAL A 605 -22.03 -20.48 9.01
N ILE A 606 -20.81 -21.00 8.93
CA ILE A 606 -19.76 -20.47 8.08
C ILE A 606 -19.45 -21.52 7.03
N ALA A 607 -19.17 -21.07 5.81
CA ALA A 607 -18.87 -21.96 4.70
C ALA A 607 -17.65 -21.42 3.95
N TYR A 608 -16.72 -22.30 3.60
CA TYR A 608 -15.55 -21.93 2.80
C TYR A 608 -15.02 -23.08 1.97
N SER A 609 -14.35 -22.73 0.86
CA SER A 609 -13.71 -23.70 0.00
C SER A 609 -12.23 -23.37 -0.21
N LYS A 610 -11.44 -24.43 -0.43
CA LYS A 610 -10.03 -24.34 -0.77
C LYS A 610 -9.77 -25.23 -1.98
N ARG A 611 -8.89 -24.78 -2.87
CA ARG A 611 -8.53 -25.51 -4.06
C ARG A 611 -7.04 -25.58 -4.27
N GLN A 612 -6.61 -26.69 -4.88
CA GLN A 612 -5.25 -26.90 -5.35
C GLN A 612 -5.34 -27.88 -6.52
N GLY A 613 -5.02 -27.41 -7.73
CA GLY A 613 -5.24 -28.20 -8.93
C GLY A 613 -6.68 -28.68 -9.03
N SER A 614 -6.88 -29.97 -9.31
CA SER A 614 -8.21 -30.53 -9.42
C SER A 614 -8.85 -30.90 -8.06
N ASN A 615 -8.19 -30.62 -6.94
CA ASN A 615 -8.70 -30.96 -5.63
C ASN A 615 -9.45 -29.75 -5.06
N THR A 616 -10.72 -29.95 -4.69
CA THR A 616 -11.52 -28.93 -4.06
C THR A 616 -12.13 -29.45 -2.78
N VAL A 617 -11.92 -28.74 -1.67
CA VAL A 617 -12.52 -29.08 -0.39
C VAL A 617 -13.47 -27.96 0.02
N LEU A 618 -14.67 -28.34 0.43
CA LEU A 618 -15.74 -27.43 0.79
C LEU A 618 -16.17 -27.75 2.22
N VAL A 619 -16.06 -26.78 3.11
CA VAL A 619 -16.30 -26.97 4.53
C VAL A 619 -17.48 -26.10 4.96
N VAL A 620 -18.37 -26.66 5.75
CA VAL A 620 -19.48 -25.93 6.34
C VAL A 620 -19.41 -26.24 7.83
N VAL A 621 -19.31 -25.22 8.66
CA VAL A 621 -19.15 -25.41 10.11
C VAL A 621 -20.27 -24.69 10.85
N ASN A 622 -20.83 -25.38 11.85
CA ASN A 622 -21.77 -24.79 12.78
C ASN A 622 -20.97 -24.30 13.96
N LEU A 623 -20.89 -22.98 14.12
CA LEU A 623 -20.12 -22.38 15.20
C LEU A 623 -20.84 -22.39 16.54
N ASP A 624 -22.12 -22.75 16.53
CA ASP A 624 -22.93 -22.87 17.73
C ASP A 624 -22.71 -24.25 18.33
N PRO A 625 -22.06 -24.33 19.50
CA PRO A 625 -21.84 -25.62 20.15
C PRO A 625 -23.01 -26.13 20.97
N ARG A 626 -24.07 -25.31 21.13
CA ARG A 626 -25.25 -25.66 21.94
C ARG A 626 -26.48 -26.08 21.14
N HIS A 627 -26.71 -25.46 19.97
CA HIS A 627 -27.96 -25.63 19.22
C HIS A 627 -27.71 -26.09 17.80
N THR A 628 -28.59 -26.98 17.34
CA THR A 628 -28.67 -27.38 15.96
C THR A 628 -28.96 -26.18 15.09
N GLN A 629 -28.25 -26.06 13.96
CA GLN A 629 -28.48 -24.99 13.00
C GLN A 629 -28.86 -25.55 11.65
N GLU A 630 -29.92 -25.00 11.08
CA GLU A 630 -30.30 -25.27 9.71
C GLU A 630 -29.97 -24.05 8.89
N ALA A 631 -29.33 -24.22 7.75
CA ALA A 631 -29.04 -23.09 6.88
C ALA A 631 -29.11 -23.43 5.40
N THR A 632 -29.27 -22.39 4.60
CA THR A 632 -29.03 -22.41 3.17
C THR A 632 -27.62 -21.85 2.94
N VAL A 633 -26.75 -22.68 2.38
CA VAL A 633 -25.41 -22.28 1.97
C VAL A 633 -25.50 -21.97 0.49
N SER A 634 -25.23 -20.71 0.13
CA SER A 634 -25.29 -20.26 -1.28
C SER A 634 -23.88 -20.23 -1.84
N LEU A 635 -23.54 -21.20 -2.68
CA LEU A 635 -22.18 -21.30 -3.22
C LEU A 635 -21.96 -20.34 -4.41
N ASP A 636 -20.95 -19.47 -4.28
N ASP A 636 -20.95 -19.47 -4.28
CA ASP A 636 -20.31 -18.82 -5.41
CA ASP A 636 -20.31 -18.82 -5.42
C ASP A 636 -19.68 -19.87 -6.35
C ASP A 636 -19.68 -19.87 -6.35
N MET A 637 -20.49 -20.38 -7.28
CA MET A 637 -20.08 -21.48 -8.17
C MET A 637 -18.86 -21.22 -9.08
N PRO A 638 -18.72 -19.99 -9.65
CA PRO A 638 -17.47 -19.64 -10.37
C PRO A 638 -16.19 -19.83 -9.57
N GLN A 639 -16.24 -19.64 -8.25
CA GLN A 639 -15.08 -19.86 -7.39
C GLN A 639 -14.75 -21.33 -7.16
N LEU A 640 -15.68 -22.22 -7.50
CA LEU A 640 -15.42 -23.65 -7.52
C LEU A 640 -15.08 -24.13 -8.92
N GLY A 641 -15.00 -23.21 -9.90
CA GLY A 641 -14.70 -23.56 -11.28
C GLY A 641 -15.87 -24.17 -12.01
N LEU A 642 -17.09 -23.83 -11.58
CA LEU A 642 -18.31 -24.42 -12.12
C LEU A 642 -19.25 -23.32 -12.61
N ASP A 643 -20.16 -23.69 -13.50
CA ASP A 643 -21.24 -22.79 -13.92
C ASP A 643 -22.36 -22.77 -12.87
N TRP A 644 -23.13 -21.68 -12.88
CA TRP A 644 -24.14 -21.43 -11.85
C TRP A 644 -25.22 -22.49 -11.74
N HIS A 645 -25.60 -23.06 -12.89
CA HIS A 645 -26.64 -24.09 -12.98
C HIS A 645 -26.19 -25.50 -12.59
N GLU A 646 -24.87 -25.75 -12.53
CA GLU A 646 -24.36 -27.10 -12.21
C GLU A 646 -24.70 -27.59 -10.81
N SER A 647 -24.78 -28.91 -10.70
CA SER A 647 -25.04 -29.63 -9.46
C SER A 647 -23.93 -30.67 -9.39
N VAL A 648 -23.12 -30.61 -8.35
CA VAL A 648 -21.94 -31.48 -8.26
C VAL A 648 -21.92 -32.35 -7.01
N PRO A 649 -21.50 -33.62 -7.17
CA PRO A 649 -21.46 -34.52 -6.04
C PRO A 649 -20.32 -34.17 -5.08
N VAL A 650 -20.62 -34.29 -3.79
CA VAL A 650 -19.63 -34.12 -2.73
C VAL A 650 -19.70 -35.30 -1.77
N ARG A 651 -18.59 -35.60 -1.11
CA ARG A 651 -18.57 -36.57 -0.02
C ARG A 651 -18.10 -35.89 1.23
N ASP A 652 -18.93 -35.93 2.27
CA ASP A 652 -18.53 -35.47 3.59
C ASP A 652 -17.55 -36.48 4.17
N GLU A 653 -16.28 -36.09 4.23
CA GLU A 653 -15.22 -37.01 4.65
C GLU A 653 -15.28 -37.37 6.14
N LEU A 654 -16.04 -36.64 6.95
CA LEU A 654 -16.24 -37.01 8.36
C LEU A 654 -17.19 -38.19 8.55
N THR A 655 -18.14 -38.37 7.63
CA THR A 655 -19.15 -39.42 7.74
C THR A 655 -19.12 -40.45 6.63
N GLY A 656 -18.60 -40.12 5.45
CA GLY A 656 -18.77 -40.98 4.26
C GLY A 656 -20.06 -40.77 3.48
N GLU A 657 -20.94 -39.88 3.95
CA GLU A 657 -22.20 -39.56 3.26
C GLU A 657 -21.94 -38.70 2.02
N THR A 658 -22.71 -38.98 0.97
CA THR A 658 -22.61 -38.26 -0.30
C THR A 658 -23.84 -37.38 -0.49
N TYR A 659 -23.63 -36.16 -0.97
CA TYR A 659 -24.70 -35.22 -1.29
C TYR A 659 -24.54 -34.70 -2.72
N HIS A 660 -25.58 -34.06 -3.24
CA HIS A 660 -25.51 -33.35 -4.51
C HIS A 660 -25.84 -31.90 -4.27
N TRP A 661 -24.82 -31.06 -4.39
CA TRP A 661 -24.94 -29.64 -4.08
C TRP A 661 -24.82 -28.79 -5.33
N GLY A 662 -25.70 -27.80 -5.44
CA GLY A 662 -25.64 -26.77 -6.48
C GLY A 662 -25.40 -25.41 -5.83
N ARG A 663 -25.95 -24.37 -6.45
N ARG A 663 -25.95 -24.37 -6.45
CA ARG A 663 -25.77 -23.00 -5.99
CA ARG A 663 -25.78 -22.99 -5.99
C ARG A 663 -26.44 -22.67 -4.64
C ARG A 663 -26.44 -22.67 -4.64
N ALA A 664 -27.43 -23.45 -4.22
CA ALA A 664 -28.15 -23.21 -2.95
C ALA A 664 -28.49 -24.55 -2.27
N ASN A 665 -27.96 -24.79 -1.08
CA ASN A 665 -28.05 -26.10 -0.44
C ASN A 665 -28.45 -25.98 1.01
N TYR A 666 -29.44 -26.77 1.40
CA TYR A 666 -29.84 -26.89 2.80
C TYR A 666 -28.80 -27.72 3.56
N VAL A 667 -28.43 -27.27 4.75
CA VAL A 667 -27.59 -28.08 5.64
C VAL A 667 -28.22 -28.09 7.00
N ARG A 668 -28.04 -29.19 7.73
CA ARG A 668 -28.50 -29.29 9.10
C ARG A 668 -27.34 -29.85 9.89
N LEU A 669 -26.89 -29.11 10.90
CA LEU A 669 -25.72 -29.49 11.69
C LEU A 669 -26.05 -29.49 13.17
N GLU A 670 -25.86 -30.64 13.80
CA GLU A 670 -26.31 -30.90 15.16
C GLU A 670 -25.09 -31.11 16.05
N PRO A 671 -24.93 -30.29 17.11
CA PRO A 671 -23.81 -30.51 18.03
C PRO A 671 -23.85 -31.89 18.68
N GLY A 672 -22.68 -32.56 18.73
CA GLY A 672 -22.55 -33.92 19.24
C GLY A 672 -22.72 -35.01 18.19
N ARG A 673 -23.15 -34.63 16.98
CA ARG A 673 -23.32 -35.55 15.87
C ARG A 673 -22.53 -35.06 14.67
N THR A 674 -22.85 -33.85 14.22
CA THR A 674 -22.30 -33.25 13.01
C THR A 674 -21.84 -31.81 13.32
N PRO A 675 -20.59 -31.64 13.81
CA PRO A 675 -20.08 -30.28 13.99
C PRO A 675 -19.96 -29.50 12.68
N ALA A 676 -19.72 -30.24 11.60
CA ALA A 676 -19.41 -29.66 10.31
C ALA A 676 -19.55 -30.70 9.21
N HIS A 677 -19.62 -30.22 7.96
CA HIS A 677 -19.33 -31.05 6.80
C HIS A 677 -17.94 -30.67 6.31
N VAL A 678 -17.07 -31.65 6.08
CA VAL A 678 -15.77 -31.43 5.45
C VAL A 678 -15.81 -32.24 4.16
N CYS A 679 -16.17 -31.59 3.07
CA CYS A 679 -16.49 -32.29 1.82
C CYS A 679 -15.42 -32.17 0.74
N THR A 680 -15.16 -33.26 0.02
CA THR A 680 -14.40 -33.23 -1.23
C THR A 680 -15.39 -33.23 -2.39
N VAL A 681 -15.07 -32.50 -3.45
CA VAL A 681 -15.83 -32.57 -4.70
C VAL A 681 -15.35 -33.80 -5.47
N LEU A 682 -16.26 -34.67 -5.91
CA LEU A 682 -15.88 -35.97 -6.51
C LEU A 682 -15.60 -35.87 -8.00
N PRO B 35 25.34 -6.91 8.09
CA PRO B 35 24.38 -5.96 8.67
C PRO B 35 22.93 -6.45 8.52
N THR B 36 22.06 -5.94 9.40
CA THR B 36 20.64 -6.32 9.39
C THR B 36 19.82 -5.25 8.69
N VAL B 37 18.71 -5.66 8.09
CA VAL B 37 17.78 -4.73 7.45
C VAL B 37 17.08 -3.86 8.50
N VAL B 38 16.70 -4.45 9.64
CA VAL B 38 16.02 -3.69 10.67
C VAL B 38 17.09 -3.20 11.66
N GLY B 39 16.94 -1.97 12.10
CA GLY B 39 17.87 -1.37 13.05
C GLY B 39 17.44 -1.68 14.48
N ARG B 40 18.13 -1.06 15.43
CA ARG B 40 17.95 -1.40 16.83
C ARG B 40 16.55 -1.10 17.32
N ILE B 41 16.02 0.06 16.95
CA ILE B 41 14.64 0.40 17.17
C ILE B 41 13.96 0.42 15.80
N PRO B 42 13.04 -0.54 15.53
CA PRO B 42 12.38 -0.59 14.22
C PRO B 42 11.71 0.71 13.78
N VAL B 43 12.06 1.17 12.59
CA VAL B 43 11.41 2.29 11.95
C VAL B 43 11.15 1.87 10.50
N LEU B 44 9.88 1.70 10.14
CA LEU B 44 9.52 1.01 8.91
C LEU B 44 8.48 1.80 8.12
N ASP B 45 8.47 1.57 6.80
CA ASP B 45 7.42 2.08 5.91
CA ASP B 45 7.43 2.08 5.91
C ASP B 45 7.22 3.58 6.08
N VAL B 46 8.29 4.33 5.92
CA VAL B 46 8.23 5.78 5.98
C VAL B 46 7.41 6.29 4.77
N ARG B 47 6.47 7.19 5.03
CA ARG B 47 5.67 7.81 3.98
C ARG B 47 5.70 9.32 4.16
N PRO B 48 5.51 10.10 3.09
CA PRO B 48 5.19 9.62 1.75
C PRO B 48 6.39 8.98 1.04
N VAL B 49 6.08 8.09 0.11
CA VAL B 49 7.09 7.45 -0.72
C VAL B 49 6.50 7.33 -2.13
N VAL B 50 7.35 7.55 -3.13
CA VAL B 50 6.96 7.47 -4.52
C VAL B 50 7.91 6.52 -5.25
N GLN B 51 7.32 5.52 -5.91
CA GLN B 51 8.07 4.46 -6.62
C GLN B 51 9.22 3.90 -5.75
N ARG B 52 8.89 3.59 -4.50
CA ARG B 52 9.82 2.99 -3.54
C ARG B 52 11.08 3.86 -3.28
N GLY B 53 10.94 5.18 -3.36
CA GLY B 53 12.05 6.13 -3.14
C GLY B 53 12.86 6.51 -4.37
N ARG B 54 12.49 5.99 -5.54
CA ARG B 54 13.21 6.26 -6.76
C ARG B 54 12.82 7.61 -7.42
N ARG B 55 11.68 8.16 -7.01
CA ARG B 55 11.26 9.50 -7.41
C ARG B 55 10.87 10.30 -6.15
N PRO B 56 10.98 11.63 -6.22
CA PRO B 56 10.66 12.41 -5.03
C PRO B 56 9.16 12.58 -4.77
N ALA B 57 8.80 12.61 -3.49
CA ALA B 57 7.54 13.22 -3.06
C ALA B 57 7.66 14.72 -3.30
N LYS B 58 6.53 15.39 -3.38
CA LYS B 58 6.46 16.79 -3.79
C LYS B 58 5.84 17.69 -2.75
N ALA B 59 6.28 18.93 -2.76
CA ALA B 59 5.62 20.01 -2.04
C ALA B 59 5.95 21.32 -2.71
N VAL B 60 5.35 22.40 -2.23
CA VAL B 60 5.77 23.72 -2.61
C VAL B 60 6.11 24.51 -1.36
N THR B 61 6.86 25.59 -1.54
CA THR B 61 7.23 26.47 -0.44
C THR B 61 6.02 26.86 0.39
N GLY B 62 6.12 26.66 1.70
CA GLY B 62 5.06 27.03 2.65
C GLY B 62 3.99 25.97 2.81
N GLU B 63 4.08 24.84 2.11
CA GLU B 63 3.03 23.80 2.15
C GLU B 63 3.36 22.81 3.27
N SER B 64 2.35 22.49 4.08
CA SER B 64 2.48 21.45 5.11
C SER B 64 2.02 20.10 4.61
N PHE B 65 2.65 19.04 5.09
CA PHE B 65 2.16 17.69 4.90
C PHE B 65 2.70 16.80 6.01
N GLU B 66 2.16 15.59 6.08
CA GLU B 66 2.52 14.67 7.15
C GLU B 66 3.60 13.68 6.70
N VAL B 67 4.65 13.56 7.50
CA VAL B 67 5.59 12.43 7.39
C VAL B 67 5.21 11.41 8.44
N SER B 68 5.14 10.13 8.06
CA SER B 68 4.74 9.09 8.99
C SER B 68 5.60 7.85 8.88
N ALA B 69 5.52 7.00 9.90
CA ALA B 69 6.25 5.76 9.93
C ALA B 69 5.65 4.82 10.97
N THR B 70 6.03 3.57 10.86
CA THR B 70 5.67 2.54 11.83
C THR B 70 6.90 2.40 12.74
N VAL B 71 6.71 2.69 14.03
CA VAL B 71 7.82 2.73 15.00
C VAL B 71 7.37 1.99 16.24
N PHE B 72 8.21 1.08 16.73
CA PHE B 72 7.91 0.29 17.93
C PHE B 72 9.21 -0.34 18.39
N ARG B 73 9.22 -0.97 19.56
CA ARG B 73 10.39 -1.70 20.01
C ARG B 73 9.98 -3.00 20.67
N GLU B 74 10.99 -3.80 20.99
CA GLU B 74 10.81 -5.03 21.74
C GLU B 74 10.47 -4.68 23.18
N GLY B 75 9.75 -5.57 23.86
CA GLY B 75 9.41 -5.38 25.26
C GLY B 75 8.27 -4.40 25.42
N HIS B 76 8.16 -3.81 26.60
CA HIS B 76 6.95 -3.01 26.91
C HIS B 76 7.25 -1.53 27.13
N ASP B 77 8.50 -1.12 27.00
CA ASP B 77 8.87 0.26 27.28
C ASP B 77 8.51 1.18 26.09
N ALA B 78 8.49 2.48 26.37
CA ALA B 78 7.98 3.44 25.40
C ALA B 78 9.02 3.78 24.33
N VAL B 79 8.52 4.19 23.17
CA VAL B 79 9.33 4.72 22.08
C VAL B 79 8.96 6.18 21.82
N GLY B 80 9.89 6.88 21.18
CA GLY B 80 9.66 8.20 20.59
C GLY B 80 10.18 8.22 19.16
N ALA B 81 9.78 9.27 18.45
CA ALA B 81 10.28 9.47 17.11
C ALA B 81 10.26 10.94 16.70
N ASN B 82 11.06 11.29 15.70
CA ASN B 82 11.13 12.65 15.17
C ASN B 82 11.53 12.62 13.71
N VAL B 83 11.19 13.68 12.98
CA VAL B 83 11.49 13.79 11.56
C VAL B 83 12.63 14.77 11.39
N VAL B 84 13.65 14.38 10.64
CA VAL B 84 14.76 15.27 10.30
C VAL B 84 14.68 15.60 8.81
N LEU B 85 14.39 16.86 8.53
CA LEU B 85 14.27 17.38 7.19
C LEU B 85 15.62 18.03 6.87
N ARG B 86 16.27 17.67 5.77
CA ARG B 86 17.53 18.30 5.35
C ARG B 86 17.32 19.08 4.07
N ASP B 87 17.83 20.31 4.09
CA ASP B 87 17.60 21.25 3.00
C ASP B 87 18.59 20.93 1.86
N PRO B 88 18.53 21.69 0.75
CA PRO B 88 19.41 21.35 -0.39
C PRO B 88 20.90 21.42 -0.10
N ARG B 89 21.33 22.19 0.90
CA ARG B 89 22.73 22.19 1.33
C ARG B 89 23.05 21.18 2.45
N GLY B 90 22.11 20.28 2.75
CA GLY B 90 22.31 19.27 3.80
C GLY B 90 22.06 19.69 5.25
N ARG B 91 21.59 20.93 5.46
CA ARG B 91 21.36 21.45 6.81
C ARG B 91 20.04 20.95 7.39
N PRO B 92 20.08 20.44 8.63
CA PRO B 92 18.85 19.93 9.25
C PRO B 92 17.85 21.01 9.64
N GLY B 93 16.58 20.67 9.61
CA GLY B 93 15.52 21.56 10.00
C GLY B 93 15.31 21.45 11.50
N PRO B 94 14.21 22.01 11.98
CA PRO B 94 14.00 22.12 13.41
C PRO B 94 13.58 20.80 14.03
N TRP B 95 13.70 20.72 15.35
CA TRP B 95 13.20 19.59 16.13
C TRP B 95 11.72 19.35 15.81
N THR B 96 11.37 18.15 15.38
CA THR B 96 10.03 17.89 14.86
C THR B 96 9.56 16.55 15.42
N PRO B 97 9.11 16.55 16.67
CA PRO B 97 8.75 15.27 17.28
C PRO B 97 7.48 14.73 16.66
N MET B 98 7.39 13.41 16.59
CA MET B 98 6.19 12.74 16.08
C MET B 98 5.35 12.25 17.24
N ARG B 99 4.09 11.93 16.96
CA ARG B 99 3.17 11.35 17.95
CA ARG B 99 3.16 11.35 17.94
C ARG B 99 2.52 10.12 17.32
N GLU B 100 2.07 9.21 18.17
CA GLU B 100 1.34 8.05 17.69
C GLU B 100 -0.03 8.52 17.22
N LEU B 101 -0.40 8.16 15.99
CA LEU B 101 -1.56 8.76 15.34
C LEU B 101 -2.88 8.20 15.84
N ALA B 102 -2.86 6.95 16.29
CA ALA B 102 -4.02 6.35 16.94
C ALA B 102 -3.48 5.31 17.91
N PRO B 103 -4.12 5.15 19.09
CA PRO B 103 -3.51 4.27 20.09
C PRO B 103 -3.45 2.80 19.63
N GLY B 104 -2.39 2.11 20.04
CA GLY B 104 -2.16 0.71 19.67
C GLY B 104 -1.90 0.39 18.21
N THR B 105 -1.64 1.40 17.36
CA THR B 105 -1.40 1.15 15.94
C THR B 105 0.10 1.11 15.59
N ASP B 106 0.93 1.72 16.43
CA ASP B 106 2.34 1.92 16.16
C ASP B 106 2.64 2.77 14.90
N ARG B 107 1.68 3.56 14.44
CA ARG B 107 1.88 4.48 13.32
C ARG B 107 2.07 5.88 13.89
N TRP B 108 3.22 6.48 13.60
CA TRP B 108 3.63 7.76 14.15
C TRP B 108 3.68 8.79 13.04
N GLY B 109 3.39 10.03 13.38
CA GLY B 109 3.44 11.11 12.40
C GLY B 109 3.75 12.49 12.94
N ALA B 110 4.22 13.34 12.05
CA ALA B 110 4.40 14.77 12.32
C ALA B 110 4.18 15.56 11.06
N THR B 111 3.69 16.77 11.25
CA THR B 111 3.52 17.73 10.18
C THR B 111 4.85 18.43 9.95
N VAL B 112 5.26 18.50 8.69
CA VAL B 112 6.41 19.30 8.28
C VAL B 112 5.95 20.35 7.30
N THR B 113 6.74 21.42 7.21
CA THR B 113 6.45 22.53 6.32
C THR B 113 7.67 22.77 5.43
N ALA B 114 7.41 22.75 4.13
CA ALA B 114 8.43 22.94 3.14
C ALA B 114 8.91 24.37 3.12
N GLY B 115 10.23 24.55 3.05
CA GLY B 115 10.85 25.89 2.92
C GLY B 115 11.23 26.24 1.49
N GLU B 116 12.46 26.72 1.29
CA GLU B 116 12.97 27.16 -0.01
C GLU B 116 12.94 26.01 -1.03
N THR B 117 12.85 26.38 -2.28
CA THR B 117 12.75 25.41 -3.35
C THR B 117 14.07 24.65 -3.50
N GLY B 118 13.97 23.43 -4.00
CA GLY B 118 15.13 22.58 -4.25
C GLY B 118 14.83 21.15 -3.87
N THR B 119 15.88 20.32 -3.87
CA THR B 119 15.77 18.92 -3.50
C THR B 119 16.19 18.74 -2.06
N TRP B 120 15.23 18.35 -1.24
CA TRP B 120 15.44 18.10 0.19
C TRP B 120 15.45 16.59 0.43
N SER B 121 15.70 16.20 1.67
CA SER B 121 15.49 14.80 2.10
C SER B 121 14.86 14.78 3.49
N TYR B 122 14.19 13.68 3.81
CA TYR B 122 13.66 13.46 5.13
C TYR B 122 13.96 12.05 5.63
N THR B 123 14.22 12.01 6.93
CA THR B 123 14.57 10.80 7.66
C THR B 123 13.67 10.77 8.90
N VAL B 124 13.26 9.58 9.32
CA VAL B 124 12.61 9.41 10.62
C VAL B 124 13.63 8.80 11.55
N GLU B 125 13.79 9.40 12.73
CA GLU B 125 14.65 8.88 13.79
C GLU B 125 13.72 8.32 14.84
N ALA B 126 13.96 7.05 15.23
CA ALA B 126 13.20 6.35 16.25
C ALA B 126 14.12 6.02 17.43
N TRP B 127 13.54 5.94 18.63
CA TRP B 127 14.34 5.81 19.85
C TRP B 127 13.54 5.30 21.02
N GLY B 128 14.21 4.61 21.92
CA GLY B 128 13.62 4.31 23.21
C GLY B 128 13.44 5.60 23.99
N ASP B 129 12.31 5.74 24.66
CA ASP B 129 11.99 6.90 25.48
C ASP B 129 11.99 6.45 26.96
N PRO B 130 13.18 6.30 27.57
CA PRO B 130 13.23 5.74 28.93
C PRO B 130 12.55 6.62 30.00
N VAL B 131 12.57 7.94 29.84
CA VAL B 131 11.94 8.82 30.83
C VAL B 131 10.43 8.59 30.92
N THR B 132 9.75 8.47 29.77
CA THR B 132 8.32 8.22 29.73
C THR B 132 8.02 6.91 30.47
N THR B 133 8.83 5.90 30.21
CA THR B 133 8.63 4.61 30.86
C THR B 133 8.85 4.68 32.36
N TRP B 134 9.94 5.32 32.76
CA TRP B 134 10.25 5.44 34.17
C TRP B 134 9.14 6.22 34.91
N ARG B 135 8.67 7.30 34.32
CA ARG B 135 7.60 8.08 34.93
C ARG B 135 6.33 7.26 35.17
N HIS B 136 5.99 6.41 34.19
CA HIS B 136 4.80 5.56 34.28
C HIS B 136 4.94 4.64 35.48
N HIS B 137 6.08 3.97 35.61
CA HIS B 137 6.30 3.08 36.76
C HIS B 137 6.39 3.85 38.10
N ALA B 138 7.10 4.97 38.11
CA ALA B 138 7.28 5.76 39.36
C ALA B 138 5.96 6.31 39.91
N ARG B 139 5.05 6.75 39.03
N ARG B 139 5.06 6.75 39.03
CA ARG B 139 3.74 7.24 39.45
CA ARG B 139 3.74 7.25 39.44
C ARG B 139 2.91 6.18 40.20
C ARG B 139 2.96 6.18 40.21
N ILE B 140 3.14 4.91 39.85
CA ILE B 140 2.53 3.77 40.56
C ILE B 140 3.34 3.35 41.79
N LYS B 141 4.64 3.11 41.63
CA LYS B 141 5.47 2.53 42.72
C LYS B 141 5.70 3.46 43.93
N ILE B 142 5.75 4.76 43.70
CA ILE B 142 6.02 5.71 44.77
C ILE B 142 4.85 5.82 45.79
N PRO B 143 3.60 6.04 45.35
CA PRO B 143 2.47 5.95 46.31
C PRO B 143 2.36 4.59 47.03
N ALA B 144 2.69 3.50 46.34
CA ALA B 144 2.63 2.15 46.93
C ALA B 144 3.74 1.86 47.95
N GLY B 145 4.79 2.68 47.99
CA GLY B 145 5.95 2.43 48.87
C GLY B 145 6.80 1.26 48.40
N LEU B 146 6.77 0.96 47.10
CA LEU B 146 7.51 -0.17 46.53
C LEU B 146 8.89 0.26 46.02
N ASP B 147 9.95 -0.06 46.79
CA ASP B 147 11.36 0.16 46.40
C ASP B 147 11.64 1.64 46.11
N THR B 148 11.21 2.53 46.99
CA THR B 148 11.12 3.94 46.57
C THR B 148 12.51 4.55 46.35
N ASP B 149 13.47 4.20 47.18
CA ASP B 149 14.84 4.67 47.01
C ASP B 149 15.50 4.23 45.69
N LEU B 150 15.35 2.96 45.30
CA LEU B 150 15.83 2.49 44.01
C LEU B 150 15.15 3.20 42.84
N VAL B 151 13.83 3.36 42.91
CA VAL B 151 13.06 3.98 41.84
C VAL B 151 13.52 5.41 41.63
N LEU B 152 13.68 6.15 42.72
CA LEU B 152 14.05 7.55 42.62
C LEU B 152 15.50 7.72 42.13
N GLU B 153 16.40 6.85 42.56
CA GLU B 153 17.78 6.89 42.06
C GLU B 153 17.84 6.54 40.58
N GLU B 154 17.03 5.58 40.14
CA GLU B 154 16.91 5.26 38.72
C GLU B 154 16.45 6.47 37.91
N GLY B 155 15.47 7.20 38.44
CA GLY B 155 15.01 8.46 37.84
C GLY B 155 16.14 9.49 37.75
N ALA B 156 16.85 9.66 38.86
CA ALA B 156 17.96 10.61 38.93
C ALA B 156 19.00 10.33 37.85
N ARG B 157 19.33 9.07 37.61
CA ARG B 157 20.30 8.71 36.59
C ARG B 157 19.83 9.01 35.17
N LEU B 158 18.53 8.83 34.90
CA LEU B 158 17.98 9.19 33.59
C LEU B 158 18.03 10.71 33.39
N TYR B 159 17.61 11.47 34.39
CA TYR B 159 17.56 12.91 34.26
C TYR B 159 18.96 13.52 34.13
N GLU B 160 19.96 12.93 34.79
CA GLU B 160 21.33 13.44 34.64
C GLU B 160 21.88 13.11 33.26
N ARG B 161 21.53 11.95 32.69
CA ARG B 161 21.88 11.68 31.31
C ARG B 161 21.17 12.67 30.38
N ALA B 162 19.91 13.00 30.67
CA ALA B 162 19.18 13.97 29.85
C ALA B 162 19.88 15.33 29.89
N ALA B 163 20.27 15.77 31.08
CA ALA B 163 20.94 17.06 31.25
C ALA B 163 22.28 17.14 30.49
N ALA B 164 23.00 16.03 30.39
CA ALA B 164 24.30 16.03 29.71
C ALA B 164 24.21 16.29 28.18
N ASP B 165 23.10 15.93 27.55
CA ASP B 165 22.85 16.19 26.10
C ASP B 165 22.17 17.54 25.78
N VAL B 166 21.88 18.35 26.79
CA VAL B 166 21.08 19.57 26.60
C VAL B 166 22.05 20.72 26.32
N PRO B 167 21.87 21.46 25.20
CA PRO B 167 22.82 22.53 24.86
C PRO B 167 22.69 23.82 25.67
N GLY B 168 21.48 24.19 26.08
CA GLY B 168 21.27 25.46 26.79
C GLY B 168 21.53 25.35 28.30
N ARG B 169 22.31 26.28 28.83
CA ARG B 169 22.61 26.38 30.26
C ARG B 169 21.38 26.38 31.18
N GLU B 170 20.35 27.18 30.87
CA GLU B 170 19.19 27.28 31.78
CA GLU B 170 19.17 27.31 31.73
C GLU B 170 18.34 26.02 31.74
N ASP B 171 18.23 25.36 30.58
CA ASP B 171 17.59 24.04 30.51
C ASP B 171 18.33 22.97 31.33
N ARG B 172 19.67 22.96 31.24
CA ARG B 172 20.52 22.04 31.98
C ARG B 172 20.29 22.22 33.48
N ARG B 173 20.30 23.46 33.93
CA ARG B 173 20.06 23.77 35.35
C ARG B 173 18.67 23.31 35.86
N GLU B 174 17.64 23.45 35.02
CA GLU B 174 16.31 22.94 35.32
C GLU B 174 16.35 21.40 35.55
N LEU B 175 16.97 20.68 34.64
CA LEU B 175 17.10 19.23 34.81
C LEU B 175 17.95 18.82 36.01
N LEU B 176 19.07 19.51 36.22
CA LEU B 176 19.96 19.19 37.33
C LEU B 176 19.33 19.50 38.67
N ALA B 177 18.44 20.49 38.72
CA ALA B 177 17.69 20.75 39.96
C ALA B 177 16.72 19.57 40.24
N ALA B 178 16.13 19.02 39.17
CA ALA B 178 15.30 17.83 39.31
C ALA B 178 16.13 16.63 39.79
N VAL B 179 17.33 16.47 39.24
CA VAL B 179 18.25 15.42 39.68
C VAL B 179 18.52 15.52 41.17
N ASP B 180 18.87 16.73 41.64
CA ASP B 180 19.17 16.93 43.06
C ASP B 180 17.96 16.63 43.95
N ALA B 181 16.77 17.07 43.52
CA ALA B 181 15.55 16.73 44.28
C ALA B 181 15.28 15.21 44.31
N LEU B 182 15.49 14.54 43.18
CA LEU B 182 15.30 13.08 43.12
C LEU B 182 16.23 12.36 44.08
N ARG B 183 17.46 12.87 44.23
CA ARG B 183 18.47 12.28 45.13
C ARG B 183 18.42 12.74 46.58
N ASP B 184 17.50 13.65 46.90
CA ASP B 184 17.45 14.25 48.23
C ASP B 184 16.66 13.35 49.19
N GLU B 185 17.41 12.49 49.88
CA GLU B 185 16.81 11.53 50.84
C GLU B 185 16.13 12.15 52.06
N SER B 186 16.34 13.46 52.28
CA SER B 186 15.66 14.16 53.38
CA SER B 186 15.68 14.18 53.36
C SER B 186 14.26 14.66 53.01
N ARG B 187 13.90 14.60 51.73
CA ARG B 187 12.55 14.98 51.26
C ARG B 187 11.68 13.72 51.21
N PRO B 188 10.37 13.85 51.47
CA PRO B 188 9.47 12.72 51.23
C PRO B 188 9.49 12.24 49.78
N ALA B 189 9.31 10.93 49.62
CA ALA B 189 9.28 10.27 48.31
C ALA B 189 8.36 10.97 47.31
N ALA B 190 7.14 11.30 47.72
CA ALA B 190 6.19 11.97 46.82
C ALA B 190 6.68 13.36 46.32
N SER B 191 7.38 14.08 47.18
CA SER B 191 7.95 15.39 46.82
C SER B 191 9.16 15.25 45.88
N ARG B 192 10.00 14.25 46.14
CA ARG B 192 11.13 13.95 45.25
C ARG B 192 10.61 13.64 43.86
N LEU B 193 9.56 12.82 43.77
CA LEU B 193 8.96 12.50 42.48
C LEU B 193 8.34 13.72 41.82
N ALA B 194 7.56 14.50 42.57
CA ALA B 194 6.87 15.66 41.97
C ALA B 194 7.84 16.67 41.33
N ALA B 195 9.01 16.85 41.93
CA ALA B 195 10.04 17.75 41.37
C ALA B 195 10.50 17.32 39.97
N ALA B 196 10.42 16.03 39.68
CA ALA B 196 10.77 15.50 38.36
C ALA B 196 9.65 15.62 37.31
N LEU B 197 8.43 16.00 37.72
CA LEU B 197 7.25 16.00 36.84
C LEU B 197 6.64 17.38 36.63
N THR B 198 7.40 18.43 36.93
CA THR B 198 6.87 19.79 36.82
C THR B 198 6.66 20.19 35.36
N PRO B 199 5.79 21.18 35.11
CA PRO B 199 5.65 21.66 33.71
C PRO B 199 6.96 22.20 33.10
N GLN B 200 7.81 22.82 33.91
CA GLN B 200 9.05 23.40 33.40
C GLN B 200 10.06 22.28 33.01
N VAL B 201 10.13 21.22 33.81
CA VAL B 201 10.91 20.03 33.44
C VAL B 201 10.33 19.37 32.18
N ASP B 202 9.00 19.20 32.14
CA ASP B 202 8.31 18.69 30.93
C ASP B 202 8.68 19.46 29.67
N ALA B 203 8.72 20.79 29.75
CA ALA B 203 9.01 21.60 28.56
C ALA B 203 10.43 21.39 28.09
N VAL B 204 11.38 21.23 29.01
CA VAL B 204 12.77 20.93 28.62
C VAL B 204 12.83 19.58 27.92
N LEU B 205 12.22 18.56 28.49
CA LEU B 205 12.28 17.20 27.93
C LEU B 205 11.46 17.03 26.62
N ALA B 206 10.42 17.83 26.40
CA ALA B 206 9.72 17.85 25.11
C ALA B 206 10.65 18.37 23.99
N ARG B 207 11.48 19.38 24.28
CA ARG B 207 12.46 19.92 23.34
CA ARG B 207 12.45 19.89 23.30
C ARG B 207 13.74 19.07 23.23
N HIS B 208 14.21 18.50 24.34
CA HIS B 208 15.46 17.73 24.35
C HIS B 208 15.29 16.42 25.14
N PRO B 209 14.51 15.49 24.60
CA PRO B 209 14.29 14.25 25.31
C PRO B 209 15.57 13.42 25.39
N LEU B 210 15.65 12.56 26.40
CA LEU B 210 16.69 11.55 26.46
C LEU B 210 16.29 10.43 25.48
N ARG B 211 17.10 10.21 24.44
CA ARG B 211 16.78 9.28 23.36
C ARG B 211 17.72 8.09 23.43
N ASP B 212 17.19 6.89 23.65
CA ASP B 212 18.01 5.67 23.65
C ASP B 212 18.04 5.04 22.28
N LEU B 213 19.21 4.59 21.84
CA LEU B 213 19.34 3.65 20.73
C LEU B 213 18.77 4.23 19.43
N VAL B 214 19.11 5.49 19.16
CA VAL B 214 18.58 6.24 18.04
C VAL B 214 18.84 5.48 16.75
N THR B 215 17.76 5.23 16.01
CA THR B 215 17.84 4.49 14.77
C THR B 215 17.17 5.32 13.69
N SER B 216 17.80 5.44 12.53
CA SER B 216 17.28 6.25 11.40
C SER B 216 16.81 5.41 10.23
N SER B 217 15.74 5.85 9.61
CA SER B 217 15.37 5.35 8.29
C SER B 217 16.40 5.80 7.26
N ASP B 218 16.41 5.17 6.10
CA ASP B 218 17.19 5.68 4.97
C ASP B 218 16.50 6.96 4.44
N PRO B 219 17.28 7.96 4.05
CA PRO B 219 16.65 9.21 3.61
C PRO B 219 15.75 9.06 2.37
N LEU B 220 14.64 9.77 2.36
CA LEU B 220 13.75 9.86 1.20
C LEU B 220 13.78 11.25 0.59
N PRO B 221 13.66 11.33 -0.74
CA PRO B 221 13.77 12.62 -1.41
C PRO B 221 12.46 13.43 -1.42
N LEU B 222 12.59 14.75 -1.30
CA LEU B 222 11.44 15.67 -1.36
C LEU B 222 11.79 16.77 -2.35
N LEU B 223 10.92 16.97 -3.33
CA LEU B 223 11.11 18.03 -4.32
C LEU B 223 10.21 19.21 -3.93
N VAL B 224 10.82 20.33 -3.57
CA VAL B 224 10.07 21.53 -3.20
C VAL B 224 10.14 22.52 -4.35
N GLU B 225 8.98 22.91 -4.85
CA GLU B 225 8.86 23.79 -6.04
C GLU B 225 8.13 25.07 -5.65
N ARG B 226 8.10 26.03 -6.56
CA ARG B 226 7.55 27.34 -6.26
C ARG B 226 6.03 27.29 -6.09
N GLU B 227 5.51 28.29 -5.41
CA GLU B 227 4.07 28.41 -5.10
C GLU B 227 3.15 28.12 -6.30
N ARG B 228 3.48 28.70 -7.45
CA ARG B 228 2.62 28.58 -8.63
C ARG B 228 2.40 27.15 -9.11
N ALA B 229 3.32 26.23 -8.79
CA ALA B 229 3.13 24.82 -9.14
C ALA B 229 1.85 24.23 -8.52
N LEU B 230 1.50 24.69 -7.32
CA LEU B 230 0.30 24.23 -6.64
C LEU B 230 -0.88 25.20 -6.74
N TYR B 231 -0.59 26.50 -6.69
CA TYR B 231 -1.63 27.51 -6.51
C TYR B 231 -1.61 28.53 -7.65
N GLY B 232 -2.75 28.73 -8.28
CA GLY B 232 -2.89 29.75 -9.35
C GLY B 232 -4.21 29.61 -10.08
N ALA B 233 -4.70 30.72 -10.63
CA ALA B 233 -5.89 30.71 -11.44
C ALA B 233 -5.50 30.91 -12.91
N TRP B 234 -6.00 30.06 -13.78
CA TRP B 234 -5.59 30.01 -15.18
C TRP B 234 -6.71 30.44 -16.14
N TYR B 235 -6.34 31.15 -17.20
CA TYR B 235 -7.30 31.59 -18.24
C TYR B 235 -6.72 31.26 -19.60
N GLU B 236 -7.47 30.46 -20.37
CA GLU B 236 -7.04 30.10 -21.72
C GLU B 236 -7.78 30.95 -22.77
N PHE B 237 -7.04 31.51 -23.70
CA PHE B 237 -7.66 32.17 -24.88
C PHE B 237 -6.79 32.14 -26.11
N PHE B 238 -7.41 32.34 -27.26
CA PHE B 238 -6.73 32.33 -28.56
C PHE B 238 -6.45 33.76 -29.00
N PRO B 239 -5.17 34.18 -29.04
CA PRO B 239 -4.85 35.53 -29.46
C PRO B 239 -5.45 35.89 -30.82
N ARG B 240 -5.48 34.94 -31.76
CA ARG B 240 -6.03 35.25 -33.08
C ARG B 240 -7.50 35.70 -33.05
N SER B 241 -8.27 35.30 -32.04
CA SER B 241 -9.66 35.74 -31.94
C SER B 241 -9.85 37.19 -31.46
N GLU B 242 -8.82 37.82 -30.92
CA GLU B 242 -8.90 39.19 -30.39
C GLU B 242 -8.36 40.20 -31.38
N GLY B 243 -9.02 40.29 -32.53
CA GLY B 243 -8.66 41.21 -33.58
C GLY B 243 -9.59 42.40 -33.64
N THR B 244 -9.69 42.99 -34.84
CA THR B 244 -10.45 44.21 -35.09
C THR B 244 -11.25 44.08 -36.39
N PRO B 245 -12.20 44.99 -36.63
CA PRO B 245 -12.91 44.95 -37.92
C PRO B 245 -12.00 45.08 -39.16
N HIS B 246 -10.96 45.92 -39.05
CA HIS B 246 -9.97 46.13 -40.12
C HIS B 246 -9.07 44.90 -40.33
N THR B 247 -8.68 44.23 -39.22
CA THR B 247 -7.83 43.02 -39.27
C THR B 247 -8.41 41.97 -38.31
N PRO B 248 -9.32 41.11 -38.82
CA PRO B 248 -10.00 40.12 -37.97
C PRO B 248 -9.07 39.16 -37.24
N HIS B 249 -7.98 38.75 -37.87
CA HIS B 249 -7.00 37.90 -37.24
C HIS B 249 -6.20 38.75 -36.25
N GLY B 250 -6.40 38.46 -34.97
CA GLY B 250 -5.70 39.15 -33.90
C GLY B 250 -4.20 38.94 -33.98
N THR B 251 -3.48 39.91 -33.43
CA THR B 251 -2.03 39.84 -33.30
C THR B 251 -1.68 39.84 -31.82
N PHE B 252 -0.40 39.64 -31.51
CA PHE B 252 0.04 39.83 -30.11
C PHE B 252 -0.21 41.23 -29.59
N ARG B 253 -0.16 42.24 -30.46
CA ARG B 253 -0.41 43.60 -30.02
C ARG B 253 -1.89 43.85 -29.72
N THR B 254 -2.79 43.29 -30.52
CA THR B 254 -4.23 43.44 -30.26
C THR B 254 -4.66 42.54 -29.09
N ALA B 255 -4.16 41.31 -29.04
CA ALA B 255 -4.45 40.40 -27.94
C ALA B 255 -3.95 40.90 -26.58
N ALA B 256 -2.87 41.66 -26.56
CA ALA B 256 -2.38 42.27 -25.35
C ALA B 256 -3.41 43.18 -24.66
N ARG B 257 -4.31 43.80 -25.42
CA ARG B 257 -5.37 44.65 -24.87
C ARG B 257 -6.50 43.88 -24.21
N ARG B 258 -6.51 42.56 -24.37
CA ARG B 258 -7.37 41.69 -23.62
C ARG B 258 -6.83 41.37 -22.21
N LEU B 259 -5.52 41.51 -22.01
CA LEU B 259 -4.89 41.13 -20.75
C LEU B 259 -5.41 41.89 -19.53
N PRO B 260 -5.68 43.22 -19.67
CA PRO B 260 -6.21 43.92 -18.48
C PRO B 260 -7.51 43.31 -17.93
N ALA B 261 -8.44 42.89 -18.80
CA ALA B 261 -9.68 42.25 -18.33
C ALA B 261 -9.42 40.89 -17.63
N ILE B 262 -8.43 40.15 -18.13
CA ILE B 262 -8.05 38.86 -17.57
C ILE B 262 -7.45 39.04 -16.16
N ALA B 263 -6.52 39.98 -16.03
CA ALA B 263 -5.97 40.34 -14.72
C ALA B 263 -7.06 40.87 -13.77
N ALA B 264 -8.01 41.63 -14.29
CA ALA B 264 -9.08 42.17 -13.42
C ALA B 264 -10.06 41.08 -12.95
N MET B 265 -10.15 39.94 -13.66
CA MET B 265 -10.88 38.78 -13.14
C MET B 265 -10.08 38.00 -12.08
N GLY B 266 -8.85 38.42 -11.79
CA GLY B 266 -8.00 37.80 -10.78
C GLY B 266 -7.26 36.56 -11.25
N PHE B 267 -7.00 36.42 -12.56
CA PHE B 267 -6.19 35.33 -13.04
C PHE B 267 -4.70 35.59 -12.83
N ASP B 268 -3.93 34.51 -12.72
CA ASP B 268 -2.48 34.55 -12.57
C ASP B 268 -1.70 34.04 -13.79
N VAL B 269 -2.32 33.18 -14.59
CA VAL B 269 -1.65 32.50 -15.71
C VAL B 269 -2.55 32.59 -16.92
N VAL B 270 -1.97 32.97 -18.05
CA VAL B 270 -2.65 32.94 -19.35
C VAL B 270 -2.07 31.78 -20.15
N TYR B 271 -2.91 30.83 -20.51
CA TYR B 271 -2.50 29.66 -21.32
C TYR B 271 -2.88 29.95 -22.77
N LEU B 272 -1.87 29.99 -23.64
CA LEU B 272 -2.09 30.19 -25.08
C LEU B 272 -1.99 28.88 -25.85
N PRO B 273 -2.98 28.59 -26.71
CA PRO B 273 -2.80 27.55 -27.70
C PRO B 273 -1.58 27.82 -28.59
N PRO B 274 -1.13 26.83 -29.36
CA PRO B 274 0.09 27.01 -30.13
C PRO B 274 0.13 28.30 -30.97
N ILE B 275 1.25 29.00 -30.91
CA ILE B 275 1.43 30.32 -31.49
C ILE B 275 2.32 30.31 -32.77
N HIS B 276 2.49 29.13 -33.37
CA HIS B 276 3.44 28.90 -34.46
C HIS B 276 2.69 28.96 -35.79
N PRO B 277 3.43 28.97 -36.91
CA PRO B 277 2.76 28.84 -38.21
C PRO B 277 1.94 27.56 -38.28
N ILE B 278 0.90 27.58 -39.11
CA ILE B 278 -0.08 26.48 -39.21
C ILE B 278 -0.01 25.88 -40.61
N GLY B 279 0.03 24.56 -40.72
CA GLY B 279 0.16 23.91 -42.03
C GLY B 279 -1.00 24.20 -42.97
N THR B 280 -0.74 24.06 -44.27
CA THR B 280 -1.78 24.13 -45.30
C THR B 280 -2.25 22.76 -45.78
N THR B 281 -1.33 21.80 -45.86
CA THR B 281 -1.66 20.43 -46.33
C THR B 281 -2.60 19.75 -45.33
N HIS B 282 -3.77 19.34 -45.81
CA HIS B 282 -4.83 18.75 -45.00
C HIS B 282 -5.33 19.63 -43.84
N ARG B 283 -5.23 20.96 -44.00
CA ARG B 283 -5.78 21.88 -43.05
C ARG B 283 -7.28 21.62 -42.86
N LYS B 284 -7.73 21.67 -41.61
CA LYS B 284 -9.15 21.44 -41.35
C LYS B 284 -9.92 22.73 -41.50
N GLY B 285 -11.16 22.58 -41.96
CA GLY B 285 -12.14 23.65 -42.03
C GLY B 285 -12.93 23.81 -40.74
N ARG B 286 -13.94 24.67 -40.81
CA ARG B 286 -14.77 24.99 -39.66
CA ARG B 286 -14.74 24.97 -39.63
C ARG B 286 -15.50 23.73 -39.14
N ASN B 287 -15.74 23.66 -37.83
CA ASN B 287 -16.46 22.54 -37.21
C ASN B 287 -15.84 21.19 -37.50
N ASN B 288 -14.51 21.17 -37.54
CA ASN B 288 -13.75 19.94 -37.69
C ASN B 288 -14.05 19.26 -39.02
N THR B 289 -14.26 20.03 -40.08
CA THR B 289 -14.43 19.47 -41.43
C THR B 289 -13.04 19.28 -42.03
N LEU B 290 -12.94 18.38 -42.99
CA LEU B 290 -11.64 17.92 -43.49
C LEU B 290 -10.95 18.81 -44.51
N SER B 291 -11.72 19.65 -45.22
CA SER B 291 -11.18 20.53 -46.26
C SER B 291 -11.39 21.96 -45.85
N ALA B 292 -10.30 22.68 -45.64
CA ALA B 292 -10.33 24.11 -45.46
C ALA B 292 -10.71 24.84 -46.76
N THR B 293 -11.55 25.86 -46.67
CA THR B 293 -11.74 26.83 -47.77
C THR B 293 -10.51 27.75 -47.83
N GLY B 294 -10.55 28.75 -48.71
CA GLY B 294 -9.45 29.69 -48.87
C GLY B 294 -9.18 30.66 -47.72
N ASP B 295 -10.22 31.08 -46.99
CA ASP B 295 -10.05 31.98 -45.84
C ASP B 295 -9.82 31.25 -44.50
N ASP B 296 -10.09 29.94 -44.45
CA ASP B 296 -10.04 29.20 -43.17
C ASP B 296 -8.66 29.24 -42.51
N VAL B 297 -8.66 29.47 -41.20
CA VAL B 297 -7.42 29.69 -40.44
C VAL B 297 -6.70 28.41 -39.99
N GLY B 298 -7.43 27.29 -40.00
CA GLY B 298 -6.87 26.02 -39.56
C GLY B 298 -6.74 25.94 -38.04
N VAL B 299 -6.15 24.85 -37.58
CA VAL B 299 -6.07 24.53 -36.16
C VAL B 299 -4.65 24.82 -35.67
N PRO B 300 -4.52 25.56 -34.56
CA PRO B 300 -3.14 25.92 -34.11
C PRO B 300 -2.25 24.71 -33.81
N TRP B 301 -2.86 23.58 -33.43
CA TRP B 301 -2.10 22.35 -33.15
C TRP B 301 -1.50 21.68 -34.41
N ALA B 302 -1.86 22.13 -35.61
CA ALA B 302 -1.28 21.65 -36.86
C ALA B 302 -0.05 22.48 -37.17
N ILE B 303 0.97 22.25 -36.37
CA ILE B 303 2.13 23.12 -36.29
C ILE B 303 3.09 22.93 -37.43
N GLY B 304 3.46 24.03 -38.06
CA GLY B 304 4.61 24.06 -38.94
C GLY B 304 4.29 24.31 -40.40
N SER B 305 5.14 25.11 -41.03
CA SER B 305 5.05 25.39 -42.47
C SER B 305 6.44 25.82 -42.92
N PRO B 306 6.60 26.14 -44.22
CA PRO B 306 7.88 26.74 -44.61
C PRO B 306 8.22 28.06 -43.89
N GLU B 307 7.21 28.71 -43.28
CA GLU B 307 7.42 29.93 -42.47
C GLU B 307 8.11 29.62 -41.11
N GLY B 308 8.12 28.36 -40.69
CA GLY B 308 8.82 27.90 -39.50
C GLY B 308 8.03 26.88 -38.69
N GLY B 309 8.70 26.34 -37.66
CA GLY B 309 8.15 25.31 -36.79
C GLY B 309 7.90 25.81 -35.37
N HIS B 310 8.24 24.97 -34.39
CA HIS B 310 7.90 25.21 -32.99
C HIS B 310 8.70 26.34 -32.36
N ASP B 311 9.76 26.81 -33.03
CA ASP B 311 10.55 27.93 -32.52
C ASP B 311 10.19 29.26 -33.22
N SER B 312 9.03 29.33 -33.89
CA SER B 312 8.64 30.47 -34.74
C SER B 312 7.28 30.95 -34.35
N ILE B 313 6.97 32.16 -34.80
CA ILE B 313 5.68 32.80 -34.54
C ILE B 313 4.86 32.79 -35.84
N HIS B 314 3.59 32.40 -35.74
CA HIS B 314 2.64 32.55 -36.85
C HIS B 314 2.74 33.99 -37.39
N PRO B 315 3.01 34.16 -38.71
CA PRO B 315 3.16 35.52 -39.26
C PRO B 315 1.98 36.47 -38.99
N ALA B 316 0.75 35.96 -39.03
CA ALA B 316 -0.43 36.75 -38.69
C ALA B 316 -0.52 37.20 -37.21
N LEU B 317 0.22 36.55 -36.31
CA LEU B 317 0.34 37.01 -34.91
C LEU B 317 1.38 38.12 -34.72
N GLY B 318 2.31 38.24 -35.67
CA GLY B 318 3.33 39.29 -35.68
C GLY B 318 4.70 38.63 -35.53
N THR B 319 5.62 39.32 -34.86
CA THR B 319 6.99 38.86 -34.73
C THR B 319 7.28 38.47 -33.28
N LEU B 320 8.47 37.95 -33.09
CA LEU B 320 9.02 37.66 -31.77
C LEU B 320 9.11 38.93 -30.89
N ASP B 321 9.42 40.08 -31.49
CA ASP B 321 9.37 41.35 -30.76
C ASP B 321 7.96 41.64 -30.23
N ASP B 322 6.95 41.33 -31.03
CA ASP B 322 5.55 41.49 -30.59
C ASP B 322 5.20 40.49 -29.48
N PHE B 323 5.67 39.26 -29.61
CA PHE B 323 5.52 38.27 -28.53
C PHE B 323 6.13 38.81 -27.22
N ASP B 324 7.35 39.34 -27.30
CA ASP B 324 8.01 39.93 -26.13
C ASP B 324 7.18 41.03 -25.48
N HIS B 325 6.60 41.91 -26.31
CA HIS B 325 5.68 42.94 -25.82
C HIS B 325 4.51 42.34 -25.04
N PHE B 326 3.91 41.29 -25.57
CA PHE B 326 2.77 40.61 -24.96
C PHE B 326 3.18 40.00 -23.59
N VAL B 327 4.34 39.35 -23.55
CA VAL B 327 4.86 38.75 -22.32
C VAL B 327 5.13 39.81 -21.25
N THR B 328 5.73 40.92 -21.68
CA THR B 328 6.06 42.03 -20.79
C THR B 328 4.79 42.70 -20.23
N GLU B 329 3.79 42.92 -21.08
CA GLU B 329 2.50 43.52 -20.63
C GLU B 329 1.78 42.57 -19.65
N ALA B 330 1.85 41.27 -19.94
CA ALA B 330 1.31 40.26 -19.04
C ALA B 330 1.99 40.34 -17.68
N GLY B 331 3.31 40.39 -17.67
CA GLY B 331 4.11 40.50 -16.44
C GLY B 331 3.75 41.72 -15.60
N LYS B 332 3.56 42.87 -16.24
CA LYS B 332 3.14 44.10 -15.54
C LYS B 332 1.81 43.93 -14.79
N LEU B 333 0.91 43.14 -15.36
CA LEU B 333 -0.41 42.92 -14.79
C LEU B 333 -0.47 41.71 -13.84
N GLY B 334 0.67 41.12 -13.47
CA GLY B 334 0.71 39.92 -12.63
C GLY B 334 0.30 38.62 -13.34
N LEU B 335 0.51 38.54 -14.66
CA LEU B 335 0.15 37.37 -15.43
C LEU B 335 1.40 36.70 -16.01
N GLU B 336 1.55 35.41 -15.74
CA GLU B 336 2.57 34.57 -16.37
C GLU B 336 1.99 33.89 -17.61
N ILE B 337 2.81 33.67 -18.62
CA ILE B 337 2.34 33.00 -19.84
C ILE B 337 2.68 31.52 -19.75
N ALA B 338 1.70 30.69 -20.11
CA ALA B 338 1.92 29.27 -20.35
C ALA B 338 1.74 28.98 -21.84
N LEU B 339 2.75 28.45 -22.51
CA LEU B 339 2.62 28.05 -23.90
C LEU B 339 2.30 26.58 -24.04
N ASP B 340 1.50 26.29 -25.05
CA ASP B 340 1.23 24.93 -25.43
C ASP B 340 2.51 24.38 -26.03
N PHE B 341 2.88 23.17 -25.65
CA PHE B 341 3.96 22.44 -26.33
C PHE B 341 3.38 21.11 -26.81
N ALA B 342 3.23 20.99 -28.12
CA ALA B 342 2.64 19.83 -28.73
C ALA B 342 3.68 19.19 -29.66
N LEU B 343 4.21 18.05 -29.24
CA LEU B 343 5.26 17.37 -30.01
C LEU B 343 4.61 16.51 -31.12
N GLN B 344 4.39 17.18 -32.23
CA GLN B 344 3.66 16.65 -33.37
C GLN B 344 3.85 17.71 -34.47
N CYS B 345 3.49 17.41 -35.71
CA CYS B 345 3.49 18.47 -36.68
C CYS B 345 2.62 18.26 -37.89
N SER B 346 2.40 19.37 -38.60
CA SER B 346 1.67 19.33 -39.85
C SER B 346 2.58 18.68 -40.89
N PRO B 347 2.00 18.27 -42.03
CA PRO B 347 2.83 17.74 -43.10
C PRO B 347 3.79 18.76 -43.74
N ASP B 348 3.61 20.05 -43.47
CA ASP B 348 4.46 21.09 -44.05
C ASP B 348 5.57 21.55 -43.11
N HIS B 349 5.64 20.96 -41.93
CA HIS B 349 6.66 21.31 -40.95
C HIS B 349 8.05 20.95 -41.54
N PRO B 350 9.07 21.81 -41.34
CA PRO B 350 10.45 21.47 -41.80
C PRO B 350 11.05 20.13 -41.31
N TRP B 351 10.71 19.68 -40.11
CA TRP B 351 11.07 18.33 -39.66
C TRP B 351 10.77 17.17 -40.62
N VAL B 352 9.68 17.26 -41.39
CA VAL B 352 9.18 16.12 -42.17
C VAL B 352 10.25 15.67 -43.18
N HIS B 353 10.85 16.61 -43.90
N HIS B 353 10.80 16.63 -43.93
CA HIS B 353 11.90 16.27 -44.87
CA HIS B 353 11.89 16.38 -44.89
C HIS B 353 13.32 16.33 -44.29
C HIS B 353 13.28 16.32 -44.25
N LYS B 354 13.54 17.15 -43.25
CA LYS B 354 14.84 17.17 -42.57
C LYS B 354 15.12 15.89 -41.70
N HIS B 355 14.10 15.34 -41.05
CA HIS B 355 14.27 14.23 -40.09
C HIS B 355 13.24 13.14 -40.36
N PRO B 356 13.37 12.42 -41.49
CA PRO B 356 12.35 11.41 -41.79
C PRO B 356 12.24 10.33 -40.70
N GLU B 357 13.34 10.02 -40.05
CA GLU B 357 13.35 9.04 -38.97
C GLU B 357 12.58 9.44 -37.70
N TRP B 358 12.09 10.67 -37.62
CA TRP B 358 11.21 11.11 -36.53
C TRP B 358 9.75 10.75 -36.79
N PHE B 359 9.48 9.98 -37.87
CA PHE B 359 8.11 9.58 -38.24
C PHE B 359 8.06 8.11 -38.61
N HIS B 360 6.90 7.49 -38.44
CA HIS B 360 6.70 6.10 -38.85
C HIS B 360 6.20 6.11 -40.29
N HIS B 361 6.94 5.45 -41.16
CA HIS B 361 6.58 5.39 -42.57
C HIS B 361 6.00 4.03 -42.88
N ARG B 362 4.93 4.02 -43.67
CA ARG B 362 4.28 2.80 -44.13
C ARG B 362 5.07 2.29 -45.34
N PRO B 363 4.74 1.08 -45.85
CA PRO B 363 5.60 0.51 -46.89
C PRO B 363 5.73 1.30 -48.21
N ASP B 364 4.76 2.16 -48.52
CA ASP B 364 4.87 3.04 -49.69
C ASP B 364 5.60 4.38 -49.39
N GLY B 365 6.11 4.54 -48.17
CA GLY B 365 6.82 5.75 -47.79
C GLY B 365 6.00 6.84 -47.16
N THR B 366 4.65 6.73 -47.19
CA THR B 366 3.80 7.76 -46.61
C THR B 366 3.72 7.62 -45.09
N ILE B 367 3.26 8.71 -44.46
CA ILE B 367 3.10 8.78 -43.02
C ILE B 367 1.61 8.91 -42.71
N ALA B 368 1.09 8.06 -41.83
CA ALA B 368 -0.33 8.10 -41.46
C ALA B 368 -0.59 9.29 -40.54
N HIS B 369 -1.78 9.88 -40.66
CA HIS B 369 -2.13 10.95 -39.75
C HIS B 369 -2.27 10.45 -38.30
N ALA B 370 -2.09 11.36 -37.36
CA ALA B 370 -2.24 11.04 -35.94
C ALA B 370 -3.69 10.74 -35.57
N GLU B 371 -3.87 9.87 -34.59
CA GLU B 371 -5.19 9.52 -34.03
C GLU B 371 -5.12 9.40 -32.50
N ASN B 372 -6.27 9.60 -31.87
CA ASN B 372 -6.47 9.35 -30.43
C ASN B 372 -7.91 8.81 -30.32
N PRO B 373 -8.14 7.54 -30.73
CA PRO B 373 -9.50 7.03 -31.03
C PRO B 373 -10.57 7.30 -29.95
N PRO B 374 -11.83 7.62 -30.34
CA PRO B 374 -12.28 7.71 -31.74
C PRO B 374 -11.93 9.05 -32.45
N LYS B 375 -11.15 9.93 -31.83
CA LYS B 375 -10.73 11.19 -32.48
C LYS B 375 -9.66 10.93 -33.57
N LYS B 376 -9.78 11.63 -34.69
CA LYS B 376 -8.84 11.60 -35.78
C LYS B 376 -8.24 12.99 -35.99
N TYR B 377 -6.92 13.04 -36.23
CA TYR B 377 -6.21 14.30 -36.41
C TYR B 377 -5.60 14.30 -37.82
N GLN B 378 -6.47 14.42 -38.82
CA GLN B 378 -6.07 14.31 -40.23
C GLN B 378 -5.08 15.36 -40.68
N ASP B 379 -4.98 16.46 -39.92
CA ASP B 379 -4.09 17.56 -40.22
C ASP B 379 -2.66 17.48 -39.68
N ILE B 380 -2.32 16.41 -38.96
CA ILE B 380 -1.00 16.26 -38.36
C ILE B 380 -0.43 14.85 -38.46
N TYR B 381 0.89 14.77 -38.34
CA TYR B 381 1.62 13.54 -38.18
C TYR B 381 2.04 13.43 -36.73
N PRO B 382 1.98 12.21 -36.16
CA PRO B 382 2.58 11.99 -34.85
C PRO B 382 4.07 11.71 -34.99
N ILE B 383 4.82 11.92 -33.92
CA ILE B 383 6.24 11.65 -33.89
C ILE B 383 6.53 10.19 -33.47
N ALA B 384 7.51 9.60 -34.10
CA ALA B 384 8.07 8.28 -33.73
C ALA B 384 9.38 8.50 -32.98
N PHE B 385 9.58 7.73 -31.91
CA PHE B 385 10.64 7.99 -30.93
C PHE B 385 11.79 7.02 -30.91
N ASP B 386 11.68 5.89 -31.59
CA ASP B 386 12.68 4.84 -31.37
C ASP B 386 13.81 4.80 -32.38
N ALA B 387 13.75 5.59 -33.45
CA ALA B 387 14.88 5.69 -34.39
C ALA B 387 15.93 6.68 -33.86
N ASP B 388 15.50 7.83 -33.35
CA ASP B 388 16.41 8.91 -32.91
C ASP B 388 15.94 9.58 -31.60
N PRO B 389 15.90 8.80 -30.49
CA PRO B 389 15.48 9.41 -29.20
C PRO B 389 16.36 10.58 -28.77
N ASP B 390 17.67 10.49 -28.99
CA ASP B 390 18.61 11.56 -28.61
C ASP B 390 18.35 12.85 -29.39
N GLY B 391 18.20 12.73 -30.71
CA GLY B 391 17.89 13.88 -31.54
C GLY B 391 16.61 14.57 -31.13
N LEU B 392 15.57 13.78 -30.87
CA LEU B 392 14.28 14.35 -30.44
C LEU B 392 14.37 15.08 -29.09
N ALA B 393 15.06 14.50 -28.13
CA ALA B 393 15.22 15.14 -26.82
C ALA B 393 16.01 16.45 -26.95
N THR B 394 17.10 16.41 -27.71
CA THR B 394 17.94 17.58 -27.94
C THR B 394 17.14 18.72 -28.56
N GLU B 395 16.36 18.39 -29.59
CA GLU B 395 15.51 19.36 -30.23
C GLU B 395 14.38 19.88 -29.34
N THR B 396 13.76 19.00 -28.55
CA THR B 396 12.72 19.38 -27.64
C THR B 396 13.22 20.39 -26.61
N VAL B 397 14.37 20.11 -25.99
CA VAL B 397 14.88 21.05 -24.99
C VAL B 397 15.39 22.34 -25.60
N ARG B 398 15.91 22.30 -26.83
CA ARG B 398 16.25 23.53 -27.58
C ARG B 398 15.03 24.43 -27.72
N ILE B 399 13.91 23.85 -28.16
CA ILE B 399 12.69 24.59 -28.33
C ILE B 399 12.20 25.21 -27.02
N LEU B 400 12.16 24.39 -25.97
CA LEU B 400 11.67 24.88 -24.68
C LEU B 400 12.57 26.01 -24.17
N ARG B 401 13.88 25.84 -24.28
CA ARG B 401 14.83 26.88 -23.84
C ARG B 401 14.68 28.17 -24.63
N HIS B 402 14.34 28.06 -25.92
CA HIS B 402 14.06 29.25 -26.70
C HIS B 402 12.90 30.08 -26.09
N TRP B 403 11.78 29.42 -25.83
CA TRP B 403 10.65 30.11 -25.22
C TRP B 403 10.94 30.58 -23.79
N MET B 404 11.72 29.79 -23.05
CA MET B 404 12.20 30.20 -21.73
C MET B 404 13.03 31.48 -21.75
N ASP B 405 13.87 31.65 -22.78
CA ASP B 405 14.64 32.88 -22.98
C ASP B 405 13.74 34.07 -23.28
N HIS B 406 12.53 33.83 -23.78
CA HIS B 406 11.54 34.89 -23.97
C HIS B 406 10.49 34.97 -22.84
N GLY B 407 10.84 34.50 -21.64
CA GLY B 407 10.02 34.74 -20.44
C GLY B 407 8.90 33.73 -20.18
N VAL B 408 8.85 32.64 -20.95
CA VAL B 408 7.84 31.60 -20.74
C VAL B 408 8.44 30.56 -19.78
N ARG B 409 7.88 30.48 -18.57
CA ARG B 409 8.33 29.57 -17.54
C ARG B 409 7.29 28.52 -17.17
N ILE B 410 6.27 28.36 -18.02
CA ILE B 410 5.20 27.37 -17.81
C ILE B 410 4.84 26.79 -19.17
N PHE B 411 4.75 25.46 -19.27
CA PHE B 411 4.35 24.81 -20.52
C PHE B 411 3.19 23.86 -20.28
N ARG B 412 2.17 24.00 -21.11
CA ARG B 412 1.05 23.08 -21.11
C ARG B 412 1.38 22.06 -22.19
N VAL B 413 1.67 20.83 -21.78
CA VAL B 413 2.17 19.83 -22.68
C VAL B 413 0.99 19.03 -23.20
N ALA B 414 0.82 19.02 -24.51
CA ALA B 414 -0.32 18.41 -25.15
C ALA B 414 -0.16 16.90 -25.22
N ASN B 415 -1.19 16.16 -24.79
CA ASN B 415 -1.24 14.71 -24.95
C ASN B 415 0.08 13.98 -24.61
N PRO B 416 0.66 14.23 -23.43
CA PRO B 416 1.98 13.62 -23.17
C PRO B 416 1.96 12.10 -23.14
N HIS B 417 0.81 11.53 -22.81
CA HIS B 417 0.59 10.07 -22.79
C HIS B 417 0.66 9.36 -24.15
N THR B 418 0.79 10.09 -25.26
CA THR B 418 1.02 9.47 -26.57
C THR B 418 2.50 9.55 -26.95
N LYS B 419 3.35 10.06 -26.07
CA LYS B 419 4.81 10.01 -26.25
C LYS B 419 5.38 9.20 -25.08
N PRO B 420 6.59 8.65 -25.24
CA PRO B 420 7.08 7.78 -24.18
C PRO B 420 7.25 8.45 -22.82
N VAL B 421 6.90 7.71 -21.77
CA VAL B 421 7.00 8.20 -20.42
C VAL B 421 8.43 8.59 -20.10
N ALA B 422 9.38 7.75 -20.46
CA ALA B 422 10.79 8.04 -20.13
C ALA B 422 11.33 9.24 -20.91
N PHE B 423 10.71 9.58 -22.04
CA PHE B 423 11.06 10.76 -22.81
C PHE B 423 10.79 12.03 -22.01
N TRP B 424 9.59 12.11 -21.44
CA TRP B 424 9.25 13.24 -20.58
C TRP B 424 10.11 13.29 -19.34
N GLU B 425 10.38 12.12 -18.75
CA GLU B 425 11.23 12.09 -17.58
C GLU B 425 12.59 12.73 -17.89
N ARG B 426 13.19 12.34 -19.02
CA ARG B 426 14.46 12.91 -19.43
C ARG B 426 14.37 14.43 -19.75
N VAL B 427 13.37 14.82 -20.53
CA VAL B 427 13.20 16.22 -20.93
C VAL B 427 13.02 17.16 -19.71
N ILE B 428 12.14 16.75 -18.80
CA ILE B 428 11.83 17.53 -17.63
C ILE B 428 13.06 17.62 -16.71
N ALA B 429 13.78 16.52 -16.52
CA ALA B 429 14.99 16.54 -15.69
C ALA B 429 16.06 17.46 -16.32
N ASP B 430 16.18 17.45 -17.64
CA ASP B 430 17.13 18.33 -18.34
C ASP B 430 16.74 19.81 -18.10
N ILE B 431 15.48 20.15 -18.34
CA ILE B 431 15.03 21.53 -18.20
C ILE B 431 15.11 21.98 -16.74
N ASN B 432 14.58 21.18 -15.84
CA ASN B 432 14.59 21.57 -14.43
C ASN B 432 15.99 21.53 -13.81
N GLY B 433 16.93 20.80 -14.41
CA GLY B 433 18.32 20.79 -13.96
C GLY B 433 19.01 22.16 -14.05
N THR B 434 18.73 22.92 -15.10
CA THR B 434 19.23 24.29 -15.25
C THR B 434 18.20 25.36 -14.79
N ASP B 435 16.91 25.04 -14.89
CA ASP B 435 15.81 26.01 -14.62
C ASP B 435 14.71 25.34 -13.80
N PRO B 436 14.95 25.16 -12.47
CA PRO B 436 13.97 24.43 -11.63
C PRO B 436 12.59 25.14 -11.46
N ASP B 437 12.51 26.43 -11.80
CA ASP B 437 11.25 27.18 -11.73
C ASP B 437 10.25 26.81 -12.85
N VAL B 438 10.71 26.15 -13.91
CA VAL B 438 9.82 25.87 -15.03
C VAL B 438 8.78 24.82 -14.61
N ILE B 439 7.51 25.12 -14.91
CA ILE B 439 6.36 24.27 -14.57
C ILE B 439 5.83 23.61 -15.84
N PHE B 440 5.66 22.29 -15.80
CA PHE B 440 5.02 21.51 -16.86
C PHE B 440 3.66 20.99 -16.40
N LEU B 441 2.63 21.25 -17.18
CA LEU B 441 1.29 20.77 -16.98
C LEU B 441 1.00 19.68 -17.98
N ALA B 442 0.60 18.51 -17.49
CA ALA B 442 0.29 17.35 -18.33
C ALA B 442 -1.19 17.30 -18.73
N GLU B 443 -1.47 17.49 -20.01
CA GLU B 443 -2.82 17.28 -20.51
C GLU B 443 -3.01 15.83 -20.92
N ALA B 444 -3.12 14.96 -19.91
CA ALA B 444 -3.29 13.53 -20.11
C ALA B 444 -4.64 13.07 -19.56
N PHE B 445 -5.63 13.07 -20.43
CA PHE B 445 -6.94 12.52 -20.13
C PHE B 445 -6.92 11.07 -20.55
N THR B 446 -6.61 10.21 -19.60
CA THR B 446 -6.35 8.82 -19.92
C THR B 446 -6.61 8.00 -18.66
N ARG B 447 -6.06 6.80 -18.60
CA ARG B 447 -6.35 5.90 -17.49
C ARG B 447 -5.51 6.29 -16.28
N PRO B 448 -5.93 5.85 -15.08
CA PRO B 448 -5.22 6.32 -13.86
C PRO B 448 -3.71 6.01 -13.78
N ALA B 449 -3.28 4.83 -14.22
CA ALA B 449 -1.86 4.44 -14.07
C ALA B 449 -0.94 5.40 -14.82
N MET B 450 -1.28 5.71 -16.06
CA MET B 450 -0.53 6.69 -16.87
C MET B 450 -0.57 8.10 -16.30
N MET B 451 -1.75 8.56 -15.87
CA MET B 451 -1.85 9.91 -15.29
C MET B 451 -0.98 10.08 -14.07
N ALA B 452 -1.00 9.07 -13.20
CA ALA B 452 -0.18 9.10 -11.98
C ALA B 452 1.31 9.02 -12.32
N THR B 453 1.65 8.13 -13.25
CA THR B 453 3.06 7.95 -13.59
C THR B 453 3.66 9.24 -14.17
N LEU B 454 2.94 9.92 -15.04
CA LEU B 454 3.43 11.18 -15.60
C LEU B 454 3.72 12.23 -14.51
N ALA B 455 2.80 12.34 -13.55
CA ALA B 455 3.04 13.21 -12.39
C ALA B 455 4.30 12.76 -11.63
N GLN B 456 4.41 11.45 -11.40
CA GLN B 456 5.55 10.92 -10.64
C GLN B 456 6.91 11.11 -11.31
N ILE B 457 6.95 11.13 -12.66
CA ILE B 457 8.24 11.27 -13.35
C ILE B 457 8.66 12.72 -13.57
N GLY B 458 7.84 13.67 -13.13
CA GLY B 458 8.27 15.07 -13.16
C GLY B 458 7.26 16.15 -13.50
N PHE B 459 6.08 15.80 -14.03
CA PHE B 459 5.09 16.85 -14.33
C PHE B 459 4.61 17.51 -13.04
N GLN B 460 4.79 18.82 -12.98
CA GLN B 460 4.41 19.60 -11.82
C GLN B 460 2.91 19.65 -11.57
N GLN B 461 2.13 19.65 -12.66
CA GLN B 461 0.67 19.71 -12.61
C GLN B 461 0.07 18.74 -13.60
N SER B 462 -1.18 18.37 -13.33
CA SER B 462 -1.91 17.43 -14.16
C SER B 462 -3.32 17.93 -14.39
N TYR B 463 -3.80 17.81 -15.63
CA TYR B 463 -5.25 17.85 -15.85
C TYR B 463 -5.86 16.59 -15.21
N THR B 464 -7.17 16.64 -15.00
CA THR B 464 -7.86 15.70 -14.12
C THR B 464 -9.17 15.28 -14.74
N TYR B 465 -9.90 14.43 -14.03
CA TYR B 465 -11.24 14.03 -14.41
C TYR B 465 -12.36 15.02 -13.98
N PHE B 466 -11.98 16.21 -13.49
CA PHE B 466 -12.91 17.14 -12.86
C PHE B 466 -14.20 17.36 -13.68
N THR B 467 -14.08 17.59 -14.99
CA THR B 467 -15.24 17.90 -15.84
C THR B 467 -16.27 16.77 -15.91
N TRP B 468 -15.83 15.54 -15.67
CA TRP B 468 -16.73 14.39 -15.61
C TRP B 468 -17.07 13.95 -14.16
N ARG B 469 -16.91 14.86 -13.19
CA ARG B 469 -17.33 14.60 -11.81
C ARG B 469 -18.30 15.73 -11.41
N ASN B 470 -19.58 15.40 -11.48
CA ASN B 470 -20.65 16.38 -11.34
C ASN B 470 -21.68 16.11 -10.24
N THR B 471 -21.90 14.85 -9.86
CA THR B 471 -22.78 14.51 -8.74
C THR B 471 -22.02 14.61 -7.42
N LYS B 472 -22.76 14.68 -6.31
CA LYS B 472 -22.13 14.76 -5.00
C LYS B 472 -21.19 13.58 -4.74
N GLN B 473 -21.66 12.37 -5.04
CA GLN B 473 -20.84 11.18 -4.91
C GLN B 473 -19.54 11.21 -5.73
N GLU B 474 -19.64 11.63 -6.99
CA GLU B 474 -18.48 11.73 -7.88
C GLU B 474 -17.44 12.72 -7.36
N LEU B 475 -17.92 13.90 -6.95
CA LEU B 475 -17.04 14.95 -6.45
C LEU B 475 -16.37 14.55 -5.14
N THR B 476 -17.17 13.98 -4.25
CA THR B 476 -16.67 13.52 -2.95
C THR B 476 -15.57 12.46 -3.11
N GLU B 477 -15.85 11.42 -3.89
CA GLU B 477 -14.88 10.34 -4.10
C GLU B 477 -13.61 10.84 -4.79
N TYR B 478 -13.76 11.64 -5.83
CA TYR B 478 -12.64 12.07 -6.60
C TYR B 478 -11.74 13.03 -5.81
N LEU B 479 -12.36 13.97 -5.08
CA LEU B 479 -11.56 14.91 -4.28
C LEU B 479 -10.90 14.24 -3.07
N THR B 480 -11.54 13.19 -2.53
CA THR B 480 -10.93 12.40 -1.46
C THR B 480 -9.65 11.72 -1.99
N GLU B 481 -9.69 11.25 -3.22
CA GLU B 481 -8.50 10.68 -3.86
C GLU B 481 -7.43 11.76 -4.08
N LEU B 482 -7.79 12.89 -4.70
CA LEU B 482 -6.79 13.92 -5.03
C LEU B 482 -6.16 14.54 -3.81
N SER B 483 -6.95 14.76 -2.75
CA SER B 483 -6.42 15.37 -1.54
C SER B 483 -5.74 14.38 -0.59
N GLY B 484 -5.78 13.06 -0.90
CA GLY B 484 -5.17 12.01 -0.07
C GLY B 484 -3.76 11.71 -0.55
N GLU B 485 -3.43 10.43 -0.70
CA GLU B 485 -2.08 9.99 -1.04
C GLU B 485 -1.56 10.54 -2.36
N ALA B 486 -2.42 10.69 -3.36
CA ALA B 486 -2.01 11.28 -4.63
C ALA B 486 -1.37 12.68 -4.52
N ALA B 487 -1.68 13.42 -3.45
CA ALA B 487 -1.11 14.77 -3.28
C ALA B 487 0.42 14.76 -3.01
N SER B 488 0.99 13.59 -2.70
CA SER B 488 2.45 13.48 -2.58
CA SER B 488 2.44 13.42 -2.59
C SER B 488 3.15 13.59 -3.95
N TYR B 489 2.41 13.40 -5.05
CA TYR B 489 3.03 13.45 -6.39
C TYR B 489 2.30 14.22 -7.51
N MET B 490 1.02 14.56 -7.28
CA MET B 490 0.20 15.17 -8.31
C MET B 490 -0.39 16.46 -7.80
N ARG B 491 -0.39 17.48 -8.65
CA ARG B 491 -1.06 18.75 -8.36
C ARG B 491 -2.13 19.01 -9.42
N PRO B 492 -3.41 19.03 -9.01
CA PRO B 492 -4.48 19.06 -10.00
C PRO B 492 -4.71 20.47 -10.53
N ASN B 493 -4.96 20.60 -11.82
CA ASN B 493 -5.41 21.86 -12.41
C ASN B 493 -6.88 21.68 -12.86
N PHE B 494 -7.83 22.22 -12.09
CA PHE B 494 -9.26 22.06 -12.41
C PHE B 494 -9.76 23.09 -13.45
N PHE B 495 -9.65 22.74 -14.72
CA PHE B 495 -10.28 23.53 -15.79
C PHE B 495 -11.76 23.16 -15.83
N ALA B 496 -12.66 24.12 -15.59
CA ALA B 496 -14.10 23.85 -15.64
C ALA B 496 -14.60 23.56 -17.05
N ASN B 497 -13.89 24.09 -18.03
CA ASN B 497 -14.11 23.75 -19.43
C ASN B 497 -12.77 23.82 -20.16
N THR B 498 -12.72 23.26 -21.34
CA THR B 498 -11.59 23.46 -22.26
C THR B 498 -12.17 23.56 -23.67
N PRO B 499 -11.36 23.93 -24.67
CA PRO B 499 -11.92 23.96 -26.03
C PRO B 499 -12.40 22.58 -26.51
N ASP B 500 -11.99 21.50 -25.85
CA ASP B 500 -12.42 20.14 -26.20
C ASP B 500 -13.47 19.57 -25.27
N ILE B 501 -13.84 20.29 -24.21
CA ILE B 501 -14.75 19.74 -23.23
C ILE B 501 -15.78 20.76 -22.78
N LEU B 502 -16.96 20.65 -23.37
CA LEU B 502 -18.20 21.28 -22.90
C LEU B 502 -19.11 20.19 -22.37
N HIS B 503 -19.12 20.02 -21.05
CA HIS B 503 -19.88 18.92 -20.47
C HIS B 503 -21.38 19.11 -20.56
N ALA B 504 -22.11 18.01 -20.66
CA ALA B 504 -23.58 18.03 -20.68
C ALA B 504 -24.20 18.85 -19.50
N TYR B 505 -23.59 18.79 -18.33
CA TYR B 505 -24.01 19.55 -17.14
C TYR B 505 -24.15 21.03 -17.46
N LEU B 506 -23.14 21.58 -18.14
CA LEU B 506 -23.15 22.96 -18.60
C LEU B 506 -24.16 23.16 -19.74
N GLN B 507 -24.22 22.21 -20.66
CA GLN B 507 -25.17 22.29 -21.79
C GLN B 507 -26.62 22.39 -21.34
N HIS B 508 -27.01 21.57 -20.37
CA HIS B 508 -28.38 21.51 -19.89
C HIS B 508 -28.68 22.51 -18.78
N GLY B 509 -27.69 22.90 -17.99
CA GLY B 509 -27.92 23.75 -16.84
C GLY B 509 -27.83 25.24 -17.12
N GLY B 510 -27.18 25.66 -18.20
CA GLY B 510 -27.09 27.09 -18.51
C GLY B 510 -26.30 27.84 -17.45
N ARG B 511 -26.57 29.14 -17.34
CA ARG B 511 -25.79 30.01 -16.48
C ARG B 511 -25.67 29.51 -15.02
N PRO B 512 -26.79 29.08 -14.40
CA PRO B 512 -26.67 28.53 -13.05
C PRO B 512 -25.65 27.37 -12.92
N ALA B 513 -25.51 26.56 -13.97
CA ALA B 513 -24.50 25.47 -13.98
C ALA B 513 -23.06 26.00 -14.09
N PHE B 514 -22.86 27.06 -14.89
CA PHE B 514 -21.55 27.68 -15.00
C PHE B 514 -21.11 28.26 -13.67
N GLU B 515 -22.07 28.81 -12.95
CA GLU B 515 -21.81 29.37 -11.63
C GLU B 515 -21.41 28.28 -10.63
N VAL B 516 -22.13 27.17 -10.64
CA VAL B 516 -21.83 26.05 -9.75
C VAL B 516 -20.43 25.50 -10.03
N ARG B 517 -20.11 25.26 -11.30
CA ARG B 517 -18.83 24.63 -11.63
C ARG B 517 -17.64 25.56 -11.33
N ALA B 518 -17.84 26.87 -11.44
CA ALA B 518 -16.82 27.84 -11.08
C ALA B 518 -16.56 27.85 -9.57
N VAL B 519 -17.64 27.81 -8.77
CA VAL B 519 -17.48 27.77 -7.32
C VAL B 519 -16.72 26.50 -6.92
N LEU B 520 -17.15 25.36 -7.47
CA LEU B 520 -16.52 24.08 -7.18
C LEU B 520 -15.05 24.03 -7.57
N ALA B 521 -14.72 24.45 -8.78
CA ALA B 521 -13.34 24.39 -9.26
C ALA B 521 -12.43 25.29 -8.43
N ALA B 522 -12.93 26.49 -8.15
CA ALA B 522 -12.16 27.50 -7.44
C ALA B 522 -11.93 27.20 -5.97
N THR B 523 -12.87 26.47 -5.35
CA THR B 523 -12.76 26.17 -3.94
C THR B 523 -12.23 24.75 -3.63
N LEU B 524 -12.31 23.81 -4.59
CA LEU B 524 -11.82 22.45 -4.36
C LEU B 524 -10.35 22.27 -4.70
N SER B 525 -9.82 23.02 -5.64
CA SER B 525 -8.42 22.92 -6.00
C SER B 525 -7.72 24.25 -5.87
N PRO B 526 -6.48 24.24 -5.35
CA PRO B 526 -5.69 25.48 -5.34
C PRO B 526 -5.29 25.98 -6.73
N THR B 527 -5.39 25.13 -7.75
CA THR B 527 -5.27 25.56 -9.12
C THR B 527 -6.55 25.25 -9.91
N TRP B 528 -7.10 26.28 -10.54
CA TRP B 528 -8.28 26.10 -11.42
C TRP B 528 -8.16 26.98 -12.63
N GLY B 529 -9.02 26.73 -13.60
CA GLY B 529 -9.03 27.53 -14.80
C GLY B 529 -10.29 27.49 -15.60
N ILE B 530 -10.38 28.39 -16.57
CA ILE B 530 -11.44 28.42 -17.54
C ILE B 530 -10.86 28.75 -18.91
N TYR B 531 -11.60 28.35 -19.93
CA TYR B 531 -11.33 28.69 -21.32
C TYR B 531 -12.31 29.79 -21.72
N SER B 532 -11.76 30.88 -22.24
CA SER B 532 -12.52 32.06 -22.73
C SER B 532 -13.86 31.72 -23.37
N GLY B 533 -14.91 32.39 -22.91
CA GLY B 533 -16.28 32.11 -23.32
C GLY B 533 -17.08 31.44 -22.22
N TYR B 534 -16.38 30.77 -21.30
CA TYR B 534 -16.99 30.25 -20.08
C TYR B 534 -17.76 31.34 -19.34
N GLU B 535 -17.15 32.52 -19.21
CA GLU B 535 -17.79 33.67 -18.54
C GLU B 535 -19.11 34.08 -19.19
N LEU B 536 -19.20 33.91 -20.50
CA LEU B 536 -20.41 34.20 -21.30
C LEU B 536 -21.43 33.06 -21.30
N CYS B 537 -21.12 31.97 -20.61
CA CYS B 537 -21.98 30.79 -20.54
C CYS B 537 -22.24 30.18 -21.92
N GLU B 538 -21.23 30.21 -22.79
CA GLU B 538 -21.33 29.55 -24.09
C GLU B 538 -21.50 28.07 -23.88
N ASN B 539 -22.59 27.51 -24.36
CA ASN B 539 -22.90 26.11 -24.07
C ASN B 539 -23.65 25.38 -25.16
N THR B 540 -23.52 25.81 -26.41
CA THR B 540 -24.18 25.14 -27.52
C THR B 540 -23.20 24.06 -28.05
N PRO B 541 -23.60 22.79 -27.97
CA PRO B 541 -22.71 21.74 -28.43
C PRO B 541 -22.76 21.58 -29.94
N LEU B 542 -21.76 20.90 -30.49
CA LEU B 542 -21.74 20.55 -31.91
C LEU B 542 -22.99 19.74 -32.32
N ARG B 543 -23.37 18.79 -31.49
CA ARG B 543 -24.60 18.01 -31.65
C ARG B 543 -24.94 17.38 -30.29
N GLU B 544 -26.14 16.81 -30.16
CA GLU B 544 -26.55 16.13 -28.94
C GLU B 544 -25.59 14.97 -28.67
N GLY B 545 -25.15 14.82 -27.44
CA GLY B 545 -24.19 13.77 -27.08
C GLY B 545 -22.71 14.06 -27.35
N SER B 546 -22.38 15.27 -27.78
CA SER B 546 -20.99 15.67 -28.01
C SER B 546 -20.55 16.53 -26.84
N GLU B 547 -19.25 16.57 -26.57
CA GLU B 547 -18.65 17.53 -25.67
C GLU B 547 -17.86 18.59 -26.43
N GLU B 548 -17.99 18.61 -27.77
CA GLU B 548 -17.43 19.68 -28.59
C GLU B 548 -18.38 20.89 -28.62
N TYR B 549 -17.82 22.08 -28.68
CA TYR B 549 -18.57 23.31 -28.93
C TYR B 549 -18.98 23.37 -30.41
N LEU B 550 -20.19 23.88 -30.67
CA LEU B 550 -20.60 24.31 -32.03
C LEU B 550 -19.69 25.45 -32.50
N ASP B 551 -19.27 25.42 -33.77
CA ASP B 551 -18.42 26.48 -34.32
C ASP B 551 -17.19 26.71 -33.46
N SER B 552 -16.52 25.63 -33.11
CA SER B 552 -15.39 25.68 -32.20
C SER B 552 -14.32 26.66 -32.66
N GLU B 553 -13.77 27.39 -31.70
CA GLU B 553 -12.68 28.33 -31.91
C GLU B 553 -11.38 27.67 -32.41
N LYS B 554 -11.26 26.36 -32.19
CA LYS B 554 -10.11 25.60 -32.72
C LYS B 554 -10.01 25.70 -34.23
N TYR B 555 -11.15 25.87 -34.92
CA TYR B 555 -11.21 25.84 -36.39
C TYR B 555 -11.56 27.19 -37.04
N GLN B 556 -11.84 28.22 -36.24
CA GLN B 556 -12.26 29.49 -36.78
C GLN B 556 -11.97 30.63 -35.81
N LEU B 557 -11.87 31.84 -36.37
CA LEU B 557 -11.81 33.04 -35.55
C LEU B 557 -13.13 33.14 -34.80
N LYS B 558 -13.06 33.56 -33.54
CA LYS B 558 -14.25 33.67 -32.71
C LYS B 558 -14.29 35.03 -32.01
N PRO B 559 -14.62 36.09 -32.74
CA PRO B 559 -14.73 37.38 -32.07
C PRO B 559 -15.83 37.36 -30.99
N ARG B 560 -15.54 37.96 -29.83
CA ARG B 560 -16.56 38.09 -28.78
C ARG B 560 -16.69 39.55 -28.36
N ASP B 561 -17.92 40.02 -28.21
CA ASP B 561 -18.15 41.40 -27.83
C ASP B 561 -18.15 41.49 -26.28
N TRP B 562 -16.95 41.61 -25.73
CA TRP B 562 -16.77 41.61 -24.29
C TRP B 562 -17.45 42.81 -23.62
N THR B 563 -17.33 43.98 -24.24
CA THR B 563 -17.92 45.21 -23.73
C THR B 563 -19.44 45.08 -23.64
N ARG B 564 -20.05 44.51 -24.66
CA ARG B 564 -21.48 44.32 -24.69
C ARG B 564 -21.97 43.37 -23.57
N ALA B 565 -21.30 42.23 -23.45
CA ALA B 565 -21.68 41.23 -22.45
C ALA B 565 -21.62 41.84 -21.03
N ALA B 566 -20.56 42.62 -20.75
CA ALA B 566 -20.45 43.31 -19.47
C ALA B 566 -21.57 44.29 -19.26
N ARG B 567 -21.87 45.10 -20.28
CA ARG B 567 -22.95 46.08 -20.22
C ARG B 567 -24.32 45.45 -19.99
N GLU B 568 -24.58 44.31 -20.65
CA GLU B 568 -25.89 43.63 -20.59
C GLU B 568 -26.03 42.69 -19.37
N GLY B 569 -24.95 42.52 -18.62
CA GLY B 569 -24.96 41.72 -17.40
C GLY B 569 -25.10 40.21 -17.70
N THR B 570 -24.68 39.80 -18.89
CA THR B 570 -24.84 38.42 -19.34
C THR B 570 -23.55 37.62 -19.15
N THR B 571 -22.64 38.11 -18.31
CA THR B 571 -21.37 37.45 -18.08
C THR B 571 -21.32 37.16 -16.59
N ILE B 572 -20.67 36.05 -16.24
CA ILE B 572 -20.39 35.73 -14.85
C ILE B 572 -18.99 36.17 -14.41
N ALA B 573 -18.33 37.01 -15.21
CA ALA B 573 -17.06 37.64 -14.80
C ALA B 573 -17.04 38.19 -13.35
N PRO B 574 -18.12 38.86 -12.90
CA PRO B 574 -18.13 39.31 -11.51
C PRO B 574 -17.99 38.16 -10.49
N LEU B 575 -18.65 37.04 -10.73
CA LEU B 575 -18.52 35.87 -9.84
C LEU B 575 -17.09 35.31 -9.90
N VAL B 576 -16.54 35.23 -11.10
CA VAL B 576 -15.18 34.72 -11.29
C VAL B 576 -14.19 35.60 -10.54
N THR B 577 -14.37 36.91 -10.68
CA THR B 577 -13.53 37.90 -10.02
C THR B 577 -13.61 37.72 -8.49
N ARG B 578 -14.83 37.62 -7.96
CA ARG B 578 -15.03 37.42 -6.53
C ARG B 578 -14.38 36.11 -6.03
N LEU B 579 -14.55 35.01 -6.74
CA LEU B 579 -13.90 33.74 -6.37
C LEU B 579 -12.39 33.85 -6.28
N ASN B 580 -11.77 34.52 -7.25
CA ASN B 580 -10.34 34.70 -7.21
C ASN B 580 -9.89 35.61 -6.06
N THR B 581 -10.68 36.62 -5.73
CA THR B 581 -10.38 37.48 -4.60
C THR B 581 -10.47 36.70 -3.28
N ILE B 582 -11.50 35.87 -3.16
CA ILE B 582 -11.67 35.05 -1.96
C ILE B 582 -10.44 34.12 -1.80
N ARG B 583 -10.02 33.50 -2.88
CA ARG B 583 -8.83 32.64 -2.85
C ARG B 583 -7.58 33.40 -2.43
N ARG B 584 -7.41 34.62 -2.94
CA ARG B 584 -6.25 35.45 -2.59
C ARG B 584 -6.26 35.95 -1.15
N GLU B 585 -7.42 35.99 -0.52
CA GLU B 585 -7.55 36.46 0.86
C GLU B 585 -7.65 35.32 1.88
N ASN B 586 -7.74 34.06 1.44
CA ASN B 586 -7.97 32.95 2.37
C ASN B 586 -6.96 31.83 2.11
N PRO B 587 -5.89 31.76 2.93
CA PRO B 587 -4.87 30.71 2.74
C PRO B 587 -5.42 29.28 2.63
N ALA B 588 -6.55 28.98 3.28
CA ALA B 588 -7.16 27.64 3.18
C ALA B 588 -7.45 27.22 1.75
N LEU B 589 -7.78 28.17 0.88
CA LEU B 589 -8.06 27.87 -0.52
C LEU B 589 -6.82 27.78 -1.42
N ARG B 590 -5.63 28.03 -0.87
CA ARG B 590 -4.39 27.96 -1.65
C ARG B 590 -3.58 26.67 -1.33
N GLN B 591 -4.25 25.69 -0.73
CA GLN B 591 -3.67 24.37 -0.50
C GLN B 591 -4.70 23.30 -0.92
N LEU B 592 -4.23 22.06 -0.99
CA LEU B 592 -4.98 20.92 -1.51
C LEU B 592 -5.34 19.88 -0.42
N ARG B 593 -4.39 19.59 0.47
CA ARG B 593 -4.46 18.36 1.29
C ARG B 593 -5.48 18.43 2.41
N ASP B 594 -5.72 19.61 2.95
CA ASP B 594 -6.69 19.76 4.03
C ASP B 594 -8.08 20.07 3.42
N LEU B 595 -8.94 19.04 3.46
CA LEU B 595 -10.26 19.10 2.85
C LEU B 595 -11.12 18.07 3.57
N HIS B 596 -12.29 18.48 4.02
CA HIS B 596 -13.22 17.57 4.69
C HIS B 596 -14.63 17.77 4.20
N PHE B 597 -15.31 16.68 3.86
CA PHE B 597 -16.70 16.75 3.43
C PHE B 597 -17.62 16.59 4.63
N HIS B 598 -18.61 17.45 4.75
CA HIS B 598 -19.57 17.43 5.85
C HIS B 598 -20.92 16.88 5.36
N PRO B 599 -21.59 16.01 6.14
CA PRO B 599 -22.85 15.44 5.64
C PRO B 599 -24.02 16.44 5.53
N THR B 600 -24.78 16.35 4.44
CA THR B 600 -26.07 17.02 4.32
C THR B 600 -27.14 15.97 4.10
N ASP B 601 -28.39 16.35 4.27
CA ASP B 601 -29.52 15.42 4.07
C ASP B 601 -30.18 15.53 2.67
N LYS B 602 -29.52 16.20 1.73
CA LYS B 602 -29.99 16.28 0.34
C LYS B 602 -28.88 15.87 -0.63
N GLU B 603 -29.25 14.98 -1.55
CA GLU B 603 -28.34 14.47 -2.57
C GLU B 603 -27.74 15.56 -3.47
N GLU B 604 -28.48 16.64 -3.70
CA GLU B 604 -28.04 17.74 -4.56
C GLU B 604 -27.23 18.82 -3.82
N VAL B 605 -27.05 18.68 -2.51
CA VAL B 605 -26.32 19.68 -1.72
C VAL B 605 -25.09 19.06 -1.09
N ILE B 606 -23.93 19.64 -1.42
CA ILE B 606 -22.64 19.17 -0.97
C ILE B 606 -22.03 20.24 -0.07
N ALA B 607 -21.33 19.82 0.97
CA ALA B 607 -20.71 20.72 1.93
C ALA B 607 -19.29 20.26 2.20
N TYR B 608 -18.34 21.21 2.23
CA TYR B 608 -16.95 20.90 2.59
C TYR B 608 -16.23 22.07 3.21
N SER B 609 -15.21 21.76 4.02
CA SER B 609 -14.36 22.78 4.64
C SER B 609 -12.89 22.53 4.30
N LYS B 610 -12.14 23.64 4.25
CA LYS B 610 -10.68 23.63 4.10
C LYS B 610 -10.08 24.53 5.16
N ARG B 611 -8.92 24.11 5.69
CA ARG B 611 -8.21 24.87 6.72
C ARG B 611 -6.74 25.01 6.40
N GLN B 612 -6.18 26.14 6.84
CA GLN B 612 -4.76 26.43 6.82
C GLN B 612 -4.49 27.41 7.96
N GLY B 613 -3.77 26.96 8.99
CA GLY B 613 -3.59 27.75 10.20
C GLY B 613 -4.93 28.16 10.79
N SER B 614 -5.09 29.43 11.13
CA SER B 614 -6.32 29.92 11.72
C SER B 614 -7.42 30.22 10.68
N ASN B 615 -7.17 29.97 9.38
CA ASN B 615 -8.12 30.29 8.33
C ASN B 615 -8.96 29.04 8.02
N THR B 616 -10.27 29.17 8.12
CA THR B 616 -11.20 28.11 7.78
C THR B 616 -12.23 28.60 6.80
N VAL B 617 -12.38 27.90 5.68
CA VAL B 617 -13.38 28.21 4.67
C VAL B 617 -14.37 27.05 4.60
N LEU B 618 -15.65 27.37 4.64
CA LEU B 618 -16.74 26.40 4.64
C LEU B 618 -17.65 26.69 3.43
N VAL B 619 -17.78 25.71 2.55
CA VAL B 619 -18.51 25.89 1.30
C VAL B 619 -19.71 24.95 1.29
N VAL B 620 -20.84 25.46 0.84
CA VAL B 620 -22.05 24.66 0.65
C VAL B 620 -22.51 24.97 -0.77
N VAL B 621 -22.65 23.96 -1.60
CA VAL B 621 -23.01 24.15 -2.99
C VAL B 621 -24.28 23.36 -3.32
N ASN B 622 -25.18 24.02 -4.06
CA ASN B 622 -26.35 23.37 -4.64
C ASN B 622 -25.97 22.92 -6.03
N LEU B 623 -25.88 21.61 -6.23
CA LEU B 623 -25.48 21.04 -7.52
C LEU B 623 -26.61 21.02 -8.54
N ASP B 624 -27.83 21.30 -8.09
CA ASP B 624 -29.01 21.37 -8.96
C ASP B 624 -29.07 22.76 -9.57
N PRO B 625 -28.87 22.88 -10.90
CA PRO B 625 -28.95 24.18 -11.55
C PRO B 625 -30.37 24.62 -11.92
N ARG B 626 -31.36 23.76 -11.72
CA ARG B 626 -32.76 24.03 -12.09
C ARG B 626 -33.67 24.38 -10.90
N HIS B 627 -33.45 23.75 -9.73
CA HIS B 627 -34.37 23.85 -8.61
C HIS B 627 -33.69 24.32 -7.35
N THR B 628 -34.42 25.16 -6.60
CA THR B 628 -34.05 25.57 -5.27
C THR B 628 -33.95 24.35 -4.37
N GLN B 629 -32.90 24.28 -3.55
CA GLN B 629 -32.74 23.19 -2.60
C GLN B 629 -32.66 23.72 -1.18
N GLU B 630 -33.41 23.09 -0.30
CA GLU B 630 -33.33 23.34 1.13
C GLU B 630 -32.67 22.14 1.75
N ALA B 631 -31.69 22.36 2.62
CA ALA B 631 -31.07 21.24 3.33
C ALA B 631 -30.64 21.59 4.73
N THR B 632 -30.46 20.54 5.54
CA THR B 632 -29.76 20.60 6.80
C THR B 632 -28.32 20.12 6.54
N VAL B 633 -27.36 21.00 6.79
CA VAL B 633 -25.95 20.69 6.70
C VAL B 633 -25.50 20.38 8.13
N SER B 634 -25.07 19.15 8.37
CA SER B 634 -24.61 18.70 9.69
C SER B 634 -23.10 18.76 9.74
N LEU B 635 -22.55 19.76 10.44
CA LEU B 635 -21.11 19.92 10.49
C LEU B 635 -20.45 18.99 11.52
N ASP B 636 -19.50 18.17 11.05
N ASP B 636 -19.51 18.16 11.07
CA ASP B 636 -18.48 17.55 11.90
CA ASP B 636 -18.49 17.54 11.93
C ASP B 636 -17.63 18.63 12.59
C ASP B 636 -17.64 18.62 12.60
N MET B 637 -18.11 19.10 13.75
CA MET B 637 -17.50 20.23 14.47
C MET B 637 -16.02 20.04 14.91
N PRO B 638 -15.63 18.83 15.38
CA PRO B 638 -14.21 18.55 15.63
C PRO B 638 -13.27 18.80 14.45
N GLN B 639 -13.76 18.61 13.23
CA GLN B 639 -12.96 18.89 12.03
C GLN B 639 -12.79 20.37 11.72
N LEU B 640 -13.61 21.21 12.36
CA LEU B 640 -13.43 22.66 12.31
C LEU B 640 -12.65 23.16 13.52
N GLY B 641 -12.21 22.26 14.40
CA GLY B 641 -11.48 22.61 15.61
C GLY B 641 -12.37 23.15 16.71
N LEU B 642 -13.65 22.76 16.70
CA LEU B 642 -14.65 23.27 17.63
C LEU B 642 -15.33 22.15 18.39
N ASP B 643 -15.92 22.47 19.54
CA ASP B 643 -16.76 21.52 20.28
C ASP B 643 -18.15 21.42 19.65
N TRP B 644 -18.81 20.30 19.90
CA TRP B 644 -20.10 19.98 19.27
C TRP B 644 -21.20 21.00 19.55
N HIS B 645 -21.20 21.53 20.77
CA HIS B 645 -22.21 22.51 21.21
C HIS B 645 -21.98 23.95 20.72
N GLU B 646 -20.77 24.27 20.23
CA GLU B 646 -20.46 25.63 19.78
C GLU B 646 -21.27 26.10 18.57
N SER B 647 -21.43 27.42 18.51
CA SER B 647 -22.12 28.13 17.44
C SER B 647 -21.15 29.20 17.03
N VAL B 648 -20.74 29.20 15.76
CA VAL B 648 -19.70 30.12 15.29
C VAL B 648 -20.15 30.98 14.12
N PRO B 649 -19.75 32.27 14.14
CA PRO B 649 -20.15 33.17 13.09
C PRO B 649 -19.39 32.88 11.80
N VAL B 650 -20.12 32.99 10.69
CA VAL B 650 -19.55 32.87 9.35
C VAL B 650 -20.00 34.05 8.51
N ARG B 651 -19.19 34.40 7.52
CA ARG B 651 -19.59 35.37 6.50
C ARG B 651 -19.54 34.72 5.14
N ASP B 652 -20.68 34.70 4.45
CA ASP B 652 -20.73 34.27 3.06
C ASP B 652 -20.06 35.32 2.20
N GLU B 653 -18.87 35.00 1.71
CA GLU B 653 -18.07 35.98 0.96
C GLU B 653 -18.65 36.32 -0.41
N LEU B 654 -19.60 35.54 -0.92
CA LEU B 654 -20.30 35.90 -2.16
C LEU B 654 -21.31 37.03 -2.01
N THR B 655 -21.89 37.17 -0.82
CA THR B 655 -22.93 38.17 -0.57
C THR B 655 -22.58 39.20 0.50
N GLY B 656 -21.67 38.89 1.42
CA GLY B 656 -21.44 39.75 2.59
C GLY B 656 -22.38 39.47 3.78
N GLU B 657 -23.31 38.53 3.62
CA GLU B 657 -24.26 38.15 4.68
C GLU B 657 -23.56 37.32 5.74
N THR B 658 -23.94 37.54 7.00
CA THR B 658 -23.37 36.84 8.14
C THR B 658 -24.42 35.89 8.73
N TYR B 659 -23.99 34.68 9.08
CA TYR B 659 -24.86 33.69 9.74
C TYR B 659 -24.19 33.18 11.01
N HIS B 660 -24.96 32.50 11.86
CA HIS B 660 -24.42 31.80 13.02
C HIS B 660 -24.74 30.34 12.88
N TRP B 661 -23.70 29.53 12.63
CA TRP B 661 -23.86 28.12 12.36
C TRP B 661 -23.27 27.27 13.47
N GLY B 662 -24.02 26.23 13.85
CA GLY B 662 -23.56 25.21 14.80
C GLY B 662 -23.48 23.87 14.09
N ARG B 663 -23.73 22.81 14.84
CA ARG B 663 -23.64 21.44 14.32
C ARG B 663 -24.71 21.07 13.28
N ALA B 664 -25.83 21.80 13.22
CA ALA B 664 -26.92 21.53 12.27
C ALA B 664 -27.54 22.83 11.77
N ASN B 665 -27.45 23.09 10.47
CA ASN B 665 -27.81 24.39 9.91
C ASN B 665 -28.68 24.23 8.68
N TYR B 666 -29.79 24.95 8.66
CA TYR B 666 -30.65 25.01 7.49
C TYR B 666 -29.99 25.90 6.43
N VAL B 667 -30.02 25.48 5.19
CA VAL B 667 -29.59 26.34 4.08
C VAL B 667 -30.64 26.29 3.00
N ARG B 668 -30.78 27.40 2.30
CA ARG B 668 -31.67 27.47 1.16
C ARG B 668 -30.89 28.10 0.04
N LEU B 669 -30.76 27.38 -1.07
CA LEU B 669 -29.94 27.83 -2.20
C LEU B 669 -30.75 27.81 -3.49
N GLU B 670 -30.84 28.98 -4.12
CA GLU B 670 -31.74 29.21 -5.24
C GLU B 670 -30.91 29.48 -6.50
N PRO B 671 -31.07 28.68 -7.57
CA PRO B 671 -30.32 28.95 -8.80
C PRO B 671 -30.64 30.33 -9.38
N GLY B 672 -29.60 31.06 -9.79
CA GLY B 672 -29.73 32.44 -10.29
C GLY B 672 -29.64 33.53 -9.22
N ARG B 673 -29.62 33.12 -7.95
CA ARG B 673 -29.42 34.02 -6.83
C ARG B 673 -28.25 33.58 -5.99
N THR B 674 -28.33 32.34 -5.48
CA THR B 674 -27.37 31.79 -4.54
C THR B 674 -26.96 30.37 -5.01
N PRO B 675 -25.96 30.26 -5.91
CA PRO B 675 -25.49 28.92 -6.28
C PRO B 675 -24.86 28.18 -5.09
N ALA B 676 -24.30 28.94 -4.16
CA ALA B 676 -23.54 28.38 -3.06
C ALA B 676 -23.35 29.41 -1.95
N HIS B 677 -22.96 28.94 -0.77
CA HIS B 677 -22.34 29.79 0.25
C HIS B 677 -20.85 29.48 0.24
N VAL B 678 -20.02 30.52 0.17
CA VAL B 678 -18.57 30.37 0.32
C VAL B 678 -18.20 31.19 1.55
N CYS B 679 -18.14 30.51 2.70
CA CYS B 679 -18.05 31.20 3.99
C CYS B 679 -16.66 31.14 4.63
N THR B 680 -16.24 32.25 5.24
CA THR B 680 -15.10 32.26 6.16
C THR B 680 -15.63 32.21 7.58
N VAL B 681 -14.93 31.49 8.46
CA VAL B 681 -15.23 31.52 9.90
C VAL B 681 -14.58 32.78 10.48
N LEU B 682 -15.33 33.59 11.22
CA LEU B 682 -14.82 34.89 11.68
C LEU B 682 -14.04 34.82 13.01
C1 GLC C . -10.47 1.06 22.74
C2 GLC C . -10.43 1.48 21.26
C3 GLC C . -9.59 0.51 20.45
C4 GLC C . -8.20 0.36 21.07
C5 GLC C . -8.34 -0.07 22.53
C6 GLC C . -7.02 -0.19 23.25
O1 GLC C . -11.22 -0.12 22.88
O2 GLC C . -11.75 1.56 20.73
O3 GLC C . -9.47 0.97 19.10
O4 GLC C . -7.47 -0.64 20.35
O5 GLC C . -9.14 0.89 23.25
O6 GLC C . -6.26 1.01 23.18
C1 GLC C . -6.20 -0.21 19.79
C2 GLC C . -6.18 -0.53 18.31
C3 GLC C . -6.16 -2.04 18.10
C4 GLC C . -5.01 -2.68 18.86
C5 GLC C . -4.98 -2.25 20.32
C6 GLC C . -3.69 -2.66 21.00
O2 GLC C . -7.32 0.04 17.67
O3 GLC C . -6.03 -2.36 16.71
O4 GLC C . -5.19 -4.09 18.81
O5 GLC C . -5.07 -0.81 20.44
O6 GLC C . -3.59 -2.18 22.34
C1 GLC C . -4.24 -4.84 18.06
C2 GLC C . -4.97 -5.86 17.18
C3 GLC C . -5.69 -6.87 18.07
C4 GLC C . -4.72 -7.54 19.03
C5 GLC C . -3.93 -6.48 19.82
C6 GLC C . -2.81 -7.05 20.63
O2 GLC C . -5.90 -5.17 16.35
O3 GLC C . -6.33 -7.86 17.25
O4 GLC C . -5.45 -8.33 19.95
O5 GLC C . -3.32 -5.53 18.92
O6 GLC C . -2.34 -6.12 21.58
C1 GLC C . -5.42 -9.75 19.73
C2 GLC C . -6.74 -10.39 20.17
C3 GLC C . -6.89 -10.27 21.69
C4 GLC C . -5.69 -10.87 22.41
C5 GLC C . -4.40 -10.27 21.86
C6 GLC C . -3.15 -10.94 22.39
O2 GLC C . -7.82 -9.78 19.50
O3 GLC C . -8.07 -10.92 22.12
O4 GLC C . -5.76 -10.56 23.80
O5 GLC C . -4.35 -10.38 20.42
O6 GLC C . -1.98 -10.35 21.83
C1 GLC C . -5.69 -11.65 24.73
C2 GLC C . -6.92 -11.53 25.64
C3 GLC C . -6.79 -10.32 26.56
C4 GLC C . -5.45 -10.31 27.29
C5 GLC C . -4.31 -10.48 26.30
C6 GLC C . -2.95 -10.60 26.97
O2 GLC C . -8.09 -11.41 24.84
O3 GLC C . -7.86 -10.33 27.51
O4 GLC C . -5.29 -9.09 27.99
O5 GLC C . -4.50 -11.66 25.52
O6 GLC C . -2.86 -11.78 27.78
C1 GLC D . -36.75 -12.18 4.78
C2 GLC D . -35.95 -12.69 3.57
C3 GLC D . -36.49 -14.03 3.07
C4 GLC D . -36.59 -15.05 4.22
C5 GLC D . -37.39 -14.44 5.36
C6 GLC D . -37.50 -15.31 6.60
O1 GLC D . -38.03 -11.79 4.38
O2 GLC D . -35.99 -11.74 2.51
O3 GLC D . -35.67 -14.50 2.03
O4 GLC D . -37.20 -16.25 3.75
O5 GLC D . -36.80 -13.20 5.79
O6 GLC D . -36.25 -15.87 6.95
C1 GLC D . -36.28 -17.30 3.33
C2 GLC D . -36.97 -18.35 2.45
C3 GLC D . -37.99 -19.15 3.27
C4 GLC D . -37.33 -19.74 4.52
C5 GLC D . -36.57 -18.67 5.30
C6 GLC D . -35.74 -19.19 6.46
O2 GLC D . -37.60 -17.73 1.33
O3 GLC D . -38.56 -20.18 2.48
O4 GLC D . -38.38 -20.28 5.33
O5 GLC D . -35.66 -17.96 4.43
O6 GLC D . -34.86 -20.23 6.04
C1 GLC D . -33.74 -20.49 6.92
C2 GLC D . -32.99 -21.69 6.36
C3 GLC D . -33.85 -22.94 6.46
C4 GLC D . -34.29 -23.16 7.90
C5 GLC D . -34.98 -21.90 8.43
C6 GLC D . -35.39 -21.98 9.89
O2 GLC D . -32.63 -21.46 5.00
O3 GLC D . -33.14 -24.07 5.96
O4 GLC D . -35.08 -24.35 8.03
O5 GLC D . -34.12 -20.77 8.28
O6 GLC D . -34.26 -22.03 10.75
C1 GLC D . -36.43 -24.44 7.47
C2 GLC D . -37.18 -25.67 8.02
C3 GLC D . -36.73 -26.95 7.35
C4 GLC D . -36.79 -26.82 5.83
C5 GLC D . -35.97 -25.60 5.41
C6 GLC D . -35.93 -25.35 3.91
O2 GLC D . -37.00 -25.78 9.43
O3 GLC D . -37.52 -28.04 7.78
O4 GLC D . -36.23 -27.98 5.23
O5 GLC D . -36.51 -24.42 6.04
O6 GLC D . -37.03 -24.58 3.44
C1 GLC D . -37.02 -28.67 4.28
C2 GLC D . -37.45 -30.00 4.88
C3 GLC D . -36.25 -30.89 5.12
C4 GLC D . -35.47 -31.08 3.82
C5 GLC D . -35.11 -29.72 3.23
C6 GLC D . -34.45 -29.81 1.86
O2 GLC D . -38.14 -29.78 6.11
O3 GLC D . -36.68 -32.15 5.64
O4 GLC D . -34.28 -31.81 4.10
O5 GLC D . -36.28 -28.91 3.07
O6 GLC D . -34.93 -30.88 1.07
C1 GLC D . -34.19 -33.16 3.60
C2 GLC D . -33.95 -34.10 4.77
C3 GLC D . -32.55 -33.89 5.34
C4 GLC D . -31.46 -33.91 4.27
C5 GLC D . -31.84 -33.07 3.05
C6 GLC D . -30.95 -33.35 1.86
O2 GLC D . -34.92 -33.84 5.77
O3 GLC D . -32.26 -34.91 6.30
O4 GLC D . -30.26 -33.37 4.83
O5 GLC D . -33.19 -33.35 2.61
O6 GLC D . -30.80 -32.19 1.05
C1 GLC D . -29.05 -34.18 4.76
C2 GLC D . -28.49 -34.35 6.17
C3 GLC D . -27.98 -33.02 6.69
C4 GLC D . -26.99 -32.40 5.72
C5 GLC D . -27.59 -32.31 4.32
C6 GLC D . -26.60 -31.86 3.28
O2 GLC D . -29.48 -34.88 7.03
O3 GLC D . -27.38 -33.18 7.97
O4 GLC D . -26.60 -31.10 6.17
O5 GLC D . -28.06 -33.61 3.90
O6 GLC D . -27.24 -31.62 2.02
C1 GLC D . -38.18 -21.59 5.88
C2 GLC D . -39.28 -22.57 5.43
C3 GLC D . -40.61 -22.20 6.07
C4 GLC D . -40.50 -22.12 7.58
C5 GLC D . -39.36 -21.18 7.98
C6 GLC D . -39.06 -21.18 9.46
O2 GLC D . -39.37 -22.58 4.01
O3 GLC D . -41.58 -23.18 5.69
O4 GLC D . -41.69 -21.57 8.19
O5 GLC D . -38.14 -21.57 7.31
O6 GLC D . -38.58 -19.92 9.89
C1 GLC D . -42.81 -22.44 8.53
C2 GLC D . -43.78 -21.61 9.38
C3 GLC D . -43.30 -21.56 10.82
C4 GLC D . -43.20 -22.98 11.36
C5 GLC D . -42.21 -23.78 10.53
C6 GLC D . -42.16 -25.24 10.93
O2 GLC D . -43.91 -20.29 8.85
O3 GLC D . -44.20 -20.78 11.62
O4 GLC D . -42.79 -22.96 12.73
O5 GLC D . -42.57 -23.73 9.13
O6 GLC D . -41.47 -26.04 9.97
C1 GLC E . -17.57 -2.12 -18.05
C2 GLC E . -17.00 -2.43 -16.65
C3 GLC E . -16.05 -1.32 -16.21
C4 GLC E . -14.97 -1.10 -17.26
C5 GLC E . -15.62 -0.81 -18.61
C6 GLC E . -14.64 -0.65 -19.75
O1 GLC E . -18.44 -1.03 -17.97
O2 GLC E . -18.06 -2.57 -15.71
O3 GLC E . -15.47 -1.63 -14.95
O4 GLC E . -14.12 -0.02 -16.89
O5 GLC E . -16.51 -1.88 -18.98
O6 GLC E . -13.76 -1.75 -19.88
C1 GLC E . -12.71 -0.34 -16.83
C2 GLC E . -12.16 -0.02 -15.44
C3 GLC E . -12.21 1.49 -15.22
C4 GLC E . -11.45 2.22 -16.32
C5 GLC E . -11.90 1.77 -17.71
C6 GLC E . -10.98 2.26 -18.80
O2 GLC E . -12.91 -0.69 -14.44
O3 GLC E . -11.65 1.82 -13.95
O4 GLC E . -11.70 3.62 -16.18
O5 GLC E . -11.94 0.35 -17.82
O6 GLC E . -11.59 2.25 -20.08
C1 GLC E . -10.59 4.45 -15.76
C2 GLC E . -11.10 5.42 -14.69
C3 GLC E . -12.12 6.38 -15.31
C4 GLC E . -11.55 7.08 -16.53
C5 GLC E . -10.98 6.06 -17.52
C6 GLC E . -10.23 6.67 -18.68
O2 GLC E . -11.66 4.71 -13.60
O3 GLC E . -12.53 7.34 -14.34
O4 GLC E . -12.57 7.83 -17.17
O5 GLC E . -10.05 5.17 -16.86
O6 GLC E . -10.07 5.75 -19.73
C1 GLC E . -12.53 9.25 -16.99
C2 GLC E . -13.94 9.83 -16.95
C3 GLC E . -14.60 9.67 -18.30
C4 GLC E . -13.75 10.32 -19.40
C5 GLC E . -12.33 9.76 -19.34
C6 GLC E . -11.38 10.47 -20.29
O2 GLC E . -14.70 9.18 -15.94
O3 GLC E . -15.90 10.26 -18.30
O4 GLC E . -14.31 9.98 -20.66
O5 GLC E . -11.78 9.90 -18.02
O6 GLC E . -10.03 10.06 -20.06
C1 GLC E . -14.57 11.06 -21.59
C2 GLC E . -15.99 10.85 -22.12
C3 GLC E . -16.06 9.63 -23.05
C4 GLC E . -15.00 9.73 -24.15
C5 GLC E . -13.62 9.92 -23.51
C6 GLC E . -12.50 10.08 -24.51
O2 GLC E . -16.87 10.66 -21.02
O3 GLC E . -17.36 9.54 -23.61
O4 GLC E . -15.01 8.55 -24.94
O5 GLC E . -13.63 11.10 -22.68
O6 GLC E . -12.33 11.41 -24.95
C1 GLC F . -36.18 13.00 6.57
C2 GLC F . -36.60 13.40 7.99
C3 GLC F . -37.75 14.39 7.95
C4 GLC F . -37.42 15.58 7.06
C5 GLC F . -36.99 15.09 5.68
C6 GLC F . -36.54 16.21 4.75
O1 GLC F . -37.18 12.24 5.97
O2 GLC F . -36.97 12.24 8.75
O3 GLC F . -38.05 14.83 9.28
O4 GLC F . -38.55 16.43 6.91
O5 GLC F . -35.90 14.17 5.79
O6 GLC F . -35.94 17.31 5.43
C1 GLC F . -35.25 18.18 4.49
C2 GLC F . -34.51 19.36 5.14
C3 GLC F . -35.46 20.48 5.53
C4 GLC F . -36.34 20.87 4.35
C5 GLC F . -37.09 19.62 3.87
C6 GLC F . -38.02 19.88 2.70
O2 GLC F . -33.78 18.93 6.28
O3 GLC F . -34.71 21.61 5.97
O4 GLC F . -37.21 21.96 4.67
O5 GLC F . -36.12 18.64 3.45
O6 GLC F . -37.53 19.34 1.49
C1 GLC F . -38.26 21.81 5.65
C2 GLC F . -39.33 22.87 5.38
C3 GLC F . -38.79 24.26 5.71
C4 GLC F . -38.27 24.31 7.15
C5 GLC F . -37.25 23.19 7.36
C6 GLC F . -36.78 23.07 8.80
O2 GLC F . -39.73 22.81 4.02
O3 GLC F . -39.80 25.24 5.52
O4 GLC F . -37.64 25.56 7.38
O5 GLC F . -37.82 21.91 7.01
O6 GLC F . -35.39 23.33 8.93
C1 GLC F . -38.05 26.31 8.54
C2 GLC F . -38.65 27.64 8.10
C3 GLC F . -37.57 28.58 7.58
C4 GLC F . -36.45 28.73 8.60
C5 GLC F . -35.92 27.35 8.97
C6 GLC F . -34.84 27.35 10.04
O2 GLC F . -39.61 27.44 7.08
O3 GLC F . -38.16 29.84 7.29
O4 GLC F . -35.40 29.52 8.03
O5 GLC F . -36.99 26.53 9.47
O6 GLC F . -34.86 28.51 10.87
C1 GLC F . -35.29 30.92 8.43
C2 GLC F . -35.56 31.85 7.27
C3 GLC F . -34.49 31.70 6.20
C4 GLC F . -33.09 31.88 6.79
C5 GLC F . -32.90 31.10 8.08
C6 GLC F . -31.68 31.54 8.85
O2 GLC F . -36.85 31.59 6.72
O3 GLC F . -34.71 32.66 5.17
O4 GLC F . -32.12 31.42 5.83
O5 GLC F . -34.02 31.25 8.98
O6 GLC F . -31.10 30.47 9.58
C1 GLC F . -31.04 32.31 5.47
C2 GLC F . -31.02 32.51 3.96
C3 GLC F . -30.68 31.20 3.27
C4 GLC F . -29.35 30.67 3.79
C5 GLC F . -29.37 30.57 5.32
C6 GLC F . -28.01 30.23 5.90
O2 GLC F . -32.28 32.98 3.50
O3 GLC F . -30.62 31.39 1.86
O4 GLC F . -29.10 29.38 3.23
O5 GLC F . -29.77 31.83 5.91
O6 GLC F . -28.11 29.58 7.15
C2 BGC G . 5.21 -19.64 27.43
C3 BGC G . 4.62 -19.37 28.81
C4 BGC G . 5.74 -18.86 29.72
C5 BGC G . 6.33 -17.58 29.13
C6 BGC G . 7.45 -16.99 29.95
C1 BGC G . 5.92 -18.39 26.88
O1 BGC G . 6.60 -18.71 25.71
O2 BGC G . 4.21 -20.07 26.52
O3 BGC G . 4.06 -20.57 29.33
O4 BGC G . 5.25 -18.62 31.04
O5 BGC G . 6.88 -17.90 27.84
O6 BGC G . 8.48 -17.94 30.21
C1 GLC G . 5.45 -19.66 31.98
C2 GLC G . 4.42 -19.52 33.10
C3 GLC G . 4.79 -18.41 34.07
C4 GLC G . 6.24 -18.55 34.53
C5 GLC G . 7.14 -18.56 33.30
C6 GLC G . 8.61 -18.71 33.61
O2 GLC G . 3.13 -19.27 32.55
O3 GLC G . 3.89 -18.37 35.19
O4 GLC G . 6.58 -17.46 35.39
O5 GLC G . 6.78 -19.67 32.46
O6 GLC G . 8.93 -19.94 34.24
C2 BGC H . -5.72 19.64 -27.68
C3 BGC H . -6.72 19.36 -28.80
C4 BGC H . -5.95 18.91 -30.04
C5 BGC H . -5.12 17.67 -29.71
C6 BGC H . -4.29 17.16 -30.87
C1 BGC H . -4.83 18.43 -27.43
O1 BGC H . -3.84 18.78 -26.52
O2 BGC H . -6.39 20.00 -26.47
O3 BGC H . -7.46 20.54 -29.07
O4 BGC H . -6.87 18.62 -31.10
O5 BGC H . -4.21 18.01 -28.66
O6 BGC H . -3.49 18.17 -31.46
C1 GLC H . -7.07 19.68 -32.02
C2 GLC H . -8.41 19.49 -32.72
C3 GLC H . -8.32 18.38 -33.76
C4 GLC H . -7.14 18.61 -34.70
C5 GLC H . -5.87 18.69 -33.87
C6 GLC H . -4.61 18.94 -34.68
O2 GLC H . -9.42 19.16 -31.77
O3 GLC H . -9.54 18.28 -34.50
O4 GLC H . -7.06 17.56 -35.64
O5 GLC H . -5.97 19.78 -32.93
O6 GLC H . -4.61 20.19 -35.35
C1 EDO I . 11.24 -12.87 29.25
O1 EDO I . 12.05 -12.76 28.09
C2 EDO I . 9.86 -13.36 28.83
O2 EDO I . 9.26 -12.40 27.97
C1 EDO J . -1.72 -13.93 25.81
O1 EDO J . -2.50 -14.49 26.86
C2 EDO J . -0.97 -15.05 25.10
O2 EDO J . -0.20 -15.81 26.05
C1 CIT K . 13.12 -20.81 -41.88
O1 CIT K . 13.40 -19.53 -41.94
O2 CIT K . 13.53 -21.54 -41.01
C2 CIT K . 12.21 -21.30 -42.99
C3 CIT K . 12.85 -22.17 -44.08
O7 CIT K . 14.00 -21.49 -44.59
C4 CIT K . 13.30 -23.51 -43.48
C5 CIT K . 14.37 -24.23 -44.25
O3 CIT K . 14.35 -24.38 -45.47
O4 CIT K . 15.33 -24.69 -43.48
C6 CIT K . 11.85 -22.34 -45.23
O5 CIT K . 11.92 -21.71 -46.27
O6 CIT K . 10.88 -23.16 -44.95
C1 EDO L . -1.63 13.10 -30.84
O1 EDO L . -1.62 12.51 -29.53
C2 EDO L . -0.30 12.89 -31.56
O2 EDO L . 0.76 13.37 -30.74
C1 EDO M . -10.66 15.50 -23.69
O1 EDO M . -9.82 15.76 -24.82
C2 EDO M . -11.11 14.05 -23.73
O2 EDO M . -12.31 14.00 -24.51
#